data_6SZU
#
_entry.id   6SZU
#
_cell.length_a   1.00
_cell.length_b   1.00
_cell.length_c   1.00
_cell.angle_alpha   90.00
_cell.angle_beta   90.00
_cell.angle_gamma   90.00
#
_symmetry.space_group_name_H-M   'P 1'
#
loop_
_entity.id
_entity.type
_entity.pdbx_description
1 polymer 'Polymerase acidic protein'
2 polymer 'RNA-directed RNA polymerase catalytic subunit'
3 polymer 'Polymerase basic protein 2'
4 polymer vRNA
5 polymer mRNA
6 non-polymer '5-oxidanyl-4-oxidanylidene-1-[(1-pyrrolo[2,3-b]pyridin-1-ylcyclopentyl)methyl]pyridine-3-carboxylic acid'
7 non-polymer 'MAGNESIUM ION'
8 non-polymer 'PYROPHOSPHATE 2-'
9 water water
#
loop_
_entity_poly.entity_id
_entity_poly.type
_entity_poly.pdbx_seq_one_letter_code
_entity_poly.pdbx_strand_id
1 'polypeptide(L)'
;GSHHHHHHHHGSGSMENFVRTNFNPMILERAEKTMKEYGENPQNEGNKFAAISTHMEVCFMYSDFHFIDLEGNTIVKEND
DDNAMLKHRFEIIEGQERNIAWTIVNSICNMTENSKPRFLPDLYDYKTNKFIEIGVTRRKVEDYYYEKASKLKGENVYIH
IFSFDGEEMATDDEYILDEESRARIKTRLFVLRQELATAGLWDSFRQSEKGEETLEEEFSYPPTFQRLANQSLPPSFKDY
HQFKAYVSSFKANGNIEAKLGAMSEKVNAQIESFDPRTIRELELPEGKFCTQRSKFLLMDAMKLSVLNPAHEGEGIPMKD
AKACLDTFWGWKKATIIKKHEKGVNTNYLMIWEQLLESIKEMEGKFLNLKKTNHLKWGLGEGQAPEKMDFEDCKEVPDLF
QYKSEPPEKRKLASWIQSEFNKASELTNSNWIEFDELGNDVAPIEHIASRRRNFFTAEVSQCRASEYIMKAVYINTALLN
SSCTAMEEYQVIPIITKCRDTSGQRRTNLYGFIIKGRSHLRNDTDVVNFISLEFSLTDPRNEIHKWEKYCVLEIGDMEIR
TSISTIMKPVYLYVRTNGTSKIKMKWGMEMRRCLLQSLQQVESMIEAESAVKEKDMTEPFFRNRENDWPIGESPQGIEKG
TIGKVCRVLLAKSVFNSIYASAQLEGFSAESRKLLLLIQAFRDNLDPGTFDLKGLYEAIEECIINDPWVLLNASWFNSFL
KAVQLSMGSGSGENLYFQ
;
A
2 'polypeptide(L)'
;GSGSGSGSGMDVNPMLIFLKVPVQNAISTTFPYTGDPPYSHGTGTGYTMDTVIRTHDYSSRGIWKTNSETGAQQLNPIDG
PLPEDNEPSGYAQTDCVLELIEGLDRSHPGLFETACQETIDAIQQTRVDKLTQGRQTYDWTLNRNQPAATALANTIEVFR
KNGYKLNESGRLIDFLKDVLLSFENDSMEVTTHFQKKKRIRDNHSKKMITQRTIGKKRVKLTKKNYLIRALTLNTMTKDA
ERGKLKRRAIATPGMQIRGFVYFVELLARNICERLEQSGLPVGGNEKKAKLANVIKKMMAKSTDEELSYTITGDNTKWNE
NQNPRIFLAMVLRITAGQPEWFRDLLAVAPIMFSNKVARLGRGYMFESKSMHLRTQISAENLSDINLRYFNEDTKKKIEK
IRHLMVEGTASLSPGMMMGMFNMLSTVLGVSVLNLGQREILKRTYWWDGLQSSDDFALIINGHFKEDIQQGVNHFYRTCK
LVGINMSQKKSYINKTGTFEFTSFFYRYGFVANFSMELPSFGVAGNNESADMSIGTTVIKTNMINNDLGPATAQMAIQLF
IKDYRYTYRCHRGDTNLETRRTKSIKRLWTETISKAGLLVADGGPNPYNLRNLHIPEVCLKWSLMDPDYRGRLCNPNNPF
VHHMEVESTNLAVVMPAHGPAKSLEYDAVATTHSWTPKRNRSILNTNQRGILEDERIYQKCCQVFEKFFPSSTYRRPIGM
ASMLDAMLSRARIDARIDLESGRISSQDFSEITNTCKAIEALKRQGSGSGENLYFQ
;
B
3 'polypeptide(L)'
;GSGSGSGSGMERIKELMEMVKNSRMREILTTTSVDHMAVIKKYTSGRQEKNPALRMKWMMAMKYPISASSRIREMIPEKD
EDGNTLWTNTKDAGSNRVLVSPNAVTWWNRAGPVSDVVHYPRVYKMYFDRLERLTHGTFGPVKFYNQVKVRKRVDINPGH
KDLTSREAQEVIMEVVFPNEVGARTLSSDAQLTITKEKKEELKNCKISPIMVAYMLERELVRRTRFLPIAGATSSTYVEV
LHLTQGTCWEQQYTPGGEAENDDLDQTLIIASRNIVRRSIVAIDPLASLLSMCHTTSISSEPLVEILRSNPTDEQAVNIC
KAALGIRINNSFSFGGYNFKRVKGSSQRTEKAVLTGNLQTLTMTIFEGYEEFNVSGKRASAVLKKGAQRLIQAIIGGRTL
EDILNLMITLMVFSQEEKMLKAVRGDLNFVNRANQRLNPMYQLLRHFQKDSSTLLKNWGTEEIDPIMGIAGIMPDGTINK
TQTLMGVRLSQGGVDEYSFNERIRVNIDKYLRVRNEKGELLISPEEVSEAQGQEKLPINYNSSLMWEVNGPESILTNTYH
WIIKNWELLKTQWMTDPTVLYNRIEFEPFQTLIPKGNRAIYSGFTRTLFQQMRDVEGTFDSIQIIKLLPFSAHPPSLGRT
QFSSFTLNIRGAPLRLLIRGNSQVFNYNQMENVIIVLGKSVGSPERSILTESSSIESAVLRGFLILGKANSKYGPVLTIG
ELDKLGRGEKANVLIGQGDTVLVMKRKRDSSILTDSQTALKRIRLEESKGWSHPQFEKGGGSGGGSGGSAWSHPQFEKGR
SGGENLYFQ
;
C
4 'polyribonucleotide' AGUAGUAACAAGAGCAAUGUGUCCGUCUCGCCUCUGCUUCUGCU V
5 'polyribonucleotide' GACGGACACA M
#
# COMPACT_ATOMS: atom_id res chain seq x y z
N MET A 15 42.13 -32.35 -15.76
CA MET A 15 42.39 -31.40 -14.68
C MET A 15 41.82 -30.02 -15.02
N GLU A 16 42.69 -29.01 -15.00
CA GLU A 16 42.28 -27.67 -15.37
C GLU A 16 43.40 -26.94 -16.10
N ASN A 17 44.64 -27.09 -15.64
CA ASN A 17 45.76 -26.47 -16.34
C ASN A 17 46.08 -27.22 -17.63
N PHE A 18 45.75 -28.52 -17.68
CA PHE A 18 45.74 -29.26 -18.93
C PHE A 18 44.78 -28.63 -19.93
N VAL A 19 43.59 -28.27 -19.46
CA VAL A 19 42.58 -27.66 -20.32
C VAL A 19 42.98 -26.23 -20.68
N ARG A 20 43.58 -25.50 -19.74
CA ARG A 20 44.01 -24.14 -20.00
C ARG A 20 45.21 -24.08 -20.93
N THR A 21 45.98 -25.16 -21.01
CA THR A 21 47.12 -25.19 -21.91
C THR A 21 46.77 -25.75 -23.29
N ASN A 22 45.83 -26.69 -23.35
CA ASN A 22 45.52 -27.33 -24.63
C ASN A 22 44.41 -26.64 -25.41
N PHE A 23 43.69 -25.70 -24.83
CA PHE A 23 42.56 -25.07 -25.51
C PHE A 23 42.77 -23.58 -25.67
N ASN A 24 41.90 -22.99 -26.49
CA ASN A 24 41.95 -21.60 -26.88
C ASN A 24 41.49 -20.71 -25.72
N PRO A 25 41.67 -19.39 -25.84
CA PRO A 25 41.01 -18.50 -24.86
C PRO A 25 39.49 -18.48 -24.98
N MET A 26 38.94 -18.40 -26.20
CA MET A 26 37.49 -18.23 -26.38
C MET A 26 36.73 -19.48 -25.95
N ILE A 27 37.26 -20.65 -26.28
CA ILE A 27 36.64 -21.92 -25.92
C ILE A 27 36.64 -22.09 -24.41
N LEU A 28 37.77 -21.76 -23.77
CA LEU A 28 37.89 -21.87 -22.32
C LEU A 28 36.98 -20.88 -21.61
N GLU A 29 36.82 -19.69 -22.19
CA GLU A 29 35.95 -18.69 -21.59
C GLU A 29 34.49 -19.10 -21.65
N ARG A 30 34.05 -19.62 -22.81
CA ARG A 30 32.68 -20.11 -22.93
C ARG A 30 32.44 -21.35 -22.06
N ALA A 31 33.46 -22.19 -21.90
CA ALA A 31 33.32 -23.37 -21.03
C ALA A 31 33.19 -22.98 -19.57
N GLU A 32 34.02 -22.04 -19.11
CA GLU A 32 33.94 -21.55 -17.75
C GLU A 32 32.62 -20.82 -17.50
N LYS A 33 32.11 -20.11 -18.52
CA LYS A 33 30.83 -19.44 -18.38
C LYS A 33 29.69 -20.43 -18.28
N THR A 34 29.76 -21.53 -19.04
CA THR A 34 28.75 -22.59 -18.95
C THR A 34 28.76 -23.25 -17.58
N MET A 35 29.95 -23.53 -17.05
CA MET A 35 30.06 -24.13 -15.72
C MET A 35 29.60 -23.18 -14.62
N LYS A 36 29.90 -21.89 -14.75
CA LYS A 36 29.39 -20.90 -13.82
C LYS A 36 27.88 -20.77 -13.90
N GLU A 37 27.31 -20.94 -15.10
CA GLU A 37 25.85 -20.89 -15.25
C GLU A 37 25.19 -22.09 -14.59
N TYR A 38 25.79 -23.28 -14.71
CA TYR A 38 25.19 -24.42 -14.05
C TYR A 38 25.49 -24.47 -12.56
N GLY A 39 26.53 -23.78 -12.11
CA GLY A 39 26.76 -23.61 -10.69
C GLY A 39 27.88 -24.45 -10.13
N GLU A 40 28.94 -24.62 -10.91
CA GLU A 40 30.15 -25.34 -10.50
C GLU A 40 31.37 -24.54 -10.95
N ASN A 41 32.54 -25.12 -10.69
CA ASN A 41 33.82 -24.48 -10.93
C ASN A 41 34.69 -25.41 -11.77
N PRO A 42 35.79 -24.90 -12.36
CA PRO A 42 36.76 -25.80 -13.00
C PRO A 42 37.70 -26.53 -12.04
N GLN A 43 37.26 -26.83 -10.83
CA GLN A 43 38.06 -27.59 -9.87
C GLN A 43 37.28 -28.78 -9.33
N ASN A 44 36.03 -28.54 -8.90
CA ASN A 44 35.20 -29.62 -8.36
C ASN A 44 34.81 -30.62 -9.44
N GLU A 45 34.62 -30.16 -10.67
CA GLU A 45 34.49 -31.05 -11.83
C GLU A 45 35.51 -30.55 -12.86
N GLY A 46 36.71 -31.11 -12.83
CA GLY A 46 37.78 -30.68 -13.73
C GLY A 46 37.79 -31.48 -15.01
N ASN A 47 37.59 -32.79 -14.89
CA ASN A 47 37.39 -33.62 -16.07
C ASN A 47 36.14 -33.19 -16.83
N LYS A 48 35.09 -32.77 -16.12
CA LYS A 48 33.92 -32.27 -16.83
C LYS A 48 34.18 -30.91 -17.45
N PHE A 49 35.08 -30.12 -16.88
CA PHE A 49 35.49 -28.87 -17.53
C PHE A 49 36.23 -29.16 -18.82
N ALA A 50 37.10 -30.18 -18.82
CA ALA A 50 37.75 -30.63 -20.04
C ALA A 50 36.74 -31.14 -21.07
N ALA A 51 35.73 -31.87 -20.61
CA ALA A 51 34.72 -32.40 -21.53
C ALA A 51 33.86 -31.27 -22.12
N ILE A 52 33.54 -30.26 -21.31
CA ILE A 52 32.77 -29.11 -21.80
C ILE A 52 33.60 -28.31 -22.79
N SER A 53 34.90 -28.14 -22.54
CA SER A 53 35.76 -27.45 -23.50
C SER A 53 35.95 -28.25 -24.77
N THR A 54 35.97 -29.58 -24.68
CA THR A 54 36.03 -30.43 -25.85
C THR A 54 34.76 -30.33 -26.68
N HIS A 55 33.60 -30.36 -26.03
CA HIS A 55 32.32 -30.22 -26.70
C HIS A 55 32.19 -28.86 -27.37
N MET A 56 32.67 -27.81 -26.70
CA MET A 56 32.67 -26.48 -27.28
C MET A 56 33.60 -26.37 -28.47
N GLU A 57 34.77 -27.03 -28.40
CA GLU A 57 35.71 -27.03 -29.51
C GLU A 57 35.14 -27.75 -30.72
N VAL A 58 34.47 -28.88 -30.50
CA VAL A 58 33.86 -29.62 -31.61
C VAL A 58 32.69 -28.84 -32.21
N CYS A 59 31.89 -28.18 -31.37
CA CYS A 59 30.80 -27.33 -31.86
C CYS A 59 31.32 -26.15 -32.66
N PHE A 60 32.47 -25.60 -32.31
CA PHE A 60 33.04 -24.52 -33.10
C PHE A 60 33.69 -25.03 -34.38
N MET A 61 34.30 -26.21 -34.34
CA MET A 61 34.91 -26.78 -35.54
C MET A 61 33.90 -27.36 -36.50
N TYR A 62 32.66 -27.53 -36.07
CA TYR A 62 31.59 -27.87 -37.00
C TYR A 62 31.16 -26.66 -37.82
N SER A 63 31.39 -25.45 -37.31
CA SER A 63 30.76 -24.24 -37.83
C SER A 63 31.75 -23.22 -38.37
N ASP A 64 33.06 -23.43 -38.23
CA ASP A 64 34.05 -22.48 -38.71
C ASP A 64 34.18 -22.61 -40.23
N PHE A 65 34.29 -21.44 -40.89
CA PHE A 65 34.56 -21.30 -42.33
C PHE A 65 33.46 -21.88 -43.21
N HIS A 66 32.27 -22.05 -42.67
CA HIS A 66 31.14 -22.60 -43.43
C HIS A 66 30.15 -21.47 -43.68
N PHE A 67 30.12 -20.98 -44.92
CA PHE A 67 29.30 -19.82 -45.26
C PHE A 67 28.26 -20.21 -46.30
N ILE A 68 27.28 -19.33 -46.49
CA ILE A 68 26.27 -19.46 -47.53
C ILE A 68 26.32 -18.20 -48.37
N ASP A 69 26.30 -18.36 -49.70
CA ASP A 69 26.54 -17.24 -50.60
C ASP A 69 25.34 -16.31 -50.75
N LEU A 70 25.36 -15.48 -51.79
CA LEU A 70 24.24 -14.64 -52.16
C LEU A 70 23.26 -15.36 -53.07
N GLU A 71 23.49 -16.64 -53.36
CA GLU A 71 22.65 -17.44 -54.24
C GLU A 71 21.87 -18.51 -53.50
N GLY A 72 22.52 -19.29 -52.64
CA GLY A 72 21.83 -20.29 -51.85
C GLY A 72 22.62 -21.57 -51.64
N ASN A 73 23.91 -21.56 -51.97
CA ASN A 73 24.74 -22.75 -51.85
C ASN A 73 25.95 -22.46 -50.99
N THR A 74 26.49 -23.51 -50.37
CA THR A 74 27.50 -23.35 -49.34
C THR A 74 28.89 -23.14 -49.93
N ILE A 75 29.66 -22.29 -49.27
CA ILE A 75 31.08 -22.07 -49.56
C ILE A 75 31.86 -22.43 -48.31
N VAL A 76 32.72 -23.44 -48.40
CA VAL A 76 33.52 -23.87 -47.26
C VAL A 76 34.84 -23.09 -47.37
N LYS A 77 34.84 -21.87 -46.84
CA LYS A 77 35.98 -20.97 -46.96
C LYS A 77 37.12 -21.31 -46.01
N GLU A 78 37.90 -20.30 -45.63
CA GLU A 78 39.08 -20.50 -44.77
C GLU A 78 39.50 -19.21 -44.11
N ASN A 79 38.77 -18.12 -44.35
CA ASN A 79 39.10 -16.84 -43.71
C ASN A 79 38.34 -16.66 -42.41
N MET A 85 31.49 -10.39 -46.92
CA MET A 85 30.05 -10.21 -46.78
C MET A 85 29.32 -11.53 -47.09
N LEU A 86 29.59 -12.54 -46.27
CA LEU A 86 28.90 -13.81 -46.33
C LEU A 86 28.35 -14.14 -44.95
N LYS A 87 27.29 -14.94 -44.93
CA LYS A 87 26.63 -15.35 -43.70
C LYS A 87 26.98 -16.80 -43.42
N HIS A 88 27.14 -17.12 -42.14
CA HIS A 88 27.51 -18.47 -41.71
C HIS A 88 26.40 -19.46 -42.03
N ARG A 89 26.78 -20.74 -42.08
CA ARG A 89 25.83 -21.81 -42.32
C ARG A 89 25.17 -22.30 -41.04
N PHE A 90 25.77 -22.03 -39.89
CA PHE A 90 25.31 -22.60 -38.64
C PHE A 90 25.11 -21.52 -37.61
N GLU A 91 24.01 -21.65 -36.87
CA GLU A 91 23.80 -20.89 -35.66
C GLU A 91 24.28 -21.73 -34.48
N ILE A 92 25.15 -21.15 -33.66
CA ILE A 92 25.70 -21.86 -32.52
C ILE A 92 24.81 -21.56 -31.32
N ILE A 93 24.22 -22.61 -30.74
CA ILE A 93 23.26 -22.48 -29.67
C ILE A 93 23.95 -22.96 -28.40
N GLU A 94 24.89 -23.89 -28.56
CA GLU A 94 25.74 -24.31 -27.47
C GLU A 94 26.67 -23.16 -27.06
N GLY A 95 26.86 -22.99 -25.77
CA GLY A 95 27.70 -21.95 -25.23
C GLY A 95 26.98 -20.65 -24.93
N GLN A 96 25.82 -20.43 -25.53
CA GLN A 96 25.00 -19.30 -25.16
C GLN A 96 24.33 -19.57 -23.81
N GLU A 97 23.95 -18.49 -23.15
CA GLU A 97 23.14 -18.60 -21.95
C GLU A 97 21.77 -19.17 -22.31
N ARG A 98 21.13 -19.80 -21.32
CA ARG A 98 19.99 -20.68 -21.55
C ARG A 98 18.77 -19.92 -22.07
N ASN A 99 18.47 -18.76 -21.48
CA ASN A 99 17.35 -17.96 -21.96
C ASN A 99 17.66 -17.30 -23.30
N ILE A 100 18.92 -16.93 -23.52
CA ILE A 100 19.36 -16.40 -24.81
C ILE A 100 19.27 -17.48 -25.88
N ALA A 101 19.67 -18.70 -25.53
CA ALA A 101 19.57 -19.83 -26.45
C ALA A 101 18.11 -20.15 -26.80
N TRP A 102 17.22 -20.05 -25.81
CA TRP A 102 15.80 -20.28 -26.11
C TRP A 102 15.20 -19.15 -26.93
N THR A 103 15.71 -17.93 -26.77
CA THR A 103 15.31 -16.84 -27.66
C THR A 103 15.70 -17.12 -29.10
N ILE A 104 16.92 -17.62 -29.30
CA ILE A 104 17.40 -17.99 -30.64
C ILE A 104 16.54 -19.12 -31.23
N VAL A 105 16.28 -20.15 -30.42
CA VAL A 105 15.51 -21.31 -30.86
C VAL A 105 14.08 -20.93 -31.21
N ASN A 106 13.46 -20.04 -30.40
CA ASN A 106 12.10 -19.60 -30.70
C ASN A 106 12.04 -18.73 -31.94
N SER A 107 13.06 -17.86 -32.13
CA SER A 107 13.09 -17.03 -33.33
C SER A 107 13.26 -17.87 -34.59
N ILE A 108 14.10 -18.90 -34.53
CA ILE A 108 14.30 -19.78 -35.66
C ILE A 108 13.05 -20.61 -35.93
N CYS A 109 12.41 -21.13 -34.88
CA CYS A 109 11.19 -21.90 -35.05
C CYS A 109 10.00 -21.08 -35.52
N ASN A 110 10.00 -19.76 -35.26
CA ASN A 110 8.93 -18.91 -35.77
C ASN A 110 9.24 -18.29 -37.12
N MET A 111 10.50 -18.32 -37.57
CA MET A 111 10.79 -17.91 -38.94
C MET A 111 10.24 -18.92 -39.93
N THR A 112 10.49 -20.20 -39.67
CA THR A 112 9.81 -21.28 -40.35
C THR A 112 8.53 -21.58 -39.58
N GLU A 113 7.93 -22.74 -39.83
CA GLU A 113 6.78 -23.16 -39.03
C GLU A 113 7.05 -24.48 -38.33
N ASN A 114 8.32 -24.84 -38.16
CA ASN A 114 8.69 -26.12 -37.59
C ASN A 114 8.43 -26.13 -36.09
N SER A 115 8.29 -27.34 -35.55
CA SER A 115 8.05 -27.50 -34.13
C SER A 115 9.29 -27.16 -33.33
N LYS A 116 9.08 -26.75 -32.10
CA LYS A 116 10.18 -26.50 -31.19
C LYS A 116 10.80 -27.82 -30.75
N PRO A 117 12.11 -27.87 -30.57
CA PRO A 117 12.68 -29.01 -29.85
C PRO A 117 12.42 -28.87 -28.36
N ARG A 118 12.16 -30.00 -27.71
CA ARG A 118 11.89 -29.97 -26.28
C ARG A 118 13.15 -29.75 -25.45
N PHE A 119 14.32 -29.94 -26.04
CA PHE A 119 15.60 -29.66 -25.41
C PHE A 119 16.37 -28.67 -26.25
N LEU A 120 17.34 -28.01 -25.64
CA LEU A 120 18.21 -27.09 -26.37
C LEU A 120 19.21 -27.86 -27.19
N PRO A 121 19.26 -27.69 -28.50
CA PRO A 121 20.28 -28.36 -29.29
C PRO A 121 21.63 -27.68 -29.21
N ASP A 122 22.49 -27.95 -30.18
CA ASP A 122 23.80 -27.33 -30.27
C ASP A 122 23.95 -26.40 -31.45
N LEU A 123 23.31 -26.71 -32.56
CA LEU A 123 23.51 -25.98 -33.78
C LEU A 123 22.19 -25.89 -34.53
N TYR A 124 22.13 -24.94 -35.44
CA TYR A 124 21.07 -24.93 -36.43
C TYR A 124 21.70 -24.73 -37.79
N ASP A 125 21.35 -25.59 -38.75
CA ASP A 125 21.82 -25.46 -40.11
C ASP A 125 20.77 -24.75 -40.94
N TYR A 126 21.17 -23.62 -41.53
CA TYR A 126 20.28 -22.80 -42.34
C TYR A 126 20.07 -23.38 -43.73
N LYS A 127 21.05 -24.14 -44.24
CA LYS A 127 20.91 -24.76 -45.56
C LYS A 127 19.86 -25.86 -45.54
N THR A 128 20.04 -26.85 -44.64
CA THR A 128 19.07 -27.93 -44.54
C THR A 128 17.87 -27.57 -43.66
N ASN A 129 17.96 -26.44 -42.92
CA ASN A 129 16.95 -26.00 -41.96
C ASN A 129 16.70 -27.06 -40.88
N LYS A 130 17.78 -27.46 -40.21
CA LYS A 130 17.67 -28.57 -39.28
C LYS A 130 18.43 -28.29 -37.99
N PHE A 131 17.88 -28.72 -36.87
CA PHE A 131 18.51 -28.53 -35.58
C PHE A 131 19.45 -29.69 -35.31
N ILE A 132 20.72 -29.36 -35.09
CA ILE A 132 21.80 -30.33 -35.00
C ILE A 132 22.20 -30.47 -33.54
N GLU A 133 22.35 -31.71 -33.08
CA GLU A 133 22.83 -32.02 -31.74
C GLU A 133 24.15 -32.75 -31.84
N ILE A 134 25.18 -32.18 -31.22
CA ILE A 134 26.54 -32.72 -31.26
C ILE A 134 26.80 -33.47 -29.97
N GLY A 135 27.24 -34.73 -30.10
CA GLY A 135 27.64 -35.51 -28.95
C GLY A 135 29.09 -35.90 -29.03
N VAL A 136 29.73 -36.01 -27.87
CA VAL A 136 31.11 -36.47 -27.75
C VAL A 136 31.12 -37.56 -26.68
N THR A 137 31.69 -38.72 -27.02
CA THR A 137 31.63 -39.87 -26.13
C THR A 137 33.00 -40.49 -25.93
N ARG A 138 33.12 -41.23 -24.82
CA ARG A 138 34.28 -42.06 -24.56
C ARG A 138 33.97 -43.55 -24.56
N ARG A 139 32.69 -43.92 -24.58
CA ARG A 139 32.32 -45.31 -24.75
C ARG A 139 32.30 -45.67 -26.23
N LYS A 140 31.18 -46.19 -26.72
CA LYS A 140 31.03 -46.54 -28.12
C LYS A 140 30.11 -45.53 -28.80
N VAL A 141 30.45 -45.19 -30.05
CA VAL A 141 29.66 -44.23 -30.82
C VAL A 141 28.27 -44.81 -31.12
N GLU A 142 28.18 -46.13 -31.28
CA GLU A 142 26.91 -46.77 -31.56
C GLU A 142 25.98 -46.72 -30.34
N ASP A 143 26.53 -47.04 -29.17
CA ASP A 143 25.69 -47.11 -27.98
C ASP A 143 25.35 -45.73 -27.44
N TYR A 144 26.31 -44.80 -27.54
CA TYR A 144 26.00 -43.41 -27.18
C TYR A 144 25.02 -42.79 -28.17
N TYR A 145 25.11 -43.16 -29.45
CA TYR A 145 24.11 -42.69 -30.42
C TYR A 145 22.73 -43.23 -30.08
N TYR A 146 22.64 -44.52 -29.73
CA TYR A 146 21.35 -45.10 -29.36
C TYR A 146 20.79 -44.47 -28.09
N GLU A 147 21.66 -44.18 -27.12
CA GLU A 147 21.19 -43.59 -25.88
C GLU A 147 20.76 -42.13 -26.05
N LYS A 148 21.49 -41.38 -26.89
CA LYS A 148 21.13 -40.00 -27.15
C LYS A 148 19.90 -39.90 -28.05
N ALA A 149 19.69 -40.87 -28.94
CA ALA A 149 18.45 -40.91 -29.69
C ALA A 149 17.29 -41.37 -28.84
N SER A 150 17.57 -42.14 -27.79
CA SER A 150 16.55 -42.43 -26.79
C SER A 150 16.19 -41.18 -26.00
N LYS A 151 17.18 -40.32 -25.74
CA LYS A 151 16.90 -39.05 -25.09
C LYS A 151 16.12 -38.11 -26.02
N LEU A 152 16.54 -38.03 -27.28
CA LEU A 152 15.89 -37.17 -28.26
C LEU A 152 14.86 -37.93 -29.09
N LYS A 153 14.02 -38.75 -28.47
CA LYS A 153 13.04 -39.52 -29.21
C LYS A 153 11.83 -38.66 -29.55
N GLY A 154 11.51 -38.58 -30.83
CA GLY A 154 10.33 -37.88 -31.27
C GLY A 154 10.53 -36.44 -31.73
N GLU A 155 11.74 -36.08 -32.14
CA GLU A 155 12.01 -34.73 -32.61
C GLU A 155 12.50 -34.78 -34.04
N ASN A 156 12.51 -33.62 -34.69
CA ASN A 156 13.10 -33.50 -36.03
C ASN A 156 14.50 -32.92 -35.89
N VAL A 157 15.30 -33.59 -35.06
CA VAL A 157 16.67 -33.21 -34.81
C VAL A 157 17.58 -34.06 -35.69
N TYR A 158 18.87 -33.72 -35.67
CA TYR A 158 19.90 -34.45 -36.40
C TYR A 158 21.08 -34.61 -35.46
N ILE A 159 21.33 -35.82 -35.02
CA ILE A 159 22.42 -36.09 -34.08
C ILE A 159 23.69 -36.33 -34.87
N HIS A 160 24.83 -36.06 -34.23
CA HIS A 160 26.14 -36.31 -34.82
C HIS A 160 27.10 -36.55 -33.66
N ILE A 161 27.58 -37.79 -33.54
CA ILE A 161 28.39 -38.21 -32.40
C ILE A 161 29.82 -38.41 -32.87
N PHE A 162 30.76 -37.81 -32.14
CA PHE A 162 32.18 -38.06 -32.26
C PHE A 162 32.69 -38.73 -30.99
N SER A 163 33.83 -39.39 -31.13
CA SER A 163 34.49 -40.06 -30.01
C SER A 163 35.98 -39.81 -30.12
N PHE A 164 36.68 -40.10 -29.03
CA PHE A 164 38.13 -40.00 -29.05
C PHE A 164 38.79 -41.20 -29.74
N ASP A 165 38.03 -42.25 -30.06
CA ASP A 165 38.50 -43.31 -30.95
C ASP A 165 38.79 -42.79 -32.35
N GLY A 166 38.15 -41.71 -32.76
CA GLY A 166 38.26 -41.21 -34.12
C GLY A 166 37.11 -41.58 -35.02
N GLU A 167 35.94 -41.87 -34.46
CA GLU A 167 34.80 -42.38 -35.21
C GLU A 167 33.60 -41.44 -35.07
N GLU A 168 32.79 -41.40 -36.12
CA GLU A 168 31.58 -40.62 -36.12
C GLU A 168 30.37 -41.53 -36.35
N MET A 169 29.22 -41.06 -35.91
CA MET A 169 27.94 -41.62 -36.33
C MET A 169 26.90 -40.52 -36.32
N ALA A 170 26.25 -40.30 -37.45
CA ALA A 170 25.20 -39.30 -37.51
C ALA A 170 23.85 -39.97 -37.55
N THR A 171 22.83 -39.20 -37.85
CA THR A 171 21.48 -39.73 -38.01
C THR A 171 21.41 -40.43 -39.35
N ASP A 172 21.33 -41.77 -39.30
CA ASP A 172 21.16 -42.67 -40.45
C ASP A 172 22.29 -42.55 -41.47
N ASP A 173 23.47 -42.09 -41.03
CA ASP A 173 24.67 -41.88 -41.87
C ASP A 173 24.40 -40.98 -43.08
N GLU A 174 23.46 -40.05 -42.96
CA GLU A 174 23.16 -39.08 -44.01
C GLU A 174 23.81 -37.76 -43.60
N TYR A 175 25.12 -37.68 -43.84
CA TYR A 175 25.93 -36.61 -43.31
C TYR A 175 25.71 -35.31 -44.06
N ILE A 176 25.58 -34.21 -43.32
CA ILE A 176 25.43 -32.89 -43.89
C ILE A 176 26.65 -32.02 -43.61
N LEU A 177 27.75 -32.63 -43.17
CA LEU A 177 29.04 -31.95 -43.04
C LEU A 177 30.07 -32.67 -43.91
N ASP A 178 30.92 -31.90 -44.55
CA ASP A 178 31.88 -32.40 -45.52
C ASP A 178 33.00 -33.18 -44.84
N GLU A 179 33.66 -34.03 -45.63
CA GLU A 179 34.64 -34.97 -45.07
C GLU A 179 35.94 -34.29 -44.65
N GLU A 180 36.24 -33.11 -45.17
CA GLU A 180 37.49 -32.43 -44.81
C GLU A 180 37.43 -31.91 -43.37
N SER A 181 36.37 -31.18 -43.03
CA SER A 181 36.22 -30.71 -41.66
C SER A 181 35.88 -31.84 -40.70
N ARG A 182 35.19 -32.89 -41.17
CA ARG A 182 34.95 -34.03 -40.31
C ARG A 182 36.25 -34.78 -40.02
N ALA A 183 37.15 -34.86 -41.01
CA ALA A 183 38.47 -35.40 -40.78
C ALA A 183 39.29 -34.52 -39.85
N ARG A 184 39.11 -33.19 -39.94
CA ARG A 184 39.82 -32.28 -39.03
C ARG A 184 39.34 -32.45 -37.59
N ILE A 185 38.04 -32.64 -37.40
CA ILE A 185 37.48 -32.86 -36.07
C ILE A 185 37.94 -34.20 -35.51
N LYS A 186 37.95 -35.25 -36.35
CA LYS A 186 38.44 -36.56 -35.92
C LYS A 186 39.92 -36.53 -35.60
N THR A 187 40.70 -35.76 -36.37
CA THR A 187 42.12 -35.60 -36.11
C THR A 187 42.35 -34.88 -34.80
N ARG A 188 41.53 -33.87 -34.51
CA ARG A 188 41.63 -33.15 -33.24
C ARG A 188 41.29 -34.04 -32.06
N LEU A 189 40.24 -34.85 -32.18
CA LEU A 189 39.86 -35.72 -31.07
C LEU A 189 40.83 -36.87 -30.88
N PHE A 190 41.38 -37.41 -31.97
CA PHE A 190 42.40 -38.44 -31.86
C PHE A 190 43.67 -37.89 -31.23
N VAL A 191 44.05 -36.66 -31.60
CA VAL A 191 45.22 -36.01 -31.00
C VAL A 191 44.98 -35.72 -29.51
N LEU A 192 43.76 -35.31 -29.17
CA LEU A 192 43.43 -35.06 -27.76
C LEU A 192 43.45 -36.35 -26.95
N ARG A 193 43.03 -37.47 -27.55
CA ARG A 193 43.17 -38.77 -26.89
C ARG A 193 44.64 -39.12 -26.66
N GLN A 194 45.47 -38.94 -27.69
CA GLN A 194 46.88 -39.25 -27.57
C GLN A 194 47.64 -38.23 -26.73
N GLU A 195 47.01 -37.13 -26.34
CA GLU A 195 47.58 -36.21 -25.36
C GLU A 195 47.02 -36.43 -23.96
N LEU A 196 45.87 -37.07 -23.84
CA LEU A 196 45.33 -37.44 -22.53
C LEU A 196 46.06 -38.65 -21.95
N ALA A 197 46.81 -39.38 -22.77
CA ALA A 197 47.62 -40.49 -22.28
C ALA A 197 49.07 -40.10 -21.97
N THR A 198 49.57 -38.99 -22.51
CA THR A 198 50.95 -38.55 -22.28
C THR A 198 51.13 -37.76 -20.99
N ALA A 199 50.29 -38.01 -19.98
CA ALA A 199 50.36 -37.30 -18.71
C ALA A 199 49.77 -38.20 -17.63
N GLY A 200 48.80 -39.03 -18.00
CA GLY A 200 48.21 -40.01 -17.11
C GLY A 200 46.72 -39.87 -16.88
N LEU A 201 46.11 -38.78 -17.35
CA LEU A 201 44.69 -38.49 -17.07
C LEU A 201 43.86 -38.94 -18.27
N TRP A 202 43.48 -40.22 -18.28
CA TRP A 202 42.68 -40.73 -19.37
C TRP A 202 41.73 -41.85 -18.94
N ASP A 203 42.19 -42.74 -18.06
CA ASP A 203 41.38 -43.89 -17.66
C ASP A 203 40.20 -43.49 -16.78
N SER A 204 40.26 -42.33 -16.15
CA SER A 204 39.10 -41.81 -15.45
C SER A 204 38.12 -41.12 -16.39
N PHE A 205 38.63 -40.54 -17.48
CA PHE A 205 37.79 -39.83 -18.44
C PHE A 205 36.86 -40.78 -19.18
N ARG A 206 37.30 -42.01 -19.39
CA ARG A 206 36.45 -43.01 -20.02
C ARG A 206 35.36 -43.53 -19.10
N GLN A 207 35.48 -43.28 -17.79
CA GLN A 207 34.53 -43.80 -16.82
C GLN A 207 33.55 -42.76 -16.29
N SER A 208 33.73 -41.48 -16.63
CA SER A 208 32.78 -40.43 -16.25
C SER A 208 31.79 -40.27 -17.39
N GLU A 209 30.55 -40.70 -17.16
CA GLU A 209 29.46 -40.46 -18.11
C GLU A 209 28.20 -40.11 -17.33
N LYS A 210 27.39 -39.24 -17.94
CA LYS A 210 26.06 -38.83 -17.48
C LYS A 210 26.05 -38.24 -16.06
N LEU A 215 25.52 -31.55 -7.29
CA LEU A 215 24.17 -31.87 -7.72
C LEU A 215 23.17 -31.50 -6.62
N GLU A 216 23.65 -31.43 -5.39
CA GLU A 216 22.78 -31.23 -4.25
C GLU A 216 22.58 -29.73 -4.02
N GLU A 217 22.17 -29.36 -2.81
CA GLU A 217 22.04 -27.97 -2.40
C GLU A 217 22.79 -27.82 -1.09
N GLU A 218 23.78 -26.94 -1.07
CA GLU A 218 24.58 -26.69 0.12
C GLU A 218 24.14 -25.38 0.78
N PHE A 219 24.08 -25.39 2.11
CA PHE A 219 23.89 -24.16 2.87
C PHE A 219 24.48 -24.41 4.25
N SER A 220 25.71 -23.98 4.45
CA SER A 220 26.39 -24.11 5.73
C SER A 220 26.53 -22.76 6.38
N TYR A 221 26.99 -22.77 7.62
CA TYR A 221 27.21 -21.54 8.36
C TYR A 221 28.69 -21.21 8.33
N PRO A 222 29.09 -20.04 7.86
CA PRO A 222 30.46 -19.56 8.09
C PRO A 222 30.69 -19.29 9.57
N PRO A 223 31.94 -19.27 10.04
CA PRO A 223 32.20 -19.33 11.50
C PRO A 223 31.67 -18.17 12.34
N THR A 224 31.58 -16.95 11.80
CA THR A 224 30.96 -15.85 12.55
C THR A 224 29.47 -16.11 12.78
N PHE A 225 28.77 -16.57 11.76
CA PHE A 225 27.36 -16.85 11.95
C PHE A 225 27.13 -18.13 12.76
N GLN A 226 28.07 -19.07 12.72
CA GLN A 226 27.97 -20.25 13.58
C GLN A 226 28.14 -19.86 15.04
N ARG A 227 29.04 -18.92 15.33
CA ARG A 227 29.15 -18.40 16.68
C ARG A 227 27.93 -17.56 17.07
N LEU A 228 27.24 -16.95 16.11
CA LEU A 228 25.97 -16.31 16.43
C LEU A 228 24.88 -17.34 16.71
N ALA A 229 24.91 -18.47 16.00
CA ALA A 229 23.90 -19.49 16.16
C ALA A 229 24.03 -20.22 17.49
N ASN A 230 25.26 -20.34 17.99
CA ASN A 230 25.45 -20.92 19.32
C ASN A 230 24.92 -20.03 20.44
N GLN A 231 24.69 -18.74 20.18
CA GLN A 231 24.17 -17.81 21.18
C GLN A 231 22.70 -17.46 20.94
N SER A 232 21.96 -18.31 20.25
CA SER A 232 20.56 -18.05 19.95
C SER A 232 19.67 -19.14 20.50
N LEU A 233 20.11 -19.79 21.57
CA LEU A 233 19.54 -21.03 22.06
C LEU A 233 18.86 -20.84 23.41
N PRO A 234 18.02 -21.79 23.83
CA PRO A 234 17.65 -21.87 25.23
C PRO A 234 18.87 -22.09 26.09
N PRO A 235 18.87 -21.57 27.32
CA PRO A 235 20.13 -21.40 28.07
C PRO A 235 20.74 -22.69 28.62
N SER A 236 20.14 -23.86 28.38
CA SER A 236 20.76 -25.12 28.73
C SER A 236 21.53 -25.75 27.57
N PHE A 237 21.75 -25.01 26.49
CA PHE A 237 22.45 -25.51 25.32
C PHE A 237 23.62 -24.60 25.00
N LYS A 238 24.67 -25.18 24.45
CA LYS A 238 25.88 -24.42 24.14
C LYS A 238 26.22 -24.40 22.67
N ASP A 239 25.77 -25.38 21.90
CA ASP A 239 26.08 -25.48 20.49
C ASP A 239 24.76 -25.63 19.74
N TYR A 240 24.70 -25.02 18.55
CA TYR A 240 23.47 -25.02 17.76
C TYR A 240 23.10 -26.43 17.30
N HIS A 241 24.09 -27.26 17.01
CA HIS A 241 23.82 -28.61 16.54
C HIS A 241 23.32 -29.52 17.65
N GLN A 242 23.75 -29.28 18.89
CA GLN A 242 23.20 -29.99 20.03
C GLN A 242 21.73 -29.67 20.23
N PHE A 243 21.35 -28.40 20.08
CA PHE A 243 19.95 -28.02 20.20
C PHE A 243 19.13 -28.53 19.03
N LYS A 244 19.71 -28.60 17.84
CA LYS A 244 18.99 -29.18 16.70
C LYS A 244 18.80 -30.68 16.88
N ALA A 245 19.78 -31.36 17.49
CA ALA A 245 19.62 -32.78 17.80
C ALA A 245 18.62 -33.02 18.90
N TYR A 246 18.52 -32.09 19.87
CA TYR A 246 17.49 -32.18 20.90
C TYR A 246 16.10 -32.00 20.30
N VAL A 247 15.94 -31.03 19.41
CA VAL A 247 14.62 -30.75 18.86
C VAL A 247 14.20 -31.85 17.90
N SER A 248 15.16 -32.40 17.13
CA SER A 248 14.85 -33.46 16.18
C SER A 248 14.43 -34.76 16.83
N SER A 249 14.80 -35.02 18.08
CA SER A 249 14.47 -36.27 18.74
C SER A 249 13.49 -36.08 19.89
N PHE A 250 12.86 -34.91 20.00
CA PHE A 250 11.96 -34.62 21.10
C PHE A 250 10.70 -35.47 21.00
N LYS A 251 10.40 -36.19 22.07
CA LYS A 251 9.09 -36.80 22.26
C LYS A 251 8.49 -36.21 23.52
N ALA A 252 7.29 -35.66 23.40
CA ALA A 252 6.63 -35.08 24.55
C ALA A 252 6.16 -36.16 25.51
N ASN A 253 6.17 -35.83 26.79
CA ASN A 253 5.81 -36.76 27.84
C ASN A 253 5.09 -36.00 28.95
N GLY A 254 4.02 -35.30 28.59
CA GLY A 254 3.27 -34.50 29.55
C GLY A 254 4.04 -33.32 30.12
N ASN A 255 4.79 -32.60 29.29
CA ASN A 255 5.55 -31.46 29.79
C ASN A 255 4.64 -30.31 30.17
N ILE A 256 3.57 -30.12 29.39
CA ILE A 256 2.62 -29.06 29.67
C ILE A 256 1.88 -29.31 30.98
N GLU A 257 1.42 -30.55 31.20
CA GLU A 257 0.68 -30.88 32.41
C GLU A 257 1.55 -30.73 33.66
N ALA A 258 2.84 -31.05 33.53
CA ALA A 258 3.74 -30.91 34.67
C ALA A 258 4.04 -29.45 34.97
N LYS A 259 4.25 -28.64 33.92
CA LYS A 259 4.49 -27.21 34.15
C LYS A 259 3.23 -26.51 34.65
N LEU A 260 2.05 -26.94 34.22
CA LEU A 260 0.81 -26.41 34.76
C LEU A 260 0.59 -26.82 36.20
N GLY A 261 1.04 -28.01 36.59
CA GLY A 261 1.03 -28.38 37.98
C GLY A 261 1.98 -27.55 38.82
N ALA A 262 3.13 -27.20 38.27
CA ALA A 262 4.11 -26.42 39.01
C ALA A 262 3.88 -24.91 38.94
N MET A 263 3.09 -24.43 37.98
CA MET A 263 2.79 -23.01 37.88
C MET A 263 1.90 -22.58 39.03
N SER A 264 2.20 -21.42 39.60
CA SER A 264 1.43 -20.87 40.70
C SER A 264 -0.01 -20.59 40.28
N GLU A 265 -0.94 -20.87 41.17
CA GLU A 265 -2.37 -20.75 40.88
C GLU A 265 -2.89 -19.34 41.02
N LYS A 266 -2.02 -18.35 41.24
CA LYS A 266 -2.40 -16.96 41.07
C LYS A 266 -2.45 -16.55 39.60
N VAL A 267 -1.92 -17.38 38.71
CA VAL A 267 -2.03 -17.20 37.27
C VAL A 267 -3.35 -17.82 36.84
N ASN A 268 -4.36 -16.99 36.59
CA ASN A 268 -5.67 -17.48 36.20
C ASN A 268 -6.40 -16.38 35.43
N ALA A 269 -7.38 -16.79 34.65
CA ALA A 269 -8.31 -15.87 34.03
C ALA A 269 -9.68 -16.07 34.66
N GLN A 270 -9.79 -15.66 35.92
CA GLN A 270 -11.04 -15.80 36.66
C GLN A 270 -12.10 -14.87 36.11
N ILE A 271 -13.27 -15.42 35.83
CA ILE A 271 -14.34 -14.67 35.17
C ILE A 271 -15.15 -13.94 36.22
N GLU A 272 -15.30 -12.63 36.07
CA GLU A 272 -16.23 -11.86 36.87
C GLU A 272 -17.51 -11.64 36.07
N SER A 273 -18.64 -11.98 36.68
CA SER A 273 -19.94 -11.81 36.04
C SER A 273 -20.25 -10.34 35.84
N PHE A 274 -20.72 -10.01 34.65
CA PHE A 274 -20.98 -8.63 34.26
C PHE A 274 -22.48 -8.38 34.37
N ASP A 275 -22.85 -7.41 35.20
CA ASP A 275 -24.23 -6.96 35.31
C ASP A 275 -24.18 -5.44 35.30
N PRO A 276 -24.75 -4.78 34.29
CA PRO A 276 -24.69 -3.31 34.21
C PRO A 276 -25.47 -2.58 35.29
N ARG A 277 -26.33 -3.27 36.06
CA ARG A 277 -26.97 -2.67 37.21
C ARG A 277 -26.01 -2.41 38.35
N THR A 278 -24.86 -3.08 38.37
CA THR A 278 -23.89 -2.90 39.45
C THR A 278 -22.64 -2.14 39.03
N ILE A 279 -22.40 -1.93 37.73
CA ILE A 279 -21.20 -1.23 37.30
C ILE A 279 -21.37 0.27 37.53
N ARG A 280 -20.25 0.94 37.71
CA ARG A 280 -20.27 2.37 37.99
C ARG A 280 -20.29 3.15 36.68
N GLU A 281 -20.36 4.46 36.82
CA GLU A 281 -20.26 5.39 35.71
C GLU A 281 -18.80 5.73 35.47
N LEU A 282 -18.52 6.31 34.31
CA LEU A 282 -17.17 6.81 34.04
C LEU A 282 -16.90 8.05 34.87
N GLU A 283 -15.71 8.12 35.45
CA GLU A 283 -15.27 9.33 36.13
C GLU A 283 -14.85 10.34 35.08
N LEU A 284 -15.49 11.42 35.06
CA LEU A 284 -15.02 12.51 34.22
C LEU A 284 -14.04 13.37 35.00
N PRO A 285 -13.05 13.98 34.34
CA PRO A 285 -12.01 14.71 35.08
C PRO A 285 -12.53 16.03 35.63
N GLU A 286 -11.67 16.65 36.43
CA GLU A 286 -11.95 17.91 37.08
C GLU A 286 -11.12 19.01 36.44
N GLY A 287 -10.99 20.14 37.13
CA GLY A 287 -10.23 21.26 36.63
C GLY A 287 -11.12 22.38 36.14
N LYS A 288 -10.54 23.23 35.31
CA LYS A 288 -11.28 24.29 34.66
C LYS A 288 -12.22 23.71 33.60
N PHE A 289 -13.16 24.52 33.15
CA PHE A 289 -14.10 24.08 32.14
C PHE A 289 -13.40 23.89 30.80
N CYS A 290 -13.99 23.04 29.96
CA CYS A 290 -13.54 22.90 28.60
C CYS A 290 -13.94 24.12 27.77
N THR A 291 -13.04 24.52 26.89
CA THR A 291 -13.24 25.70 26.07
C THR A 291 -13.46 25.30 24.61
N GLN A 292 -13.95 26.25 23.82
CA GLN A 292 -14.23 25.99 22.42
C GLN A 292 -12.94 25.88 21.62
N ARG A 293 -12.89 24.88 20.74
CA ARG A 293 -11.70 24.61 19.93
C ARG A 293 -12.05 24.30 18.48
N SER A 294 -13.22 24.69 18.00
CA SER A 294 -13.51 24.56 16.59
C SER A 294 -12.77 25.63 15.81
N LYS A 295 -12.49 25.34 14.54
CA LYS A 295 -11.76 26.29 13.69
C LYS A 295 -12.63 27.46 13.26
N PHE A 296 -13.94 27.34 13.35
CA PHE A 296 -14.85 28.44 13.08
C PHE A 296 -15.93 28.45 14.15
N LEU A 297 -16.64 29.57 14.25
CA LEU A 297 -17.76 29.67 15.19
C LEU A 297 -18.90 28.81 14.71
N LEU A 298 -19.55 28.13 15.66
CA LEU A 298 -20.63 27.22 15.29
C LEU A 298 -21.99 27.84 15.55
N MET A 299 -22.57 27.58 16.73
CA MET A 299 -23.92 28.08 17.04
C MET A 299 -23.95 29.59 17.24
N ASP A 300 -22.82 30.23 17.47
CA ASP A 300 -22.75 31.65 17.74
C ASP A 300 -22.41 32.46 16.50
N ALA A 301 -22.32 31.82 15.34
CA ALA A 301 -21.91 32.49 14.13
C ALA A 301 -23.02 33.36 13.57
N MET A 302 -22.63 34.48 12.98
CA MET A 302 -23.53 35.45 12.39
C MET A 302 -23.17 35.63 10.91
N LYS A 303 -24.19 35.65 10.06
CA LYS A 303 -24.00 35.83 8.63
C LYS A 303 -24.28 37.26 8.21
N LEU A 304 -23.49 37.75 7.28
CA LEU A 304 -23.85 38.87 6.42
C LEU A 304 -24.11 38.30 5.04
N SER A 305 -25.34 38.43 4.55
CA SER A 305 -25.76 37.74 3.34
C SER A 305 -26.06 38.71 2.21
N VAL A 306 -25.93 38.21 0.99
CA VAL A 306 -26.50 38.86 -0.20
C VAL A 306 -27.43 37.87 -0.88
N LEU A 307 -28.63 38.32 -1.19
CA LEU A 307 -29.66 37.53 -1.85
C LEU A 307 -29.59 37.75 -3.35
N ASN A 308 -29.51 36.65 -4.11
CA ASN A 308 -29.30 36.59 -5.55
C ASN A 308 -28.15 37.48 -6.00
N PRO A 309 -26.90 37.11 -5.72
CA PRO A 309 -25.78 38.03 -5.98
C PRO A 309 -25.54 38.22 -7.47
N ALA A 310 -25.33 39.48 -7.87
CA ALA A 310 -25.14 39.80 -9.27
C ALA A 310 -24.11 40.91 -9.46
N HIS A 311 -23.26 41.16 -8.45
CA HIS A 311 -22.23 42.17 -8.55
C HIS A 311 -21.14 41.73 -9.53
N GLU A 312 -20.29 42.68 -9.91
CA GLU A 312 -19.18 42.38 -10.79
C GLU A 312 -18.12 41.54 -10.07
N GLY A 313 -17.68 40.47 -10.70
CA GLY A 313 -16.77 39.55 -10.06
C GLY A 313 -17.45 38.59 -9.12
N GLU A 314 -18.74 38.32 -9.34
CA GLU A 314 -19.50 37.42 -8.48
C GLU A 314 -18.98 36.00 -8.62
N GLY A 315 -18.74 35.36 -7.49
CA GLY A 315 -18.14 34.05 -7.47
C GLY A 315 -16.74 34.11 -6.92
N ILE A 316 -16.02 35.18 -7.24
CA ILE A 316 -14.71 35.43 -6.62
C ILE A 316 -14.91 35.77 -5.15
N PRO A 317 -14.18 35.12 -4.23
CA PRO A 317 -14.50 35.27 -2.79
C PRO A 317 -14.35 36.67 -2.21
N MET A 318 -13.37 37.47 -2.61
CA MET A 318 -13.26 38.80 -2.02
C MET A 318 -14.31 39.78 -2.55
N LYS A 319 -14.76 39.61 -3.79
CA LYS A 319 -15.86 40.41 -4.28
C LYS A 319 -17.16 40.07 -3.57
N ASP A 320 -17.37 38.77 -3.31
CA ASP A 320 -18.52 38.32 -2.52
C ASP A 320 -18.44 38.87 -1.11
N ALA A 321 -17.24 38.90 -0.53
CA ALA A 321 -17.05 39.42 0.81
C ALA A 321 -17.35 40.92 0.88
N LYS A 322 -16.94 41.68 -0.15
CA LYS A 322 -17.24 43.11 -0.16
C LYS A 322 -18.73 43.38 -0.36
N ALA A 323 -19.38 42.58 -1.21
CA ALA A 323 -20.82 42.70 -1.38
C ALA A 323 -21.58 42.36 -0.10
N CYS A 324 -21.09 41.40 0.68
CA CYS A 324 -21.72 41.09 1.96
C CYS A 324 -21.41 42.12 3.03
N LEU A 325 -20.23 42.74 2.98
CA LEU A 325 -19.89 43.79 3.93
C LEU A 325 -20.68 45.06 3.65
N ASP A 326 -21.07 45.28 2.39
CA ASP A 326 -21.90 46.45 2.06
C ASP A 326 -23.29 46.38 2.66
N THR A 327 -23.79 45.20 3.02
CA THR A 327 -25.13 45.10 3.58
C THR A 327 -25.22 45.55 5.02
N PHE A 328 -24.08 45.75 5.68
CA PHE A 328 -24.03 46.20 7.07
C PHE A 328 -23.62 47.67 7.09
N TRP A 329 -24.40 48.49 7.80
CA TRP A 329 -24.18 49.93 7.85
C TRP A 329 -24.03 50.43 9.29
N GLY A 330 -23.74 49.52 10.23
CA GLY A 330 -23.70 49.90 11.62
C GLY A 330 -22.33 49.80 12.27
N TRP A 331 -21.26 49.98 11.49
CA TRP A 331 -19.91 49.97 12.06
C TRP A 331 -19.71 51.13 13.02
N LYS A 332 -19.04 50.86 14.11
CA LYS A 332 -18.58 51.88 15.04
C LYS A 332 -17.12 51.61 15.34
N LYS A 333 -16.51 52.46 16.17
CA LYS A 333 -15.13 52.25 16.55
C LYS A 333 -15.04 51.03 17.47
N ALA A 334 -14.14 50.12 17.14
CA ALA A 334 -14.08 48.83 17.78
C ALA A 334 -13.36 48.92 19.12
N THR A 335 -13.92 48.29 20.14
CA THR A 335 -13.34 48.27 21.48
C THR A 335 -13.23 46.83 21.95
N ILE A 336 -12.18 46.54 22.70
CA ILE A 336 -12.02 45.22 23.32
C ILE A 336 -13.01 45.11 24.47
N ILE A 337 -13.85 44.09 24.45
CA ILE A 337 -14.78 43.83 25.54
C ILE A 337 -14.56 42.49 26.20
N LYS A 338 -13.73 41.62 25.64
CA LYS A 338 -13.35 40.40 26.35
C LYS A 338 -11.93 40.04 25.94
N LYS A 339 -11.00 40.10 26.88
CA LYS A 339 -9.59 39.91 26.55
C LYS A 339 -9.22 38.45 26.46
N HIS A 340 -8.37 38.14 25.49
CA HIS A 340 -7.56 36.93 25.51
C HIS A 340 -6.51 37.10 26.59
N GLU A 341 -6.64 36.35 27.70
CA GLU A 341 -5.83 36.59 28.88
C GLU A 341 -4.36 36.26 28.68
N LYS A 342 -4.01 35.46 27.67
CA LYS A 342 -2.62 35.17 27.38
C LYS A 342 -2.04 36.04 26.28
N GLY A 343 -2.86 36.78 25.55
CA GLY A 343 -2.40 37.52 24.39
C GLY A 343 -2.09 38.99 24.66
N VAL A 344 -1.68 39.65 23.59
CA VAL A 344 -1.59 41.10 23.50
C VAL A 344 -2.83 41.54 22.73
N ASN A 345 -3.82 42.08 23.43
CA ASN A 345 -5.15 42.28 22.85
C ASN A 345 -5.24 43.51 21.96
N THR A 346 -4.40 44.52 22.22
CA THR A 346 -4.29 45.67 21.35
C THR A 346 -3.82 45.28 19.96
N ASN A 347 -2.98 44.24 19.87
CA ASN A 347 -2.58 43.70 18.58
C ASN A 347 -3.76 43.15 17.81
N TYR A 348 -4.72 42.52 18.50
CA TYR A 348 -5.92 42.00 17.85
C TYR A 348 -6.80 43.12 17.32
N LEU A 349 -6.98 44.17 18.13
CA LEU A 349 -7.70 45.36 17.68
C LEU A 349 -7.05 46.00 16.45
N MET A 350 -5.71 46.10 16.46
CA MET A 350 -4.98 46.64 15.32
C MET A 350 -5.10 45.77 14.08
N ILE A 351 -5.15 44.44 14.27
CA ILE A 351 -5.34 43.53 13.15
C ILE A 351 -6.70 43.75 12.51
N TRP A 352 -7.73 43.97 13.33
CA TRP A 352 -9.05 44.25 12.77
C TRP A 352 -9.08 45.59 12.03
N GLU A 353 -8.42 46.61 12.57
CA GLU A 353 -8.39 47.91 11.89
C GLU A 353 -7.65 47.83 10.55
N GLN A 354 -6.51 47.12 10.54
CA GLN A 354 -5.75 46.92 9.31
C GLN A 354 -6.54 46.14 8.28
N LEU A 355 -7.23 45.07 8.70
CA LEU A 355 -8.04 44.27 7.80
C LEU A 355 -9.16 45.09 7.18
N LEU A 356 -9.83 45.91 7.99
CA LEU A 356 -10.94 46.72 7.49
C LEU A 356 -10.46 47.76 6.48
N GLU A 357 -9.37 48.46 6.80
CA GLU A 357 -8.84 49.46 5.90
C GLU A 357 -8.31 48.84 4.61
N SER A 358 -7.72 47.64 4.69
CA SER A 358 -7.23 46.99 3.49
C SER A 358 -8.33 46.40 2.63
N ILE A 359 -9.45 45.98 3.22
CA ILE A 359 -10.57 45.54 2.41
C ILE A 359 -11.17 46.75 1.68
N LYS A 360 -11.17 47.91 2.34
CA LYS A 360 -11.68 49.14 1.75
C LYS A 360 -10.95 49.53 0.47
N GLU A 361 -9.64 49.26 0.38
CA GLU A 361 -8.83 49.80 -0.70
C GLU A 361 -8.16 48.73 -1.55
N MET A 362 -8.67 47.50 -1.55
CA MET A 362 -7.96 46.42 -2.21
C MET A 362 -8.13 46.48 -3.73
N GLU A 363 -7.07 46.07 -4.41
CA GLU A 363 -7.05 45.96 -5.86
C GLU A 363 -6.83 44.50 -6.24
N GLY A 364 -7.39 44.12 -7.37
CA GLY A 364 -7.17 42.78 -7.87
C GLY A 364 -8.08 41.76 -7.21
N LYS A 365 -7.67 40.50 -7.36
CA LYS A 365 -8.47 39.35 -6.96
C LYS A 365 -8.24 38.94 -5.51
N PHE A 366 -7.00 39.02 -5.05
CA PHE A 366 -6.61 38.56 -3.73
C PHE A 366 -6.11 39.73 -2.91
N LEU A 367 -6.27 39.62 -1.60
CA LEU A 367 -5.83 40.64 -0.66
C LEU A 367 -4.72 40.06 0.19
N ASN A 368 -3.53 40.64 0.06
CA ASN A 368 -2.38 40.29 0.87
C ASN A 368 -2.07 41.44 1.80
N LEU A 369 -1.86 41.12 3.07
CA LEU A 369 -1.69 42.14 4.08
C LEU A 369 -0.22 42.44 4.29
N LYS A 370 0.07 43.70 4.59
CA LYS A 370 1.44 44.08 4.92
C LYS A 370 1.81 43.50 6.27
N LYS A 371 2.99 42.90 6.34
CA LYS A 371 3.45 42.20 7.54
C LYS A 371 3.84 43.23 8.60
N THR A 372 2.83 43.72 9.30
CA THR A 372 3.02 44.64 10.40
C THR A 372 3.43 43.90 11.67
N ASN A 373 3.79 44.65 12.71
CA ASN A 373 4.27 44.05 13.95
C ASN A 373 3.17 43.30 14.67
N HIS A 374 1.97 43.87 14.73
CA HIS A 374 0.86 43.21 15.40
C HIS A 374 0.39 41.99 14.63
N LEU A 375 0.43 42.06 13.30
CA LEU A 375 0.05 40.93 12.48
C LEU A 375 1.12 39.84 12.49
N LYS A 376 2.39 40.23 12.63
CA LYS A 376 3.43 39.23 12.83
C LYS A 376 3.27 38.53 14.17
N TRP A 377 2.86 39.28 15.20
CA TRP A 377 2.66 38.66 16.50
C TRP A 377 1.50 37.68 16.47
N GLY A 378 0.38 38.06 15.85
CA GLY A 378 -0.76 37.18 15.78
C GLY A 378 -0.53 35.92 14.97
N LEU A 379 0.42 35.94 14.05
CA LEU A 379 0.70 34.80 13.19
C LEU A 379 1.95 34.04 13.60
N GLY A 380 2.58 34.41 14.71
CA GLY A 380 3.71 33.66 15.22
C GLY A 380 4.97 33.77 14.42
N GLU A 381 5.20 34.92 13.78
CA GLU A 381 6.40 35.11 12.99
C GLU A 381 7.63 35.23 13.87
N GLY A 382 8.65 34.43 13.56
CA GLY A 382 9.86 34.42 14.36
C GLY A 382 9.75 33.72 15.68
N GLN A 383 8.68 32.95 15.91
CA GLN A 383 8.49 32.26 17.18
C GLN A 383 9.28 30.97 17.28
N ALA A 384 9.60 30.35 16.15
CA ALA A 384 10.43 29.16 16.20
C ALA A 384 11.87 29.55 16.51
N PRO A 385 12.55 28.78 17.37
CA PRO A 385 14.01 28.87 17.42
C PRO A 385 14.61 28.47 16.09
N GLU A 386 15.74 29.07 15.74
CA GLU A 386 16.32 28.81 14.44
C GLU A 386 17.01 27.45 14.41
N LYS A 387 16.65 26.63 13.44
CA LYS A 387 17.18 25.27 13.36
C LYS A 387 18.63 25.30 12.90
N MET A 388 19.51 24.66 13.67
CA MET A 388 20.92 24.57 13.34
C MET A 388 21.34 23.10 13.36
N ASP A 389 22.47 22.82 12.74
CA ASP A 389 23.06 21.49 12.82
C ASP A 389 23.83 21.32 14.11
N PHE A 390 23.85 20.08 14.61
CA PHE A 390 24.50 19.80 15.89
C PHE A 390 26.02 19.90 15.82
N GLU A 391 26.61 19.70 14.63
CA GLU A 391 28.03 20.01 14.44
C GLU A 391 28.34 21.47 14.74
N ASP A 392 27.44 22.37 14.38
CA ASP A 392 27.60 23.81 14.62
C ASP A 392 26.91 24.27 15.89
N CYS A 393 26.84 23.40 16.90
CA CYS A 393 26.00 23.69 18.07
C CYS A 393 26.47 23.01 19.35
N LYS A 394 27.61 22.31 19.33
CA LYS A 394 28.00 21.51 20.48
C LYS A 394 28.43 22.36 21.66
N GLU A 395 29.00 23.54 21.39
CA GLU A 395 29.54 24.39 22.44
C GLU A 395 28.49 25.24 23.14
N VAL A 396 27.24 25.17 22.71
CA VAL A 396 26.15 25.88 23.41
C VAL A 396 25.95 25.28 24.79
N PRO A 397 25.99 26.06 25.87
CA PRO A 397 25.96 25.48 27.22
C PRO A 397 24.59 25.22 27.80
N ASP A 398 23.51 25.50 27.08
CA ASP A 398 22.17 25.37 27.65
C ASP A 398 21.21 24.75 26.63
N LEU A 399 21.64 23.66 26.00
CA LEU A 399 20.81 22.92 25.05
C LEU A 399 20.01 21.86 25.80
N PHE A 400 18.75 22.14 26.08
CA PHE A 400 17.88 21.21 26.77
C PHE A 400 16.89 20.59 25.79
N GLN A 401 16.48 19.35 26.08
CA GLN A 401 15.51 18.64 25.27
C GLN A 401 14.14 19.31 25.33
N TYR A 402 13.42 19.24 24.21
CA TYR A 402 12.02 19.67 24.16
C TYR A 402 11.17 18.91 25.17
N LYS A 403 10.27 19.63 25.82
CA LYS A 403 9.36 19.07 26.79
C LYS A 403 8.28 18.23 26.12
N SER A 404 7.70 17.31 26.88
CA SER A 404 6.62 16.45 26.39
C SER A 404 5.54 16.30 27.48
N GLU A 405 4.91 17.39 27.81
CA GLU A 405 3.93 17.37 28.88
C GLU A 405 2.57 16.87 28.38
N PRO A 406 1.87 16.08 29.18
CA PRO A 406 0.51 15.66 28.82
C PRO A 406 -0.46 16.81 28.88
N PRO A 407 -1.62 16.71 28.23
CA PRO A 407 -2.62 17.79 28.32
C PRO A 407 -3.19 17.88 29.73
N GLU A 408 -3.49 19.11 30.15
CA GLU A 408 -4.12 19.29 31.45
C GLU A 408 -5.61 19.00 31.35
N LYS A 409 -6.16 18.44 32.42
CA LYS A 409 -7.53 17.98 32.41
C LYS A 409 -8.51 19.14 32.42
N ARG A 410 -9.69 18.92 31.84
CA ARG A 410 -10.73 19.92 31.84
C ARG A 410 -12.05 19.30 32.30
N LYS A 411 -12.86 20.13 32.94
CA LYS A 411 -14.19 19.76 33.36
C LYS A 411 -15.16 19.87 32.17
N LEU A 412 -16.17 19.00 32.16
CA LEU A 412 -17.21 19.11 31.16
C LEU A 412 -18.07 20.34 31.42
N ALA A 413 -18.22 21.18 30.40
CA ALA A 413 -19.03 22.38 30.44
C ALA A 413 -20.26 22.19 29.58
N SER A 414 -21.32 22.91 29.91
CA SER A 414 -22.63 22.68 29.30
C SER A 414 -22.79 23.30 27.93
N TRP A 415 -21.81 24.03 27.41
CA TRP A 415 -21.99 24.66 26.10
C TRP A 415 -21.95 23.64 24.97
N ILE A 416 -21.20 22.54 25.13
CA ILE A 416 -21.02 21.60 24.02
C ILE A 416 -22.29 20.80 23.77
N GLN A 417 -23.06 20.49 24.82
CA GLN A 417 -24.37 19.88 24.63
C GLN A 417 -25.34 20.83 23.94
N SER A 418 -25.26 22.12 24.25
CA SER A 418 -26.09 23.12 23.56
C SER A 418 -25.72 23.22 22.09
N GLU A 419 -24.42 23.18 21.79
CA GLU A 419 -23.94 23.14 20.41
C GLU A 419 -24.47 21.93 19.68
N PHE A 420 -24.43 20.76 20.33
CA PHE A 420 -24.92 19.56 19.66
C PHE A 420 -26.43 19.57 19.50
N ASN A 421 -27.16 20.21 20.41
CA ASN A 421 -28.61 20.37 20.21
C ASN A 421 -28.91 21.27 19.03
N LYS A 422 -28.15 22.35 18.87
CA LYS A 422 -28.40 23.26 17.76
C LYS A 422 -27.97 22.65 16.43
N ALA A 423 -26.93 21.82 16.44
CA ALA A 423 -26.47 21.18 15.21
C ALA A 423 -27.46 20.17 14.67
N SER A 424 -28.31 19.60 15.53
CA SER A 424 -29.31 18.62 15.10
C SER A 424 -30.58 19.25 14.56
N GLU A 425 -30.68 20.57 14.52
CA GLU A 425 -31.92 21.24 14.19
C GLU A 425 -32.01 21.62 12.72
N LEU A 426 -33.23 21.88 12.27
CA LEU A 426 -33.50 22.29 10.91
C LEU A 426 -33.40 23.79 10.77
N THR A 427 -32.83 24.24 9.66
CA THR A 427 -32.76 25.65 9.30
C THR A 427 -33.75 25.91 8.16
N ASN A 428 -33.77 27.16 7.71
CA ASN A 428 -34.63 27.56 6.60
C ASN A 428 -33.92 27.49 5.26
N SER A 429 -32.61 27.26 5.23
CA SER A 429 -31.85 27.26 4.00
C SER A 429 -31.48 25.84 3.59
N ASN A 430 -31.35 25.64 2.29
CA ASN A 430 -30.83 24.39 1.74
C ASN A 430 -29.32 24.49 1.65
N TRP A 431 -28.62 23.63 2.36
CA TRP A 431 -27.18 23.76 2.47
C TRP A 431 -26.41 22.83 1.55
N ILE A 432 -26.90 21.64 1.28
CA ILE A 432 -26.24 20.72 0.37
C ILE A 432 -26.98 20.73 -0.96
N GLU A 433 -26.28 21.10 -2.01
CA GLU A 433 -26.80 21.01 -3.37
C GLU A 433 -26.21 19.76 -3.99
N PHE A 434 -27.04 18.74 -4.15
CA PHE A 434 -26.58 17.49 -4.76
C PHE A 434 -26.58 17.62 -6.27
N ASP A 435 -25.53 17.11 -6.88
CA ASP A 435 -25.46 17.10 -8.34
C ASP A 435 -26.48 16.09 -8.90
N GLU A 436 -26.74 16.20 -10.19
CA GLU A 436 -27.80 15.38 -10.78
C GLU A 436 -27.33 13.95 -10.97
N LEU A 437 -28.30 13.06 -11.11
CA LEU A 437 -28.06 11.64 -11.27
C LEU A 437 -28.44 11.24 -12.69
N GLY A 438 -27.96 10.07 -13.10
CA GLY A 438 -28.52 9.43 -14.28
C GLY A 438 -29.97 9.03 -14.05
N ASN A 439 -30.69 8.82 -15.15
CA ASN A 439 -32.11 8.55 -15.08
C ASN A 439 -32.38 7.17 -14.48
N ASP A 440 -33.53 7.03 -13.83
CA ASP A 440 -33.92 5.78 -13.19
C ASP A 440 -34.62 4.88 -14.19
N VAL A 441 -34.14 3.64 -14.32
CA VAL A 441 -34.76 2.63 -15.17
C VAL A 441 -35.23 1.44 -14.35
N ALA A 442 -34.36 0.91 -13.49
CA ALA A 442 -34.72 -0.23 -12.67
C ALA A 442 -35.68 0.17 -11.57
N PRO A 443 -36.59 -0.74 -11.17
CA PRO A 443 -37.47 -0.47 -10.03
C PRO A 443 -36.74 -0.18 -8.72
N ILE A 444 -35.57 -0.78 -8.52
CA ILE A 444 -34.78 -0.50 -7.32
C ILE A 444 -34.25 0.94 -7.35
N GLU A 445 -34.04 1.50 -8.54
CA GLU A 445 -33.59 2.89 -8.62
C GLU A 445 -34.74 3.85 -8.35
N HIS A 446 -35.97 3.50 -8.70
CA HIS A 446 -37.13 4.31 -8.32
C HIS A 446 -37.37 4.26 -6.82
N ILE A 447 -37.18 3.09 -6.22
CA ILE A 447 -37.31 2.97 -4.76
C ILE A 447 -36.22 3.77 -4.05
N ALA A 448 -34.98 3.69 -4.56
CA ALA A 448 -33.88 4.46 -4.01
C ALA A 448 -34.09 5.96 -4.18
N SER A 449 -34.70 6.40 -5.28
CA SER A 449 -34.99 7.82 -5.47
C SER A 449 -36.05 8.30 -4.50
N ARG A 450 -37.07 7.46 -4.27
CA ARG A 450 -38.10 7.77 -3.29
C ARG A 450 -37.53 7.91 -1.89
N ARG A 451 -36.62 7.02 -1.51
CA ARG A 451 -36.01 7.11 -0.19
C ARG A 451 -35.02 8.27 -0.09
N ARG A 452 -34.28 8.53 -1.18
CA ARG A 452 -33.28 9.58 -1.22
C ARG A 452 -33.91 10.96 -1.13
N ASN A 453 -35.12 11.14 -1.66
CA ASN A 453 -35.77 12.44 -1.54
C ASN A 453 -36.18 12.75 -0.11
N PHE A 454 -36.61 11.73 0.65
CA PHE A 454 -36.84 11.91 2.08
C PHE A 454 -35.54 12.22 2.83
N PHE A 455 -34.46 11.52 2.47
CA PHE A 455 -33.16 11.76 3.10
C PHE A 455 -32.66 13.18 2.84
N THR A 456 -32.88 13.67 1.61
CA THR A 456 -32.50 15.04 1.27
C THR A 456 -33.38 16.06 1.98
N ALA A 457 -34.68 15.74 2.12
CA ALA A 457 -35.58 16.65 2.84
C ALA A 457 -35.26 16.72 4.33
N GLU A 458 -34.60 15.69 4.88
CA GLU A 458 -34.19 15.82 6.27
C GLU A 458 -32.78 16.37 6.44
N VAL A 459 -31.88 16.13 5.49
CA VAL A 459 -30.46 16.32 5.76
C VAL A 459 -29.95 17.65 5.21
N SER A 460 -30.60 18.17 4.17
CA SER A 460 -30.06 19.32 3.46
C SER A 460 -30.29 20.63 4.18
N GLN A 461 -31.29 20.71 5.05
CA GLN A 461 -31.61 21.92 5.79
C GLN A 461 -31.13 21.87 7.22
N CYS A 462 -30.43 20.81 7.61
CA CYS A 462 -29.90 20.69 8.95
C CYS A 462 -28.77 21.69 9.17
N ARG A 463 -28.62 22.14 10.43
CA ARG A 463 -27.54 23.03 10.79
C ARG A 463 -26.18 22.37 10.64
N ALA A 464 -26.11 21.05 10.84
CA ALA A 464 -24.87 20.33 10.64
C ALA A 464 -24.45 20.32 9.17
N SER A 465 -25.40 20.40 8.25
CA SER A 465 -25.07 20.56 6.83
C SER A 465 -24.45 21.92 6.55
N GLU A 466 -24.92 22.95 7.23
CA GLU A 466 -24.28 24.26 7.16
C GLU A 466 -22.85 24.21 7.69
N TYR A 467 -22.63 23.46 8.77
CA TYR A 467 -21.29 23.32 9.30
C TYR A 467 -20.39 22.53 8.36
N ILE A 468 -20.95 21.54 7.65
CA ILE A 468 -20.23 20.79 6.63
C ILE A 468 -19.75 21.73 5.52
N MET A 469 -20.67 22.53 4.99
CA MET A 469 -20.31 23.38 3.85
C MET A 469 -19.35 24.49 4.27
N LYS A 470 -19.48 24.96 5.52
CA LYS A 470 -18.55 25.93 6.07
C LYS A 470 -17.14 25.35 6.17
N ALA A 471 -17.02 24.12 6.70
CA ALA A 471 -15.71 23.48 6.83
C ALA A 471 -15.10 23.15 5.48
N VAL A 472 -15.92 22.74 4.52
CA VAL A 472 -15.42 22.43 3.17
C VAL A 472 -14.87 23.68 2.50
N TYR A 473 -15.62 24.78 2.57
CA TYR A 473 -15.17 26.05 1.97
C TYR A 473 -13.92 26.58 2.64
N ILE A 474 -13.88 26.57 3.96
CA ILE A 474 -12.74 27.12 4.70
C ILE A 474 -11.49 26.30 4.46
N ASN A 475 -11.61 24.97 4.50
CA ASN A 475 -10.44 24.11 4.33
C ASN A 475 -9.95 24.13 2.89
N THR A 476 -10.85 24.25 1.94
CA THR A 476 -10.47 24.37 0.54
C THR A 476 -9.72 25.65 0.28
N ALA A 477 -10.25 26.77 0.78
CA ALA A 477 -9.60 28.05 0.57
C ALA A 477 -8.28 28.14 1.32
N LEU A 478 -8.20 27.55 2.52
CA LEU A 478 -6.97 27.56 3.27
C LEU A 478 -5.91 26.68 2.64
N LEU A 479 -6.30 25.55 2.04
CA LEU A 479 -5.32 24.70 1.36
C LEU A 479 -4.81 25.34 0.07
N ASN A 480 -5.71 25.93 -0.73
CA ASN A 480 -5.29 26.60 -1.95
C ASN A 480 -4.41 27.82 -1.65
N SER A 481 -4.72 28.54 -0.57
CA SER A 481 -3.86 29.66 -0.19
C SER A 481 -2.55 29.20 0.41
N SER A 482 -2.56 28.09 1.17
CA SER A 482 -1.35 27.58 1.78
C SER A 482 -0.37 27.07 0.76
N CYS A 483 -0.87 26.58 -0.39
CA CYS A 483 0.05 26.08 -1.39
C CYS A 483 0.37 27.07 -2.51
N THR A 484 -0.48 28.06 -2.78
CA THR A 484 -0.17 28.98 -3.86
C THR A 484 0.41 30.32 -3.40
N ALA A 485 0.24 30.68 -2.14
CA ALA A 485 0.66 32.00 -1.65
C ALA A 485 1.38 31.82 -0.31
N MET A 486 2.47 31.06 -0.34
CA MET A 486 3.13 30.57 0.87
C MET A 486 3.80 31.67 1.67
N GLU A 487 4.18 32.78 1.03
CA GLU A 487 4.85 33.86 1.74
C GLU A 487 3.91 34.95 2.20
N GLU A 488 2.68 34.98 1.69
CA GLU A 488 1.81 36.13 1.86
C GLU A 488 0.93 35.99 3.09
N TYR A 489 0.35 37.11 3.50
CA TYR A 489 -0.69 37.14 4.52
C TYR A 489 -2.02 37.35 3.80
N GLN A 490 -2.56 36.26 3.29
CA GLN A 490 -3.78 36.33 2.50
C GLN A 490 -5.00 36.44 3.39
N VAL A 491 -5.95 37.24 2.95
CA VAL A 491 -7.26 37.33 3.57
C VAL A 491 -8.18 36.37 2.84
N ILE A 492 -8.85 35.53 3.61
CA ILE A 492 -9.69 34.45 3.13
C ILE A 492 -11.07 34.66 3.73
N PRO A 493 -12.07 35.07 2.96
CA PRO A 493 -13.41 35.21 3.53
C PRO A 493 -14.05 33.87 3.84
N ILE A 494 -14.75 33.83 4.96
CA ILE A 494 -15.49 32.65 5.38
C ILE A 494 -16.85 32.73 4.71
N ILE A 495 -17.02 31.98 3.62
CA ILE A 495 -18.18 32.07 2.74
C ILE A 495 -18.92 30.74 2.78
N THR A 496 -20.24 30.80 2.85
CA THR A 496 -21.06 29.70 2.39
C THR A 496 -22.04 30.21 1.35
N LYS A 497 -22.62 29.27 0.61
CA LYS A 497 -23.68 29.57 -0.35
C LYS A 497 -24.82 28.61 -0.13
N CYS A 498 -26.04 29.13 -0.14
CA CYS A 498 -27.22 28.32 0.08
C CYS A 498 -28.30 28.75 -0.87
N ARG A 499 -29.38 27.97 -0.89
CA ARG A 499 -30.64 28.41 -1.46
C ARG A 499 -31.64 28.55 -0.32
N ASP A 500 -32.61 29.43 -0.49
CA ASP A 500 -33.54 29.73 0.59
C ASP A 500 -34.77 28.81 0.46
N THR A 501 -35.87 29.19 1.09
CA THR A 501 -37.11 28.44 0.94
C THR A 501 -37.69 28.55 -0.47
N SER A 502 -37.56 29.72 -1.09
CA SER A 502 -38.11 29.94 -2.43
C SER A 502 -37.11 29.61 -3.53
N GLY A 503 -35.97 29.03 -3.19
CA GLY A 503 -34.99 28.62 -4.19
C GLY A 503 -34.05 29.72 -4.63
N GLN A 504 -34.10 30.89 -4.04
CA GLN A 504 -33.20 31.97 -4.40
C GLN A 504 -31.82 31.75 -3.77
N ARG A 505 -30.80 32.09 -4.54
N ARG A 505 -30.79 32.07 -4.55
CA ARG A 505 -29.43 31.91 -4.07
CA ARG A 505 -29.41 31.95 -4.10
C ARG A 505 -29.06 32.98 -3.05
C ARG A 505 -29.06 32.98 -3.04
N ARG A 506 -28.22 32.59 -2.09
CA ARG A 506 -27.77 33.47 -1.04
C ARG A 506 -26.31 33.17 -0.75
N THR A 507 -25.52 34.24 -0.59
CA THR A 507 -24.09 34.12 -0.30
C THR A 507 -23.82 34.76 1.05
N ASN A 508 -23.22 34.00 1.96
CA ASN A 508 -23.05 34.40 3.35
C ASN A 508 -21.58 34.54 3.68
N LEU A 509 -21.24 35.67 4.32
CA LEU A 509 -19.93 35.92 4.89
C LEU A 509 -20.05 35.81 6.40
N TYR A 510 -19.18 35.02 7.01
CA TYR A 510 -19.15 34.84 8.45
C TYR A 510 -18.00 35.58 9.10
N GLY A 511 -17.17 36.24 8.32
CA GLY A 511 -15.95 36.81 8.82
C GLY A 511 -14.80 36.40 7.95
N PHE A 512 -13.61 36.53 8.47
CA PHE A 512 -12.40 36.40 7.67
C PHE A 512 -11.39 35.54 8.39
N ILE A 513 -10.41 35.10 7.61
CA ILE A 513 -9.24 34.38 8.10
C ILE A 513 -8.02 35.03 7.46
N ILE A 514 -7.04 35.40 8.26
CA ILE A 514 -5.76 35.88 7.74
C ILE A 514 -4.75 34.75 7.90
N LYS A 515 -4.33 34.18 6.77
CA LYS A 515 -3.37 33.10 6.78
C LYS A 515 -1.98 33.65 7.02
N GLY A 516 -1.17 32.93 7.80
CA GLY A 516 0.22 33.24 7.96
C GLY A 516 1.07 32.55 6.92
N ARG A 517 2.38 32.54 7.17
CA ARG A 517 3.34 31.83 6.34
C ARG A 517 3.05 30.33 6.33
N SER A 518 3.17 29.71 5.17
CA SER A 518 2.78 28.32 4.98
C SER A 518 3.82 27.57 4.16
N HIS A 519 4.97 27.30 4.77
CA HIS A 519 6.01 26.48 4.17
C HIS A 519 5.91 25.09 4.80
N LEU A 520 4.91 24.34 4.34
CA LEU A 520 4.51 23.09 4.96
C LEU A 520 5.26 21.93 4.33
N ARG A 521 6.12 21.27 5.11
CA ARG A 521 6.89 20.13 4.62
C ARG A 521 6.43 18.82 5.21
N ASN A 522 6.26 18.74 6.53
CA ASN A 522 5.67 17.54 7.11
C ASN A 522 4.15 17.58 6.95
N ASP A 523 3.52 16.43 7.21
CA ASP A 523 2.06 16.35 7.19
C ASP A 523 1.44 17.12 8.33
N THR A 524 2.09 17.14 9.49
CA THR A 524 1.59 17.80 10.68
C THR A 524 2.03 19.24 10.80
N ASP A 525 2.69 19.80 9.78
CA ASP A 525 3.20 21.17 9.85
C ASP A 525 2.07 22.18 9.93
N VAL A 526 2.12 23.04 10.94
CA VAL A 526 1.07 24.00 11.21
C VAL A 526 1.24 25.22 10.31
N VAL A 527 0.16 25.66 9.70
CA VAL A 527 0.03 27.04 9.25
C VAL A 527 -0.83 27.77 10.27
N ASN A 528 -0.27 28.83 10.83
CA ASN A 528 -1.02 29.69 11.74
C ASN A 528 -1.91 30.61 10.93
N PHE A 529 -3.09 30.89 11.47
CA PHE A 529 -3.97 31.86 10.88
C PHE A 529 -4.65 32.62 12.01
N ILE A 530 -5.34 33.67 11.63
CA ILE A 530 -6.16 34.44 12.56
C ILE A 530 -7.58 34.36 12.03
N SER A 531 -8.51 33.98 12.89
CA SER A 531 -9.91 34.07 12.52
C SER A 531 -10.55 35.26 13.19
N LEU A 532 -11.40 35.96 12.44
CA LEU A 532 -12.17 37.10 12.92
C LEU A 532 -13.61 36.88 12.48
N GLU A 533 -14.49 36.59 13.43
CA GLU A 533 -15.81 36.07 13.11
C GLU A 533 -16.91 36.92 13.73
N PHE A 534 -17.90 37.24 12.93
CA PHE A 534 -19.06 37.99 13.40
C PHE A 534 -19.92 37.16 14.34
N SER A 535 -20.49 37.83 15.33
CA SER A 535 -21.39 37.16 16.24
C SER A 535 -22.35 38.17 16.87
N LEU A 536 -23.50 37.67 17.31
CA LEU A 536 -24.39 38.41 18.17
C LEU A 536 -24.36 37.91 19.61
N THR A 537 -23.55 36.92 19.90
CA THR A 537 -23.46 36.33 21.24
C THR A 537 -22.51 37.16 22.09
N ASP A 538 -23.02 37.69 23.19
CA ASP A 538 -22.17 38.36 24.18
C ASP A 538 -21.27 37.33 24.85
N PRO A 539 -19.94 37.46 24.76
CA PRO A 539 -19.06 36.47 25.37
C PRO A 539 -19.01 36.52 26.88
N ARG A 540 -19.45 37.62 27.49
CA ARG A 540 -19.34 37.78 28.93
C ARG A 540 -20.36 36.95 29.69
N ASN A 541 -21.26 36.26 29.01
CA ASN A 541 -22.27 35.44 29.66
C ASN A 541 -21.89 33.97 29.75
N GLU A 542 -20.74 33.58 29.20
CA GLU A 542 -20.24 32.21 29.27
C GLU A 542 -18.76 32.24 28.97
N ILE A 543 -17.96 32.79 29.88
CA ILE A 543 -16.63 33.26 29.50
C ILE A 543 -15.62 32.13 29.38
N HIS A 544 -15.84 31.00 30.08
CA HIS A 544 -14.94 29.85 29.97
C HIS A 544 -14.98 29.20 28.60
N LYS A 545 -16.06 29.39 27.85
CA LYS A 545 -16.12 28.94 26.46
C LYS A 545 -15.14 29.71 25.58
N TRP A 546 -14.79 30.94 25.95
CA TRP A 546 -14.08 31.79 25.02
C TRP A 546 -12.67 32.13 25.46
N GLU A 547 -11.92 31.13 25.89
CA GLU A 547 -10.63 31.35 26.54
C GLU A 547 -9.57 31.85 25.57
N LYS A 548 -9.57 31.33 24.34
CA LYS A 548 -8.56 31.67 23.36
C LYS A 548 -8.89 32.91 22.56
N TYR A 549 -10.06 33.51 22.77
CA TYR A 549 -10.56 34.59 21.94
C TYR A 549 -10.29 35.94 22.59
N CYS A 550 -10.08 36.94 21.75
CA CYS A 550 -10.26 38.33 22.12
C CYS A 550 -11.50 38.80 21.38
N VAL A 551 -12.54 39.14 22.11
CA VAL A 551 -13.78 39.58 21.49
C VAL A 551 -13.85 41.10 21.56
N LEU A 552 -13.99 41.70 20.38
CA LEU A 552 -14.22 43.11 20.17
C LEU A 552 -15.70 43.36 19.95
N GLU A 553 -16.12 44.58 20.19
CA GLU A 553 -17.47 45.04 19.83
C GLU A 553 -17.31 45.99 18.65
N ILE A 554 -17.84 45.59 17.51
CA ILE A 554 -17.58 46.30 16.26
C ILE A 554 -18.81 46.97 15.68
N GLY A 555 -19.99 46.66 16.16
CA GLY A 555 -21.12 47.32 15.54
C GLY A 555 -22.40 47.23 16.33
N ASP A 556 -23.48 47.70 15.70
CA ASP A 556 -24.83 47.60 16.19
C ASP A 556 -25.73 47.26 15.02
N MET A 557 -26.72 46.39 15.26
CA MET A 557 -27.59 45.89 14.21
C MET A 557 -29.02 45.79 14.73
N GLU A 558 -29.98 46.23 13.93
CA GLU A 558 -31.38 46.18 14.31
C GLU A 558 -31.94 44.77 14.08
N ILE A 559 -32.46 44.17 15.14
CA ILE A 559 -33.08 42.85 15.07
C ILE A 559 -34.57 43.04 15.33
N ARG A 560 -35.38 42.63 14.36
CA ARG A 560 -36.84 42.78 14.41
C ARG A 560 -37.46 41.41 14.65
N THR A 561 -38.08 41.24 15.81
CA THR A 561 -38.74 40.01 16.22
C THR A 561 -40.25 40.22 16.21
N SER A 562 -40.96 39.51 17.09
CA SER A 562 -42.37 39.77 17.35
C SER A 562 -42.62 40.46 18.69
N ILE A 563 -41.67 40.37 19.62
CA ILE A 563 -41.75 41.09 20.88
C ILE A 563 -41.52 42.58 20.61
N SER A 564 -40.26 42.94 20.33
CA SER A 564 -39.88 44.31 20.04
C SER A 564 -38.54 44.30 19.33
N THR A 565 -38.42 45.10 18.27
CA THR A 565 -37.16 45.26 17.58
C THR A 565 -36.19 46.06 18.45
N ILE A 566 -34.94 45.62 18.50
CA ILE A 566 -33.93 46.28 19.31
C ILE A 566 -32.65 46.44 18.49
N MET A 567 -31.64 47.01 19.14
CA MET A 567 -30.32 47.21 18.55
C MET A 567 -29.35 46.31 19.31
N LYS A 568 -28.98 45.20 18.69
CA LYS A 568 -28.02 44.34 19.37
C LYS A 568 -26.60 44.73 18.97
N PRO A 569 -25.65 44.63 19.90
CA PRO A 569 -24.25 44.79 19.51
C PRO A 569 -23.79 43.64 18.64
N VAL A 570 -22.95 43.98 17.67
CA VAL A 570 -22.29 43.02 16.81
C VAL A 570 -20.86 42.89 17.31
N TYR A 571 -20.49 41.68 17.69
CA TYR A 571 -19.18 41.36 18.21
C TYR A 571 -18.33 40.70 17.13
N LEU A 572 -17.02 40.77 17.33
CA LEU A 572 -16.06 40.11 16.48
C LEU A 572 -15.17 39.24 17.35
N TYR A 573 -15.24 37.94 17.14
CA TYR A 573 -14.45 36.96 17.86
C TYR A 573 -13.14 36.76 17.10
N VAL A 574 -12.04 37.16 17.70
CA VAL A 574 -10.74 37.11 17.06
C VAL A 574 -9.87 36.13 17.84
N ARG A 575 -9.24 35.22 17.12
CA ARG A 575 -8.30 34.32 17.77
C ARG A 575 -7.24 33.89 16.79
N THR A 576 -6.06 33.56 17.31
CA THR A 576 -5.08 32.82 16.54
C THR A 576 -5.45 31.35 16.58
N ASN A 577 -5.51 30.71 15.42
CA ASN A 577 -5.68 29.28 15.37
C ASN A 577 -4.65 28.71 14.41
N GLY A 578 -4.59 27.40 14.30
CA GLY A 578 -3.63 26.77 13.43
C GLY A 578 -4.20 25.50 12.87
N THR A 579 -3.83 25.20 11.63
CA THR A 579 -4.28 23.96 11.02
C THR A 579 -3.11 23.33 10.29
N SER A 580 -3.28 22.09 9.87
CA SER A 580 -2.26 21.42 9.08
C SER A 580 -2.91 20.86 7.83
N LYS A 581 -2.09 20.24 6.97
CA LYS A 581 -2.57 19.73 5.71
C LYS A 581 -3.44 18.50 5.88
N ILE A 582 -3.17 17.67 6.88
CA ILE A 582 -4.04 16.52 7.10
C ILE A 582 -5.38 16.97 7.67
N LYS A 583 -5.37 18.01 8.51
CA LYS A 583 -6.61 18.56 9.01
C LYS A 583 -7.38 19.27 7.90
N MET A 584 -6.68 19.96 7.00
CA MET A 584 -7.35 20.59 5.86
C MET A 584 -7.90 19.54 4.90
N LYS A 585 -7.18 18.43 4.74
CA LYS A 585 -7.63 17.35 3.87
C LYS A 585 -8.89 16.70 4.41
N TRP A 586 -8.92 16.44 5.72
CA TRP A 586 -10.12 15.83 6.30
C TRP A 586 -11.25 16.82 6.46
N GLY A 587 -10.96 18.12 6.52
CA GLY A 587 -12.03 19.11 6.52
C GLY A 587 -12.66 19.31 5.16
N MET A 588 -11.88 19.15 4.08
CA MET A 588 -12.44 19.20 2.74
C MET A 588 -13.34 18.02 2.44
N GLU A 589 -13.15 16.88 3.11
CA GLU A 589 -13.90 15.67 2.84
C GLU A 589 -15.07 15.47 3.79
N MET A 590 -15.61 16.55 4.35
CA MET A 590 -16.61 16.44 5.40
C MET A 590 -18.00 16.09 4.88
N ARG A 591 -18.25 16.20 3.57
CA ARG A 591 -19.53 15.76 3.01
C ARG A 591 -19.71 14.24 3.10
N ARG A 592 -18.62 13.49 3.29
CA ARG A 592 -18.72 12.06 3.58
C ARG A 592 -19.38 11.78 4.93
N CYS A 593 -19.45 12.78 5.82
CA CYS A 593 -20.27 12.69 7.02
C CYS A 593 -21.71 12.36 6.69
N LEU A 594 -22.22 12.93 5.59
CA LEU A 594 -23.57 12.65 5.12
C LEU A 594 -23.78 11.18 4.81
N LEU A 595 -22.71 10.47 4.41
CA LEU A 595 -22.87 9.04 4.15
C LEU A 595 -23.02 8.27 5.45
N GLN A 596 -22.21 8.61 6.47
CA GLN A 596 -22.16 7.81 7.70
C GLN A 596 -23.48 7.86 8.44
N SER A 597 -24.14 9.02 8.43
CA SER A 597 -25.48 9.14 8.95
C SER A 597 -26.46 8.28 8.16
N LEU A 598 -26.54 8.52 6.84
CA LEU A 598 -27.70 8.06 6.10
C LEU A 598 -27.66 6.56 5.85
N GLN A 599 -26.46 6.01 5.67
CA GLN A 599 -26.29 4.57 5.58
C GLN A 599 -26.78 3.89 6.85
N GLN A 600 -26.56 4.50 8.01
CA GLN A 600 -27.09 3.92 9.24
C GLN A 600 -28.60 3.97 9.24
N VAL A 601 -29.17 5.12 8.85
CA VAL A 601 -30.61 5.30 8.89
C VAL A 601 -31.30 4.36 7.91
N GLU A 602 -30.77 4.29 6.69
CA GLU A 602 -31.30 3.42 5.65
C GLU A 602 -31.26 1.95 6.08
N SER A 603 -30.20 1.57 6.83
CA SER A 603 -30.10 0.19 7.25
C SER A 603 -31.20 -0.17 8.23
N MET A 604 -31.58 0.79 9.09
CA MET A 604 -32.72 0.59 9.97
C MET A 604 -34.01 0.47 9.16
N ILE A 605 -34.16 1.32 8.15
CA ILE A 605 -35.31 1.22 7.26
C ILE A 605 -35.29 -0.08 6.50
N GLU A 606 -34.10 -0.60 6.20
CA GLU A 606 -34.04 -1.85 5.48
C GLU A 606 -34.39 -3.02 6.39
N ALA A 607 -34.05 -2.91 7.68
CA ALA A 607 -34.23 -4.05 8.58
C ALA A 607 -35.71 -4.33 8.81
N GLU A 608 -36.47 -3.27 9.11
CA GLU A 608 -37.92 -3.36 9.17
C GLU A 608 -38.51 -3.76 7.82
N SER A 609 -37.89 -3.33 6.72
CA SER A 609 -38.36 -3.74 5.39
C SER A 609 -38.20 -5.22 5.18
N ALA A 610 -37.19 -5.84 5.81
CA ALA A 610 -37.06 -7.28 5.71
C ALA A 610 -38.13 -8.00 6.50
N VAL A 611 -38.65 -7.39 7.57
CA VAL A 611 -39.63 -8.06 8.41
C VAL A 611 -41.03 -7.92 7.85
N LYS A 612 -41.40 -6.72 7.43
CA LYS A 612 -42.74 -6.45 6.95
C LYS A 612 -42.96 -6.90 5.51
N GLU A 613 -41.89 -7.34 4.83
CA GLU A 613 -41.91 -7.79 3.42
C GLU A 613 -42.39 -6.70 2.47
N LYS A 614 -42.14 -5.44 2.79
CA LYS A 614 -42.48 -4.33 1.91
C LYS A 614 -41.56 -3.17 2.25
N ASP A 615 -41.53 -2.18 1.37
CA ASP A 615 -40.70 -0.99 1.57
C ASP A 615 -41.27 -0.14 2.69
N MET A 616 -40.47 0.08 3.74
CA MET A 616 -40.91 0.77 4.93
C MET A 616 -40.46 2.22 4.96
N THR A 617 -40.02 2.77 3.82
CA THR A 617 -39.54 4.15 3.78
C THR A 617 -40.67 5.14 4.02
N GLU A 618 -41.75 5.00 3.29
CA GLU A 618 -42.89 5.89 3.45
C GLU A 618 -43.62 5.74 4.79
N PRO A 619 -43.82 4.54 5.38
CA PRO A 619 -44.31 4.53 6.77
C PRO A 619 -43.32 5.04 7.80
N PHE A 620 -42.01 4.97 7.55
CA PHE A 620 -41.08 5.55 8.50
C PHE A 620 -41.06 7.07 8.43
N PHE A 621 -41.26 7.65 7.26
CA PHE A 621 -41.18 9.10 7.12
C PHE A 621 -42.54 9.79 7.14
N ARG A 622 -43.64 9.06 7.04
CA ARG A 622 -44.96 9.68 7.04
C ARG A 622 -45.72 9.45 8.33
N ASN A 623 -45.66 8.25 8.89
CA ASN A 623 -46.36 7.94 10.13
C ASN A 623 -45.59 8.55 11.28
N ARG A 624 -45.96 9.78 11.63
CA ARG A 624 -45.36 10.50 12.75
C ARG A 624 -45.71 9.79 14.04
N GLU A 625 -44.70 9.22 14.71
CA GLU A 625 -44.94 8.41 15.89
C GLU A 625 -44.01 8.68 17.06
N ASN A 626 -42.88 9.37 16.86
CA ASN A 626 -41.76 9.48 17.79
C ASN A 626 -41.32 8.09 18.26
N ASP A 627 -40.48 7.44 17.47
CA ASP A 627 -40.25 6.01 17.63
C ASP A 627 -38.82 5.66 18.03
N TRP A 628 -37.99 6.66 18.29
CA TRP A 628 -36.59 6.37 18.60
C TRP A 628 -36.07 7.26 19.72
N PRO A 629 -35.49 6.67 20.77
CA PRO A 629 -34.92 7.47 21.87
C PRO A 629 -33.70 8.25 21.38
N ILE A 630 -33.75 9.57 21.57
CA ILE A 630 -32.64 10.39 21.10
C ILE A 630 -32.31 11.48 22.09
N GLY A 631 -33.03 11.53 23.21
CA GLY A 631 -32.93 12.69 24.06
C GLY A 631 -33.39 12.42 25.47
N GLU A 632 -32.98 13.31 26.36
CA GLU A 632 -33.33 13.25 27.77
C GLU A 632 -33.81 14.64 28.17
N SER A 633 -35.07 14.75 28.49
CA SER A 633 -35.65 15.95 29.09
C SER A 633 -35.69 15.71 30.59
N PRO A 634 -36.14 16.67 31.42
CA PRO A 634 -36.48 16.31 32.81
C PRO A 634 -37.66 15.36 32.93
N GLN A 635 -38.53 15.27 31.93
CA GLN A 635 -39.59 14.27 31.93
C GLN A 635 -39.09 12.87 31.59
N GLY A 636 -37.84 12.73 31.16
CA GLY A 636 -37.30 11.42 30.87
C GLY A 636 -36.81 11.25 29.45
N ILE A 637 -36.81 10.00 28.98
CA ILE A 637 -36.25 9.67 27.68
C ILE A 637 -37.16 10.19 26.57
N GLU A 638 -36.60 11.00 25.68
CA GLU A 638 -37.36 11.63 24.63
C GLU A 638 -37.26 10.83 23.33
N LYS A 639 -38.38 10.76 22.62
CA LYS A 639 -38.45 10.04 21.37
C LYS A 639 -38.61 11.01 20.20
N GLY A 640 -38.08 10.60 19.06
CA GLY A 640 -38.15 11.41 17.86
C GLY A 640 -38.33 10.53 16.63
N THR A 641 -38.69 11.19 15.52
CA THR A 641 -38.95 10.50 14.27
C THR A 641 -37.66 10.02 13.63
N ILE A 642 -37.79 9.35 12.48
CA ILE A 642 -36.63 8.87 11.75
C ILE A 642 -35.83 10.02 11.13
N GLY A 643 -36.45 11.17 10.92
CA GLY A 643 -35.77 12.32 10.34
C GLY A 643 -34.92 13.04 11.36
N LYS A 644 -35.45 13.12 12.59
CA LYS A 644 -34.64 13.58 13.71
C LYS A 644 -33.45 12.66 13.94
N VAL A 645 -33.64 11.36 13.73
CA VAL A 645 -32.52 10.42 13.85
C VAL A 645 -31.49 10.66 12.76
N CYS A 646 -31.94 10.97 11.53
CA CYS A 646 -31.04 11.38 10.46
C CYS A 646 -30.19 12.57 10.86
N ARG A 647 -30.83 13.61 11.39
CA ARG A 647 -30.12 14.83 11.74
C ARG A 647 -29.20 14.66 12.95
N VAL A 648 -29.59 13.81 13.91
CA VAL A 648 -28.77 13.58 15.10
C VAL A 648 -27.52 12.76 14.74
N LEU A 649 -27.67 11.73 13.91
CA LEU A 649 -26.51 10.98 13.48
C LEU A 649 -25.61 11.79 12.56
N LEU A 650 -26.20 12.71 11.78
CA LEU A 650 -25.41 13.61 10.96
C LEU A 650 -24.60 14.56 11.83
N ALA A 651 -25.22 15.15 12.85
CA ALA A 651 -24.50 16.04 13.76
C ALA A 651 -23.43 15.30 14.54
N LYS A 652 -23.65 14.01 14.83
CA LYS A 652 -22.63 13.19 15.47
C LYS A 652 -21.41 13.00 14.57
N SER A 653 -21.63 12.66 13.29
CA SER A 653 -20.51 12.54 12.34
C SER A 653 -19.79 13.88 12.15
N VAL A 654 -20.55 14.96 12.01
CA VAL A 654 -19.97 16.30 11.84
C VAL A 654 -19.13 16.70 13.04
N PHE A 655 -19.58 16.36 14.25
CA PHE A 655 -18.82 16.71 15.44
C PHE A 655 -17.64 15.77 15.66
N ASN A 656 -17.72 14.52 15.16
CA ASN A 656 -16.54 13.66 15.12
C ASN A 656 -15.48 14.22 14.19
N SER A 657 -15.89 14.90 13.12
CA SER A 657 -14.93 15.50 12.21
C SER A 657 -14.36 16.81 12.74
N ILE A 658 -15.21 17.68 13.30
CA ILE A 658 -14.78 18.99 13.78
C ILE A 658 -13.86 18.85 14.99
N TYR A 659 -14.20 17.95 15.91
CA TYR A 659 -13.42 17.75 17.13
C TYR A 659 -12.65 16.45 17.11
N ALA A 660 -12.04 16.08 16.00
CA ALA A 660 -11.28 14.85 15.93
C ALA A 660 -10.00 14.97 16.75
N SER A 661 -9.68 13.91 17.48
CA SER A 661 -8.52 13.88 18.36
C SER A 661 -8.21 12.44 18.68
N ALA A 662 -7.01 12.22 19.23
CA ALA A 662 -6.62 10.88 19.67
C ALA A 662 -7.45 10.45 20.87
N GLN A 663 -7.89 11.40 21.69
CA GLN A 663 -8.76 11.13 22.83
C GLN A 663 -10.06 10.49 22.38
N LEU A 664 -10.62 10.99 21.27
CA LEU A 664 -11.84 10.42 20.72
C LEU A 664 -11.62 9.02 20.17
N GLU A 665 -10.47 8.79 19.53
CA GLU A 665 -10.13 7.48 19.00
C GLU A 665 -10.01 6.44 20.12
N GLY A 666 -9.24 6.78 21.16
CA GLY A 666 -9.09 5.88 22.29
C GLY A 666 -10.39 5.64 23.03
N PHE A 667 -11.21 6.69 23.17
CA PHE A 667 -12.46 6.55 23.89
C PHE A 667 -13.46 5.70 23.14
N SER A 668 -13.63 5.94 21.83
CA SER A 668 -14.55 5.16 21.02
C SER A 668 -14.16 3.69 21.00
N ALA A 669 -12.85 3.41 20.86
CA ALA A 669 -12.38 2.04 20.84
C ALA A 669 -12.63 1.33 22.17
N GLU A 670 -12.30 1.98 23.29
CA GLU A 670 -12.42 1.27 24.54
C GLU A 670 -13.83 1.27 25.13
N SER A 671 -14.67 2.24 24.81
CA SER A 671 -16.04 2.21 25.28
C SER A 671 -16.95 1.37 24.39
N ARG A 672 -16.48 1.01 23.18
CA ARG A 672 -17.22 0.08 22.35
C ARG A 672 -17.32 -1.29 23.02
N LYS A 673 -16.27 -1.70 23.73
CA LYS A 673 -16.29 -2.99 24.45
C LYS A 673 -17.31 -2.99 25.58
N LEU A 674 -17.44 -1.87 26.29
CA LEU A 674 -18.43 -1.78 27.35
C LEU A 674 -19.84 -1.76 26.79
N LEU A 675 -20.04 -1.10 25.65
CA LEU A 675 -21.32 -1.16 24.96
C LEU A 675 -21.67 -2.58 24.53
N LEU A 676 -20.67 -3.34 24.08
CA LEU A 676 -20.91 -4.71 23.65
C LEU A 676 -21.19 -5.64 24.83
N LEU A 677 -20.55 -5.39 25.98
CA LEU A 677 -20.87 -6.17 27.19
C LEU A 677 -22.28 -5.88 27.69
N ILE A 678 -22.71 -4.62 27.62
CA ILE A 678 -24.08 -4.28 27.96
C ILE A 678 -25.06 -4.95 27.01
N GLN A 679 -24.73 -4.98 25.71
CA GLN A 679 -25.59 -5.62 24.72
C GLN A 679 -25.67 -7.13 24.94
N ALA A 680 -24.57 -7.76 25.33
CA ALA A 680 -24.59 -9.19 25.61
C ALA A 680 -25.34 -9.50 26.89
N PHE A 681 -25.39 -8.56 27.84
CA PHE A 681 -26.29 -8.74 28.98
C PHE A 681 -27.74 -8.68 28.56
N ARG A 682 -28.11 -7.69 27.74
CA ARG A 682 -29.50 -7.57 27.33
C ARG A 682 -29.93 -8.66 26.35
N ASP A 683 -28.97 -9.30 25.67
CA ASP A 683 -29.26 -10.46 24.85
C ASP A 683 -29.38 -11.74 25.67
N ASN A 684 -29.21 -11.65 26.99
CA ASN A 684 -29.17 -12.78 27.94
C ASN A 684 -28.13 -13.81 27.52
N LEU A 685 -26.94 -13.31 27.20
CA LEU A 685 -25.83 -14.15 26.80
C LEU A 685 -24.79 -14.29 27.89
N ASP A 686 -25.11 -13.89 29.12
CA ASP A 686 -24.34 -14.09 30.34
C ASP A 686 -22.91 -13.56 30.25
N PRO A 687 -22.71 -12.25 30.07
CA PRO A 687 -21.37 -11.77 29.75
C PRO A 687 -20.46 -11.71 30.98
N GLY A 688 -19.19 -11.92 30.73
CA GLY A 688 -18.21 -11.92 31.79
C GLY A 688 -16.99 -11.13 31.37
N THR A 689 -16.31 -10.59 32.37
CA THR A 689 -15.04 -9.89 32.16
C THR A 689 -13.93 -10.63 32.90
N PHE A 690 -12.71 -10.27 32.57
CA PHE A 690 -11.54 -10.71 33.32
C PHE A 690 -10.88 -9.59 34.09
N ASP A 691 -11.10 -8.33 33.70
CA ASP A 691 -10.51 -7.17 34.35
C ASP A 691 -11.32 -5.93 34.03
N LEU A 692 -12.48 -5.76 34.68
CA LEU A 692 -13.38 -4.65 34.36
C LEU A 692 -12.81 -3.31 34.83
N LYS A 693 -12.07 -3.32 35.94
CA LYS A 693 -11.44 -2.10 36.45
C LYS A 693 -10.37 -1.60 35.49
N GLY A 694 -9.61 -2.51 34.90
CA GLY A 694 -8.62 -2.13 33.91
C GLY A 694 -9.23 -1.59 32.64
N LEU A 695 -10.41 -2.09 32.26
CA LEU A 695 -11.13 -1.54 31.12
C LEU A 695 -11.65 -0.13 31.41
N TYR A 696 -12.13 0.10 32.64
CA TYR A 696 -12.54 1.45 33.05
C TYR A 696 -11.36 2.41 33.07
N GLU A 697 -10.18 1.92 33.44
CA GLU A 697 -8.99 2.75 33.40
C GLU A 697 -8.54 3.04 31.98
N ALA A 698 -8.76 2.10 31.06
CA ALA A 698 -8.44 2.36 29.66
C ALA A 698 -9.42 3.35 29.05
N ILE A 699 -10.67 3.35 29.49
CA ILE A 699 -11.64 4.32 28.98
C ILE A 699 -11.36 5.71 29.55
N GLU A 700 -11.12 5.79 30.86
CA GLU A 700 -10.92 7.08 31.50
C GLU A 700 -9.53 7.66 31.30
N GLU A 701 -8.59 6.89 30.75
CA GLU A 701 -7.31 7.44 30.35
C GLU A 701 -7.46 8.42 29.19
N CYS A 702 -8.48 8.23 28.37
CA CYS A 702 -8.70 8.99 27.16
C CYS A 702 -9.56 10.22 27.36
N ILE A 703 -10.17 10.40 28.52
CA ILE A 703 -11.05 11.54 28.75
C ILE A 703 -10.20 12.60 29.45
N ILE A 704 -9.65 13.53 28.68
CA ILE A 704 -8.66 14.46 29.21
C ILE A 704 -9.19 15.89 29.19
N ASN A 705 -9.32 16.50 28.01
CA ASN A 705 -9.77 17.87 27.99
C ASN A 705 -10.62 18.24 26.78
N ASP A 706 -10.73 17.34 25.82
CA ASP A 706 -11.51 17.62 24.62
C ASP A 706 -13.00 17.66 24.97
N PRO A 707 -13.71 18.73 24.61
CA PRO A 707 -15.12 18.86 24.99
C PRO A 707 -16.02 17.81 24.38
N TRP A 708 -15.70 17.34 23.18
CA TRP A 708 -16.54 16.36 22.52
C TRP A 708 -16.33 14.97 23.12
N VAL A 709 -15.10 14.66 23.53
CA VAL A 709 -14.84 13.43 24.28
C VAL A 709 -15.51 13.47 25.65
N LEU A 710 -15.50 14.64 26.29
CA LEU A 710 -16.18 14.81 27.58
C LEU A 710 -17.69 14.65 27.44
N LEU A 711 -18.26 15.21 26.39
CA LEU A 711 -19.68 15.05 26.14
C LEU A 711 -20.04 13.61 25.80
N ASN A 712 -19.17 12.90 25.11
CA ASN A 712 -19.45 11.50 24.81
C ASN A 712 -19.34 10.61 26.03
N ALA A 713 -18.41 10.90 26.94
CA ALA A 713 -18.35 10.18 28.21
C ALA A 713 -19.60 10.42 29.05
N SER A 714 -20.07 11.67 29.08
CA SER A 714 -21.33 11.98 29.74
C SER A 714 -22.53 11.28 29.08
N TRP A 715 -22.53 11.19 27.74
CA TRP A 715 -23.60 10.50 27.02
C TRP A 715 -23.62 9.01 27.31
N PHE A 716 -22.44 8.39 27.43
CA PHE A 716 -22.37 7.00 27.84
C PHE A 716 -22.92 6.80 29.23
N ASN A 717 -22.58 7.69 30.17
CA ASN A 717 -23.12 7.60 31.53
C ASN A 717 -24.65 7.72 31.53
N SER A 718 -25.18 8.58 30.67
CA SER A 718 -26.64 8.72 30.57
C SER A 718 -27.28 7.48 29.96
N PHE A 719 -26.63 6.88 28.97
CA PHE A 719 -27.16 5.64 28.38
C PHE A 719 -27.12 4.50 29.38
N LEU A 720 -26.06 4.42 30.18
CA LEU A 720 -25.94 3.38 31.19
C LEU A 720 -27.03 3.52 32.25
N LYS A 721 -27.31 4.75 32.68
CA LYS A 721 -28.40 5.00 33.61
C LYS A 721 -29.75 4.65 33.02
N ALA A 722 -29.96 4.96 31.74
CA ALA A 722 -31.23 4.62 31.10
C ALA A 722 -31.41 3.11 30.96
N VAL A 723 -30.32 2.39 30.71
CA VAL A 723 -30.35 0.93 30.65
C VAL A 723 -30.68 0.34 32.03
N GLN A 724 -30.07 0.88 33.09
CA GLN A 724 -30.35 0.40 34.43
C GLN A 724 -31.77 0.72 34.87
N LEU A 725 -32.32 1.87 34.45
CA LEU A 725 -33.69 2.18 34.78
C LEU A 725 -34.67 1.32 34.01
N SER A 726 -34.31 0.88 32.81
CA SER A 726 -35.16 -0.04 32.08
C SER A 726 -35.10 -1.47 32.62
N MET A 727 -34.31 -1.73 33.66
CA MET A 727 -34.26 -3.02 34.34
C MET A 727 -34.76 -2.93 35.77
N GLY A 728 -35.45 -1.85 36.13
CA GLY A 728 -35.96 -1.68 37.48
C GLY A 728 -37.18 -2.54 37.77
N MET B 10 -34.95 19.33 25.83
CA MET B 10 -34.38 18.04 25.48
C MET B 10 -32.92 18.15 25.08
N ASP B 11 -32.06 17.50 25.86
CA ASP B 11 -30.65 17.36 25.50
C ASP B 11 -30.50 16.10 24.68
N VAL B 12 -29.95 16.24 23.48
CA VAL B 12 -29.91 15.15 22.53
C VAL B 12 -28.77 14.21 22.85
N ASN B 13 -29.07 12.92 22.95
CA ASN B 13 -28.07 11.88 23.16
C ASN B 13 -28.19 10.84 22.05
N PRO B 14 -27.20 10.71 21.18
CA PRO B 14 -27.25 9.67 20.14
C PRO B 14 -27.19 8.25 20.69
N MET B 15 -26.50 8.02 21.81
CA MET B 15 -26.36 6.67 22.35
C MET B 15 -27.67 6.06 22.86
N LEU B 16 -28.71 6.87 23.05
CA LEU B 16 -30.00 6.33 23.42
C LEU B 16 -30.67 5.57 22.29
N ILE B 17 -30.18 5.68 21.05
CA ILE B 17 -30.63 4.81 19.97
C ILE B 17 -30.24 3.36 20.26
N PHE B 18 -29.20 3.14 21.07
CA PHE B 18 -28.88 1.80 21.53
C PHE B 18 -29.92 1.21 22.48
N LEU B 19 -30.82 2.02 23.03
CA LEU B 19 -31.93 1.49 23.83
C LEU B 19 -32.91 0.71 22.97
N LYS B 20 -33.02 1.06 21.69
CA LYS B 20 -33.92 0.38 20.77
C LYS B 20 -33.20 -0.50 19.76
N VAL B 21 -32.09 -0.02 19.20
CA VAL B 21 -31.35 -0.76 18.19
C VAL B 21 -30.21 -1.50 18.88
N PRO B 22 -30.02 -2.79 18.62
CA PRO B 22 -28.86 -3.50 19.18
C PRO B 22 -27.55 -2.91 18.68
N VAL B 23 -26.51 -3.09 19.49
CA VAL B 23 -25.26 -2.36 19.34
C VAL B 23 -24.55 -2.72 18.05
N GLN B 24 -24.57 -4.00 17.67
CA GLN B 24 -23.94 -4.42 16.41
C GLN B 24 -24.69 -3.88 15.20
N ASN B 25 -25.98 -3.66 15.32
CA ASN B 25 -26.77 -3.11 14.23
C ASN B 25 -26.61 -1.60 14.06
N ALA B 26 -25.95 -0.91 15.00
CA ALA B 26 -25.64 0.50 14.89
C ALA B 26 -24.17 0.76 15.20
N ILE B 27 -23.32 -0.23 14.95
CA ILE B 27 -21.92 -0.18 15.35
C ILE B 27 -21.14 0.88 14.59
N SER B 28 -21.64 1.31 13.42
CA SER B 28 -21.03 2.40 12.67
C SER B 28 -21.08 3.72 13.42
N THR B 29 -22.01 3.88 14.35
CA THR B 29 -22.03 5.11 15.14
C THR B 29 -20.99 5.11 16.25
N THR B 30 -20.18 4.07 16.38
CA THR B 30 -19.10 4.02 17.34
C THR B 30 -17.73 4.18 16.71
N PHE B 31 -17.66 4.43 15.40
CA PHE B 31 -16.39 4.58 14.69
C PHE B 31 -16.27 5.99 14.13
N PRO B 32 -15.54 6.88 14.76
CA PRO B 32 -15.46 8.28 14.28
C PRO B 32 -14.46 8.46 13.15
N TYR B 33 -14.75 7.87 12.00
CA TYR B 33 -13.78 7.76 10.92
C TYR B 33 -13.95 8.83 9.85
N THR B 34 -14.76 9.85 10.12
CA THR B 34 -14.85 11.02 9.26
C THR B 34 -13.85 12.10 9.63
N GLY B 35 -13.25 12.03 10.80
CA GLY B 35 -12.23 12.98 11.18
C GLY B 35 -10.85 12.49 10.84
N ASP B 36 -9.88 13.37 11.04
CA ASP B 36 -8.49 13.01 10.77
C ASP B 36 -7.98 12.02 11.81
N PRO B 37 -7.19 11.03 11.41
CA PRO B 37 -6.62 10.09 12.37
C PRO B 37 -5.46 10.72 13.12
N PRO B 38 -5.04 10.14 14.25
CA PRO B 38 -3.90 10.69 14.99
C PRO B 38 -2.59 10.50 14.25
N TYR B 39 -1.82 11.58 14.14
CA TYR B 39 -0.48 11.52 13.59
C TYR B 39 0.50 11.86 14.69
N SER B 40 1.70 11.32 14.59
CA SER B 40 2.74 11.70 15.52
C SER B 40 3.52 12.89 14.99
N HIS B 41 4.21 13.57 15.89
CA HIS B 41 4.97 14.76 15.58
C HIS B 41 6.39 14.52 16.06
N GLY B 42 7.36 14.86 15.23
CA GLY B 42 8.74 14.74 15.65
C GLY B 42 9.22 13.32 15.60
N THR B 43 9.89 12.88 16.65
CA THR B 43 10.66 11.66 16.58
C THR B 43 9.88 10.46 17.09
N GLY B 44 10.42 9.28 16.78
CA GLY B 44 9.91 8.04 17.32
C GLY B 44 10.91 7.38 18.24
N THR B 45 11.89 8.13 18.71
CA THR B 45 12.94 7.57 19.57
C THR B 45 12.39 7.21 20.94
N GLY B 46 11.43 8.00 21.44
CA GLY B 46 10.80 7.69 22.70
C GLY B 46 10.00 6.40 22.67
N TYR B 47 9.26 6.16 21.59
CA TYR B 47 8.50 4.93 21.47
C TYR B 47 9.41 3.71 21.28
N THR B 48 10.54 3.89 20.62
CA THR B 48 11.52 2.82 20.48
C THR B 48 12.12 2.45 21.84
N MET B 49 12.52 3.46 22.62
CA MET B 49 13.03 3.19 23.96
C MET B 49 11.96 2.61 24.88
N ASP B 50 10.70 3.04 24.72
CA ASP B 50 9.59 2.45 25.46
C ASP B 50 9.43 0.96 25.16
N THR B 51 9.47 0.59 23.88
CA THR B 51 9.35 -0.81 23.49
C THR B 51 10.53 -1.64 24.00
N VAL B 52 11.74 -1.07 23.95
CA VAL B 52 12.92 -1.80 24.43
C VAL B 52 12.86 -2.00 25.94
N ILE B 53 12.42 -0.98 26.69
CA ILE B 53 12.26 -1.07 28.14
C ILE B 53 11.19 -2.10 28.50
N ARG B 54 10.06 -2.08 27.80
CA ARG B 54 8.98 -3.02 28.09
C ARG B 54 9.36 -4.45 27.75
N THR B 55 10.09 -4.64 26.65
CA THR B 55 10.51 -5.98 26.25
C THR B 55 11.51 -6.56 27.25
N HIS B 56 12.46 -5.73 27.72
CA HIS B 56 13.39 -6.22 28.73
C HIS B 56 12.77 -6.33 30.12
N ASP B 57 11.64 -5.67 30.35
CA ASP B 57 10.98 -5.73 31.66
C ASP B 57 10.11 -6.97 31.80
N TYR B 58 9.49 -7.43 30.72
CA TYR B 58 8.71 -8.66 30.72
C TYR B 58 9.56 -9.91 30.66
N SER B 59 10.88 -9.75 30.59
CA SER B 59 11.82 -10.85 30.51
C SER B 59 12.94 -10.71 31.52
N SER B 60 12.77 -9.87 32.53
CA SER B 60 13.87 -9.38 33.35
C SER B 60 14.48 -10.44 34.26
N ARG B 61 13.75 -11.50 34.56
CA ARG B 61 14.27 -12.58 35.39
C ARG B 61 15.02 -13.63 34.59
N GLY B 62 15.31 -13.34 33.32
CA GLY B 62 16.11 -14.23 32.50
C GLY B 62 17.59 -14.02 32.66
N ILE B 63 18.34 -14.69 31.81
CA ILE B 63 19.79 -14.79 31.89
C ILE B 63 20.42 -13.72 31.00
N TRP B 64 21.38 -12.99 31.53
CA TRP B 64 22.13 -12.02 30.75
C TRP B 64 23.40 -12.64 30.20
N LYS B 65 23.70 -12.32 28.94
CA LYS B 65 24.93 -12.76 28.28
C LYS B 65 25.48 -11.61 27.46
N THR B 66 26.77 -11.62 27.24
CA THR B 66 27.41 -10.68 26.33
C THR B 66 27.77 -11.43 25.04
N ASN B 67 27.19 -10.97 23.94
CA ASN B 67 27.42 -11.59 22.64
C ASN B 67 28.88 -11.39 22.22
N SER B 68 29.53 -12.47 21.83
CA SER B 68 30.96 -12.41 21.54
C SER B 68 31.26 -11.75 20.20
N GLU B 69 30.28 -11.66 19.31
CA GLU B 69 30.51 -11.13 17.98
C GLU B 69 30.14 -9.66 17.85
N THR B 70 29.13 -9.20 18.59
CA THR B 70 28.71 -7.81 18.52
C THR B 70 29.04 -7.02 19.77
N GLY B 71 29.25 -7.69 20.91
CA GLY B 71 29.47 -7.01 22.16
C GLY B 71 28.21 -6.63 22.90
N ALA B 72 27.04 -6.94 22.36
CA ALA B 72 25.78 -6.52 22.93
C ALA B 72 25.41 -7.34 24.16
N GLN B 73 24.64 -6.73 25.05
CA GLN B 73 24.07 -7.43 26.19
C GLN B 73 22.76 -8.07 25.76
N GLN B 74 22.63 -9.37 25.99
CA GLN B 74 21.51 -10.15 25.49
C GLN B 74 20.82 -10.86 26.63
N LEU B 75 19.51 -10.70 26.69
CA LEU B 75 18.68 -11.25 27.75
C LEU B 75 17.96 -12.49 27.24
N ASN B 76 18.14 -13.61 27.95
CA ASN B 76 17.54 -14.88 27.59
C ASN B 76 16.51 -15.27 28.62
N PRO B 77 15.21 -15.08 28.36
CA PRO B 77 14.17 -15.50 29.30
C PRO B 77 13.60 -16.89 29.06
N ILE B 78 14.08 -17.62 28.07
CA ILE B 78 13.47 -18.90 27.71
C ILE B 78 13.84 -19.91 28.77
N ASP B 79 12.85 -20.73 29.17
CA ASP B 79 12.95 -21.69 30.28
C ASP B 79 13.34 -21.01 31.58
N GLY B 80 12.90 -19.76 31.76
CA GLY B 80 13.10 -19.06 33.00
C GLY B 80 12.06 -19.46 34.01
N PRO B 81 11.96 -18.72 35.10
CA PRO B 81 10.98 -19.06 36.13
C PRO B 81 9.55 -18.85 35.64
N LEU B 82 8.68 -19.77 36.05
CA LEU B 82 7.27 -19.65 35.72
C LEU B 82 6.69 -18.40 36.40
N PRO B 83 5.76 -17.71 35.76
CA PRO B 83 5.20 -16.50 36.36
C PRO B 83 4.34 -16.81 37.57
N GLU B 84 4.30 -15.85 38.49
CA GLU B 84 3.47 -15.97 39.69
C GLU B 84 2.30 -15.01 39.70
N ASP B 85 2.16 -14.17 38.69
CA ASP B 85 1.08 -13.21 38.61
C ASP B 85 0.51 -13.24 37.20
N ASN B 86 -0.36 -12.28 36.91
CA ASN B 86 -0.98 -12.17 35.60
C ASN B 86 -0.36 -11.08 34.74
N GLU B 87 0.81 -10.56 35.12
CA GLU B 87 1.51 -9.57 34.32
C GLU B 87 2.05 -10.21 33.04
N PRO B 88 2.32 -9.42 32.00
CA PRO B 88 2.91 -9.99 30.77
C PRO B 88 4.30 -10.57 31.02
N SER B 89 4.48 -11.80 30.59
CA SER B 89 5.73 -12.51 30.79
C SER B 89 6.27 -13.00 29.45
N GLY B 90 7.59 -13.06 29.36
CA GLY B 90 8.22 -13.63 28.20
C GLY B 90 9.01 -14.87 28.57
N TYR B 91 8.55 -15.60 29.58
CA TYR B 91 9.27 -16.77 30.09
C TYR B 91 8.71 -18.04 29.48
N ALA B 92 8.82 -18.14 28.17
CA ALA B 92 8.28 -19.28 27.44
C ALA B 92 9.15 -20.52 27.65
N GLN B 93 8.49 -21.67 27.77
CA GLN B 93 9.16 -22.93 28.03
C GLN B 93 9.34 -23.69 26.72
N THR B 94 10.55 -24.18 26.47
CA THR B 94 10.86 -24.81 25.19
C THR B 94 10.10 -26.11 25.01
N ASP B 95 10.00 -26.92 26.07
CA ASP B 95 9.36 -28.21 25.99
C ASP B 95 7.85 -28.08 25.78
N CYS B 96 7.23 -27.04 26.32
CA CYS B 96 5.80 -26.87 26.12
C CYS B 96 5.49 -26.42 24.69
N VAL B 97 6.36 -25.58 24.12
CA VAL B 97 6.25 -25.23 22.71
C VAL B 97 6.42 -26.46 21.84
N LEU B 98 7.42 -27.28 22.15
CA LEU B 98 7.68 -28.47 21.35
C LEU B 98 6.56 -29.51 21.49
N GLU B 99 5.96 -29.62 22.66
CA GLU B 99 4.78 -30.47 22.82
C GLU B 99 3.59 -29.95 22.01
N LEU B 100 3.38 -28.63 21.97
CA LEU B 100 2.28 -28.09 21.19
C LEU B 100 2.50 -28.24 19.69
N ILE B 101 3.73 -28.05 19.22
CA ILE B 101 3.99 -28.20 17.78
C ILE B 101 3.93 -29.67 17.38
N GLU B 102 4.38 -30.56 18.26
CA GLU B 102 4.25 -31.99 18.03
C GLU B 102 2.80 -32.43 18.01
N GLY B 103 1.96 -31.83 18.86
CA GLY B 103 0.54 -32.16 18.85
C GLY B 103 -0.18 -31.61 17.65
N LEU B 104 0.24 -30.44 17.17
CA LEU B 104 -0.31 -29.89 15.93
C LEU B 104 0.09 -30.75 14.73
N ASP B 105 1.30 -31.31 14.75
CA ASP B 105 1.73 -32.22 13.71
C ASP B 105 0.94 -33.53 13.76
N ARG B 106 0.69 -34.02 14.97
CA ARG B 106 -0.08 -35.26 15.15
C ARG B 106 -1.53 -35.08 14.72
N SER B 107 -2.11 -33.90 14.95
CA SER B 107 -3.48 -33.64 14.56
C SER B 107 -3.64 -33.39 13.06
N HIS B 108 -2.56 -33.10 12.34
CA HIS B 108 -2.61 -32.85 10.90
C HIS B 108 -1.49 -33.64 10.25
N PRO B 109 -1.72 -34.94 10.00
CA PRO B 109 -0.65 -35.77 9.42
C PRO B 109 -0.36 -35.40 7.97
N GLY B 110 0.91 -35.19 7.67
CA GLY B 110 1.35 -34.79 6.36
C GLY B 110 1.39 -33.30 6.11
N LEU B 111 0.94 -32.47 7.06
CA LEU B 111 0.88 -31.04 6.85
C LEU B 111 2.28 -30.43 6.78
N PHE B 112 3.15 -30.81 7.71
CA PHE B 112 4.47 -30.22 7.78
C PHE B 112 5.33 -30.66 6.61
N GLU B 113 5.19 -31.92 6.18
CA GLU B 113 5.93 -32.42 5.03
C GLU B 113 5.52 -31.72 3.75
N THR B 114 4.21 -31.54 3.57
CA THR B 114 3.69 -30.83 2.39
C THR B 114 4.15 -29.38 2.36
N ALA B 115 4.05 -28.69 3.50
CA ALA B 115 4.41 -27.28 3.55
C ALA B 115 5.91 -27.09 3.40
N CYS B 116 6.72 -27.99 3.96
CA CYS B 116 8.16 -27.92 3.81
C CYS B 116 8.58 -28.21 2.37
N GLN B 117 7.93 -29.17 1.71
CA GLN B 117 8.31 -29.48 0.32
C GLN B 117 7.89 -28.36 -0.63
N GLU B 118 6.76 -27.69 -0.37
CA GLU B 118 6.41 -26.51 -1.14
C GLU B 118 7.38 -25.37 -0.90
N THR B 119 7.83 -25.20 0.34
CA THR B 119 8.86 -24.20 0.64
C THR B 119 10.16 -24.52 -0.06
N ILE B 120 10.50 -25.82 -0.15
CA ILE B 120 11.71 -26.25 -0.85
C ILE B 120 11.61 -25.96 -2.34
N ASP B 121 10.43 -26.22 -2.93
CA ASP B 121 10.21 -25.93 -4.34
C ASP B 121 10.25 -24.43 -4.62
N ALA B 122 9.82 -23.61 -3.67
CA ALA B 122 9.87 -22.16 -3.87
C ALA B 122 11.23 -21.55 -3.58
N ILE B 123 12.08 -22.20 -2.78
CA ILE B 123 13.41 -21.66 -2.49
C ILE B 123 14.29 -21.74 -3.72
N GLN B 124 14.27 -22.86 -4.42
CA GLN B 124 15.11 -23.08 -5.59
C GLN B 124 14.72 -22.21 -6.78
N GLN B 125 13.48 -21.72 -6.82
CA GLN B 125 13.01 -20.92 -7.93
C GLN B 125 12.97 -19.42 -7.67
N THR B 126 13.13 -18.97 -6.42
CA THR B 126 12.94 -17.57 -6.09
C THR B 126 14.15 -16.74 -6.50
N ARG B 127 13.91 -15.68 -7.26
CA ARG B 127 14.96 -14.78 -7.71
C ARG B 127 15.27 -13.73 -6.63
N VAL B 128 16.36 -12.99 -6.85
CA VAL B 128 16.81 -11.99 -5.89
C VAL B 128 15.83 -10.82 -5.82
N ASP B 129 15.28 -10.41 -6.97
CA ASP B 129 14.43 -9.24 -7.08
C ASP B 129 13.07 -9.40 -6.41
N LYS B 130 12.76 -10.60 -5.90
CA LYS B 130 11.67 -10.77 -4.95
C LYS B 130 11.81 -9.83 -3.75
N LEU B 131 13.04 -9.56 -3.32
CA LEU B 131 13.25 -8.60 -2.23
C LEU B 131 12.90 -7.17 -2.59
N THR B 132 12.65 -6.84 -3.86
CA THR B 132 12.10 -5.54 -4.21
C THR B 132 10.60 -5.46 -3.98
N GLN B 133 9.96 -6.48 -3.41
CA GLN B 133 8.57 -6.35 -3.02
C GLN B 133 8.39 -5.44 -1.80
N GLY B 134 9.48 -5.14 -1.09
CA GLY B 134 9.39 -4.37 0.12
C GLY B 134 9.11 -2.91 -0.11
N ARG B 135 8.87 -2.22 0.99
CA ARG B 135 8.63 -0.77 1.00
C ARG B 135 9.91 -0.08 1.50
N GLN B 136 9.84 0.81 2.48
CA GLN B 136 11.04 1.49 2.96
C GLN B 136 11.89 0.54 3.78
N THR B 137 13.05 0.18 3.26
CA THR B 137 13.98 -0.73 3.90
C THR B 137 15.06 0.09 4.59
N TYR B 138 15.52 -0.38 5.74
CA TYR B 138 16.76 0.15 6.31
C TYR B 138 17.93 -0.14 5.38
N ASP B 139 18.61 0.90 4.95
CA ASP B 139 19.77 0.78 4.08
C ASP B 139 21.01 0.90 4.95
N TRP B 140 21.75 -0.19 5.10
CA TRP B 140 22.91 -0.20 5.97
C TRP B 140 24.11 0.52 5.35
N THR B 141 24.15 0.63 4.03
CA THR B 141 25.23 1.37 3.39
C THR B 141 25.10 2.87 3.64
N LEU B 142 23.87 3.35 3.84
CA LEU B 142 23.61 4.76 4.08
C LEU B 142 23.32 5.10 5.53
N ASN B 143 23.02 4.10 6.36
CA ASN B 143 22.59 4.25 7.75
C ASN B 143 21.34 5.13 7.86
N ARG B 144 20.31 4.70 7.14
CA ARG B 144 19.22 5.57 6.68
C ARG B 144 18.23 4.66 5.96
N ASN B 145 16.98 5.10 5.82
CA ASN B 145 15.99 4.34 5.08
C ASN B 145 16.00 4.68 3.58
N GLN B 146 15.84 3.66 2.76
CA GLN B 146 15.78 3.77 1.31
C GLN B 146 14.62 2.89 0.84
N PRO B 147 14.14 3.10 -0.40
CA PRO B 147 13.24 2.11 -1.00
C PRO B 147 13.95 0.77 -1.18
N ALA B 148 13.15 -0.30 -1.31
CA ALA B 148 13.65 -1.66 -1.20
C ALA B 148 14.58 -2.04 -2.33
N ALA B 149 14.25 -1.64 -3.56
CA ALA B 149 15.10 -1.92 -4.71
C ALA B 149 16.41 -1.15 -4.62
N THR B 150 16.36 0.07 -4.11
CA THR B 150 17.57 0.87 -3.92
C THR B 150 18.47 0.26 -2.86
N ALA B 151 17.89 -0.24 -1.77
CA ALA B 151 18.68 -0.87 -0.73
C ALA B 151 19.27 -2.19 -1.20
N LEU B 152 18.50 -2.96 -1.98
CA LEU B 152 19.00 -4.21 -2.54
C LEU B 152 20.12 -3.96 -3.54
N ALA B 153 19.99 -2.93 -4.38
CA ALA B 153 21.03 -2.61 -5.37
C ALA B 153 22.29 -2.12 -4.68
N ASN B 154 22.16 -1.32 -3.62
CA ASN B 154 23.32 -0.88 -2.88
C ASN B 154 24.01 -2.03 -2.16
N THR B 155 23.23 -2.98 -1.62
CA THR B 155 23.82 -4.13 -0.97
C THR B 155 24.55 -5.03 -1.96
N ILE B 156 23.95 -5.27 -3.13
CA ILE B 156 24.57 -6.10 -4.16
C ILE B 156 25.84 -5.45 -4.69
N GLU B 157 25.84 -4.11 -4.81
CA GLU B 157 27.04 -3.43 -5.29
C GLU B 157 28.18 -3.47 -4.27
N VAL B 158 27.86 -3.31 -2.99
CA VAL B 158 28.89 -3.44 -1.95
C VAL B 158 29.39 -4.88 -1.85
N PHE B 159 28.50 -5.85 -2.07
CA PHE B 159 28.90 -7.25 -2.02
C PHE B 159 29.81 -7.61 -3.18
N ARG B 160 29.54 -7.07 -4.37
CA ARG B 160 30.40 -7.35 -5.50
C ARG B 160 31.70 -6.55 -5.46
N LYS B 161 31.74 -5.41 -4.78
CA LYS B 161 33.01 -4.72 -4.62
C LYS B 161 33.92 -5.39 -3.60
N ASN B 162 33.38 -6.23 -2.72
CA ASN B 162 34.17 -6.90 -1.69
C ASN B 162 34.31 -8.38 -1.95
N GLY B 163 34.11 -8.81 -3.20
CA GLY B 163 34.34 -10.19 -3.58
C GLY B 163 33.30 -11.19 -3.14
N TYR B 164 32.02 -10.83 -3.21
CA TYR B 164 30.92 -11.74 -2.90
C TYR B 164 30.02 -11.75 -4.13
N LYS B 165 30.24 -12.73 -5.01
CA LYS B 165 29.66 -12.71 -6.34
C LYS B 165 28.78 -13.92 -6.61
N LEU B 166 28.36 -14.64 -5.57
CA LEU B 166 27.47 -15.78 -5.78
C LEU B 166 26.10 -15.33 -6.25
N ASN B 167 25.65 -14.16 -5.78
CA ASN B 167 24.34 -13.61 -6.13
C ASN B 167 24.21 -13.25 -7.61
N GLU B 168 25.29 -13.29 -8.39
CA GLU B 168 25.23 -13.17 -9.83
C GLU B 168 24.53 -14.34 -10.51
N SER B 169 24.26 -15.44 -9.80
CA SER B 169 23.40 -16.47 -10.37
C SER B 169 21.96 -16.01 -10.50
N GLY B 170 21.55 -15.02 -9.70
CA GLY B 170 20.21 -14.48 -9.75
C GLY B 170 19.22 -15.13 -8.82
N ARG B 171 19.61 -16.21 -8.14
CA ARG B 171 18.74 -16.86 -7.17
C ARG B 171 18.88 -16.18 -5.82
N LEU B 172 17.77 -16.19 -5.06
CA LEU B 172 17.77 -15.55 -3.75
C LEU B 172 18.65 -16.30 -2.76
N ILE B 173 18.72 -17.63 -2.85
CA ILE B 173 19.51 -18.41 -1.91
C ILE B 173 21.01 -18.14 -2.08
N ASP B 174 21.44 -17.78 -3.29
CA ASP B 174 22.85 -17.44 -3.48
C ASP B 174 23.18 -16.07 -2.92
N PHE B 175 22.24 -15.13 -3.01
CA PHE B 175 22.38 -13.87 -2.30
C PHE B 175 22.44 -14.10 -0.80
N LEU B 176 21.66 -15.04 -0.27
CA LEU B 176 21.67 -15.30 1.16
C LEU B 176 22.98 -15.96 1.59
N LYS B 177 23.55 -16.81 0.74
CA LYS B 177 24.89 -17.33 0.98
C LYS B 177 25.93 -16.21 0.99
N ASP B 178 25.80 -15.23 0.09
CA ASP B 178 26.67 -14.06 0.11
C ASP B 178 26.52 -13.24 1.39
N VAL B 179 25.28 -13.12 1.88
CA VAL B 179 25.02 -12.41 3.13
C VAL B 179 25.73 -13.07 4.29
N LEU B 180 25.62 -14.40 4.38
CA LEU B 180 26.27 -15.10 5.48
C LEU B 180 27.79 -15.11 5.35
N LEU B 181 28.31 -15.17 4.12
CA LEU B 181 29.76 -15.14 3.93
C LEU B 181 30.34 -13.76 4.17
N SER B 182 29.54 -12.70 4.01
CA SER B 182 30.04 -11.33 4.18
C SER B 182 30.42 -10.99 5.61
N PHE B 183 29.99 -11.78 6.60
CA PHE B 183 30.33 -11.54 7.99
C PHE B 183 31.76 -11.95 8.32
N GLU B 184 32.46 -12.62 7.40
CA GLU B 184 33.87 -12.93 7.61
C GLU B 184 34.79 -11.80 7.18
N ASN B 185 34.25 -10.73 6.63
CA ASN B 185 35.07 -9.63 6.12
C ASN B 185 35.55 -8.78 7.30
N ASP B 186 36.83 -8.43 7.31
CA ASP B 186 37.34 -7.63 8.40
C ASP B 186 37.20 -6.14 8.18
N SER B 187 37.04 -5.70 6.94
CA SER B 187 36.88 -4.27 6.65
C SER B 187 36.07 -4.13 5.37
N MET B 188 34.78 -3.83 5.53
CA MET B 188 33.88 -3.62 4.40
C MET B 188 33.97 -2.16 3.95
N GLU B 189 34.17 -1.95 2.65
CA GLU B 189 34.23 -0.61 2.08
C GLU B 189 32.93 -0.29 1.36
N VAL B 190 32.19 0.69 1.88
CA VAL B 190 30.88 1.04 1.37
C VAL B 190 30.88 2.46 0.83
N THR B 191 29.90 2.76 0.00
CA THR B 191 29.64 4.10 -0.49
C THR B 191 28.58 4.77 0.37
N THR B 192 28.93 5.87 1.01
CA THR B 192 28.03 6.62 1.86
C THR B 192 27.70 7.96 1.20
N HIS B 193 26.71 8.63 1.75
CA HIS B 193 26.39 9.99 1.36
C HIS B 193 26.97 10.94 2.38
N PHE B 194 27.57 12.02 1.91
CA PHE B 194 27.99 13.10 2.78
C PHE B 194 27.48 14.40 2.19
N GLN B 195 27.24 15.37 3.04
CA GLN B 195 26.80 16.67 2.58
C GLN B 195 27.92 17.70 2.73
N LYS B 196 28.07 18.55 1.72
CA LYS B 196 28.85 19.76 1.83
C LYS B 196 27.88 20.89 2.09
N LYS B 197 28.23 21.76 3.03
CA LYS B 197 27.34 22.84 3.42
C LYS B 197 27.87 24.18 2.93
N LYS B 198 26.95 25.08 2.62
CA LYS B 198 27.30 26.34 1.99
C LYS B 198 26.31 27.41 2.44
N ARG B 199 26.83 28.54 2.91
CA ARG B 199 25.97 29.64 3.35
C ARG B 199 25.76 30.60 2.19
N ILE B 200 24.51 30.68 1.71
CA ILE B 200 24.13 31.60 0.66
C ILE B 200 22.93 32.40 1.14
N ARG B 201 22.59 33.44 0.38
CA ARG B 201 21.42 34.24 0.65
C ARG B 201 20.26 33.78 -0.23
N ASP B 202 19.08 33.66 0.36
CA ASP B 202 17.88 33.48 -0.44
C ASP B 202 17.59 34.77 -1.20
N ASN B 203 17.40 34.64 -2.51
CA ASN B 203 17.17 35.83 -3.31
C ASN B 203 15.78 36.40 -3.08
N HIS B 204 14.80 35.57 -2.74
CA HIS B 204 13.44 36.03 -2.49
C HIS B 204 13.27 36.61 -1.10
N SER B 205 13.66 35.87 -0.06
CA SER B 205 13.38 36.29 1.30
C SER B 205 14.50 37.11 1.95
N LYS B 206 15.68 37.16 1.32
CA LYS B 206 16.85 37.91 1.79
C LYS B 206 17.29 37.44 3.18
N LYS B 207 17.84 36.22 3.19
CA LYS B 207 18.12 35.53 4.44
C LYS B 207 19.24 34.54 4.21
N MET B 208 20.22 34.52 5.11
CA MET B 208 21.37 33.63 4.99
C MET B 208 20.94 32.24 5.42
N ILE B 209 20.92 31.31 4.47
CA ILE B 209 20.50 29.94 4.72
C ILE B 209 21.64 29.00 4.36
N THR B 210 21.61 27.81 4.94
CA THR B 210 22.59 26.78 4.64
C THR B 210 22.14 26.01 3.40
N GLN B 211 22.97 26.00 2.37
CA GLN B 211 22.71 25.22 1.17
C GLN B 211 23.49 23.92 1.25
N ARG B 212 22.83 22.82 0.87
CA ARG B 212 23.39 21.49 1.05
C ARG B 212 23.52 20.80 -0.30
N THR B 213 24.68 20.17 -0.51
CA THR B 213 24.96 19.39 -1.71
C THR B 213 25.30 17.98 -1.25
N ILE B 214 24.61 17.00 -1.80
CA ILE B 214 24.77 15.62 -1.38
C ILE B 214 25.72 14.92 -2.33
N GLY B 215 26.86 14.47 -1.81
CA GLY B 215 27.84 13.76 -2.57
C GLY B 215 27.90 12.29 -2.23
N LYS B 216 28.94 11.63 -2.76
CA LYS B 216 29.23 10.24 -2.45
C LYS B 216 30.63 10.16 -1.87
N LYS B 217 30.76 9.42 -0.78
CA LYS B 217 32.02 9.22 -0.10
C LYS B 217 32.25 7.72 0.07
N ARG B 218 33.50 7.34 0.32
CA ARG B 218 33.85 5.95 0.57
C ARG B 218 34.38 5.82 1.98
N VAL B 219 33.76 4.93 2.76
CA VAL B 219 34.12 4.73 4.16
C VAL B 219 34.35 3.24 4.38
N LYS B 220 35.10 2.93 5.43
CA LYS B 220 35.32 1.55 5.84
C LYS B 220 34.48 1.25 7.06
N LEU B 221 33.88 0.07 7.08
CA LEU B 221 33.23 -0.46 8.27
C LEU B 221 34.10 -1.56 8.84
N THR B 222 34.40 -1.46 10.14
CA THR B 222 35.01 -2.57 10.85
C THR B 222 34.03 -3.75 10.93
N LYS B 223 34.56 -4.91 11.29
CA LYS B 223 33.77 -6.15 11.25
C LYS B 223 32.62 -6.10 12.25
N LYS B 224 32.87 -5.55 13.44
CA LYS B 224 31.82 -5.42 14.44
C LYS B 224 30.77 -4.40 14.02
N ASN B 225 31.20 -3.27 13.43
CA ASN B 225 30.24 -2.24 13.03
C ASN B 225 29.40 -2.71 11.85
N TYR B 226 30.02 -3.45 10.92
CA TYR B 226 29.27 -4.03 9.82
C TYR B 226 28.27 -5.07 10.32
N LEU B 227 28.67 -5.89 11.30
CA LEU B 227 27.75 -6.88 11.84
C LEU B 227 26.60 -6.24 12.61
N ILE B 228 26.86 -5.12 13.29
CA ILE B 228 25.80 -4.40 13.98
C ILE B 228 24.83 -3.79 12.99
N ARG B 229 25.34 -3.25 11.88
CA ARG B 229 24.45 -2.68 10.87
C ARG B 229 23.64 -3.74 10.13
N ALA B 230 24.23 -4.92 9.90
CA ALA B 230 23.50 -6.00 9.24
C ALA B 230 22.41 -6.60 10.14
N LEU B 231 22.52 -6.43 11.45
CA LEU B 231 21.52 -6.91 12.39
C LEU B 231 20.59 -5.81 12.86
N THR B 232 20.68 -4.63 12.28
CA THR B 232 19.90 -3.47 12.70
C THR B 232 18.48 -3.51 12.14
N LEU B 233 17.50 -3.26 13.00
CA LEU B 233 16.18 -2.83 12.56
C LEU B 233 16.04 -1.33 12.85
N ASN B 234 15.73 -0.56 11.82
CA ASN B 234 15.40 0.84 12.00
C ASN B 234 13.94 0.97 12.43
N THR B 235 13.67 2.03 13.17
CA THR B 235 12.36 2.20 13.78
C THR B 235 11.79 3.58 13.47
N MET B 236 10.47 3.67 13.52
CA MET B 236 9.76 4.92 13.38
C MET B 236 8.37 4.74 13.97
N THR B 237 7.63 5.84 14.05
CA THR B 237 6.28 5.81 14.60
C THR B 237 5.28 5.43 13.53
N LYS B 238 4.29 4.63 13.91
CA LYS B 238 3.17 4.32 13.03
C LYS B 238 2.18 5.48 13.04
N ASP B 239 1.99 6.11 11.88
CA ASP B 239 1.06 7.22 11.74
C ASP B 239 -0.28 6.72 11.22
N ALA B 240 -1.29 7.57 11.40
CA ALA B 240 -2.67 7.36 10.94
C ALA B 240 -3.29 6.08 11.48
N GLU B 241 -2.90 5.68 12.68
CA GLU B 241 -3.46 4.52 13.34
C GLU B 241 -4.70 4.95 14.11
N ARG B 242 -5.79 4.22 13.95
CA ARG B 242 -7.02 4.53 14.64
C ARG B 242 -7.14 3.75 15.94
N GLY B 243 -7.99 4.25 16.83
CA GLY B 243 -8.39 3.54 18.02
C GLY B 243 -7.43 3.55 19.18
N LYS B 244 -6.44 4.43 19.18
CA LYS B 244 -5.48 4.51 20.26
C LYS B 244 -5.32 5.95 20.72
N LEU B 245 -5.09 6.12 22.01
CA LEU B 245 -4.70 7.43 22.52
C LEU B 245 -3.22 7.68 22.27
N LYS B 246 -2.38 6.67 22.40
CA LYS B 246 -0.95 6.83 22.32
C LYS B 246 -0.37 6.09 21.13
N ARG B 247 0.85 6.47 20.77
CA ARG B 247 1.53 5.98 19.58
C ARG B 247 2.41 4.79 19.93
N ARG B 248 2.87 4.10 18.89
CA ARG B 248 3.81 3.02 19.09
C ARG B 248 4.75 2.97 17.89
N ALA B 249 5.90 2.35 18.10
CA ALA B 249 6.91 2.22 17.06
C ALA B 249 6.64 0.99 16.20
N ILE B 250 7.03 1.10 14.94
CA ILE B 250 7.14 -0.04 14.03
C ILE B 250 8.61 -0.16 13.64
N ALA B 251 8.96 -1.27 13.01
CA ALA B 251 10.35 -1.56 12.70
C ALA B 251 10.51 -1.92 11.24
N THR B 252 11.64 -1.54 10.66
CA THR B 252 11.98 -2.00 9.32
C THR B 252 13.36 -2.64 9.32
N PRO B 253 13.49 -3.87 8.86
CA PRO B 253 14.79 -4.51 8.79
C PRO B 253 15.55 -4.13 7.53
N GLY B 254 16.84 -4.42 7.54
CA GLY B 254 17.68 -4.26 6.38
C GLY B 254 17.63 -5.46 5.46
N MET B 255 18.38 -5.37 4.36
CA MET B 255 18.33 -6.39 3.32
C MET B 255 19.03 -7.68 3.71
N GLN B 256 19.94 -7.65 4.68
CA GLN B 256 20.58 -8.87 5.17
C GLN B 256 19.63 -9.75 5.97
N ILE B 257 18.50 -9.21 6.44
CA ILE B 257 17.53 -9.95 7.21
C ILE B 257 16.31 -10.35 6.38
N ARG B 258 15.91 -9.50 5.42
CA ARG B 258 14.64 -9.60 4.72
C ARG B 258 14.51 -10.86 3.88
N GLY B 259 15.63 -11.32 3.29
CA GLY B 259 15.59 -12.52 2.47
C GLY B 259 15.35 -13.78 3.26
N PHE B 260 15.86 -13.85 4.49
CA PHE B 260 15.63 -15.00 5.35
C PHE B 260 14.23 -14.97 5.97
N VAL B 261 13.79 -13.79 6.39
CA VAL B 261 12.44 -13.64 6.94
C VAL B 261 11.40 -13.99 5.89
N TYR B 262 11.70 -13.71 4.61
CA TYR B 262 10.81 -14.09 3.52
C TYR B 262 10.61 -15.60 3.42
N PHE B 263 11.68 -16.39 3.55
CA PHE B 263 11.54 -17.84 3.43
C PHE B 263 10.89 -18.45 4.67
N VAL B 264 11.17 -17.89 5.85
CA VAL B 264 10.52 -18.38 7.07
C VAL B 264 9.03 -18.09 7.01
N GLU B 265 8.65 -16.88 6.59
CA GLU B 265 7.24 -16.54 6.48
C GLU B 265 6.55 -17.28 5.35
N LEU B 266 7.30 -17.72 4.34
CA LEU B 266 6.68 -18.54 3.30
C LEU B 266 6.37 -19.95 3.80
N LEU B 267 7.29 -20.54 4.57
CA LEU B 267 7.00 -21.82 5.21
C LEU B 267 5.80 -21.72 6.15
N ALA B 268 5.77 -20.65 6.96
CA ALA B 268 4.67 -20.48 7.90
C ALA B 268 3.36 -20.16 7.19
N ARG B 269 3.40 -19.49 6.05
CA ARG B 269 2.19 -19.26 5.26
C ARG B 269 1.66 -20.56 4.67
N ASN B 270 2.56 -21.43 4.21
CA ASN B 270 2.12 -22.72 3.68
C ASN B 270 1.53 -23.61 4.77
N ILE B 271 2.01 -23.48 6.01
CA ILE B 271 1.37 -24.18 7.11
C ILE B 271 0.01 -23.56 7.43
N CYS B 272 -0.03 -22.24 7.58
CA CYS B 272 -1.25 -21.53 7.99
C CYS B 272 -2.38 -21.66 6.98
N GLU B 273 -2.05 -21.85 5.70
CA GLU B 273 -3.06 -21.96 4.67
C GLU B 273 -3.83 -23.28 4.74
N ARG B 274 -3.29 -24.26 5.45
CA ARG B 274 -3.92 -25.58 5.54
C ARG B 274 -4.43 -25.89 6.94
N LEU B 275 -4.43 -24.92 7.84
CA LEU B 275 -5.00 -25.08 9.18
C LEU B 275 -6.40 -24.47 9.22
N GLU B 276 -7.36 -25.23 9.74
CA GLU B 276 -8.73 -24.74 9.86
C GLU B 276 -8.87 -23.64 10.88
N GLN B 277 -7.93 -23.52 11.81
CA GLN B 277 -8.03 -22.59 12.92
C GLN B 277 -7.17 -21.36 12.74
N SER B 278 -6.59 -21.16 11.56
CA SER B 278 -5.78 -19.99 11.28
C SER B 278 -6.62 -18.93 10.59
N GLY B 279 -6.51 -17.69 11.03
CA GLY B 279 -7.16 -16.61 10.34
C GLY B 279 -6.31 -15.95 9.30
N LEU B 280 -5.07 -16.38 9.14
CA LEU B 280 -4.12 -15.97 8.13
C LEU B 280 -3.76 -17.17 7.26
N PRO B 281 -3.44 -16.95 5.97
CA PRO B 281 -3.47 -15.71 5.19
C PRO B 281 -4.84 -15.33 4.63
N VAL B 282 -5.93 -15.89 5.13
CA VAL B 282 -7.25 -15.54 4.60
C VAL B 282 -7.67 -14.16 5.10
N GLY B 283 -8.53 -13.52 4.33
CA GLY B 283 -9.03 -12.20 4.71
C GLY B 283 -10.29 -11.86 3.97
N GLY B 284 -11.01 -10.89 4.52
CA GLY B 284 -12.20 -10.38 3.85
C GLY B 284 -13.37 -11.31 3.99
N ASN B 285 -14.03 -11.59 2.86
CA ASN B 285 -15.21 -12.45 2.86
C ASN B 285 -14.86 -13.91 3.16
N GLU B 286 -13.64 -14.34 2.81
CA GLU B 286 -13.25 -15.71 3.11
C GLU B 286 -12.97 -15.91 4.59
N LYS B 287 -12.44 -14.89 5.26
CA LYS B 287 -12.24 -14.94 6.71
C LYS B 287 -13.58 -14.95 7.45
N LYS B 288 -14.56 -14.21 6.93
CA LYS B 288 -15.89 -14.23 7.52
C LYS B 288 -16.57 -15.58 7.33
N ALA B 289 -16.39 -16.20 6.16
CA ALA B 289 -16.91 -17.54 5.93
C ALA B 289 -16.25 -18.55 6.87
N LYS B 290 -14.96 -18.41 7.13
CA LYS B 290 -14.25 -19.32 8.01
C LYS B 290 -14.71 -19.18 9.47
N LEU B 291 -14.87 -17.94 9.94
CA LEU B 291 -15.38 -17.70 11.29
C LEU B 291 -16.80 -18.21 11.44
N ALA B 292 -17.63 -18.04 10.41
CA ALA B 292 -19.01 -18.54 10.46
C ALA B 292 -19.04 -20.07 10.50
N ASN B 293 -18.13 -20.72 9.79
CA ASN B 293 -18.07 -22.18 9.82
C ASN B 293 -17.64 -22.71 11.18
N VAL B 294 -16.68 -22.05 11.84
CA VAL B 294 -16.26 -22.56 13.14
C VAL B 294 -17.34 -22.30 14.19
N ILE B 295 -18.11 -21.21 14.04
CA ILE B 295 -19.25 -20.96 14.94
C ILE B 295 -20.33 -22.01 14.74
N LYS B 296 -20.64 -22.34 13.49
CA LYS B 296 -21.70 -23.31 13.21
C LYS B 296 -21.29 -24.73 13.64
N LYS B 297 -20.02 -25.08 13.48
CA LYS B 297 -19.53 -26.36 13.95
C LYS B 297 -19.54 -26.44 15.48
N MET B 298 -19.07 -25.38 16.17
CA MET B 298 -19.04 -25.43 17.62
C MET B 298 -20.40 -25.19 18.27
N MET B 299 -21.41 -24.78 17.50
CA MET B 299 -22.77 -24.77 18.04
C MET B 299 -23.59 -25.97 17.58
N ALA B 300 -23.07 -26.75 16.63
CA ALA B 300 -23.67 -28.05 16.34
C ALA B 300 -23.29 -29.08 17.39
N LYS B 301 -21.98 -29.29 17.60
CA LYS B 301 -21.44 -30.28 18.54
C LYS B 301 -21.82 -29.88 19.97
N SER B 302 -23.05 -30.24 20.35
CA SER B 302 -23.60 -29.83 21.63
C SER B 302 -24.80 -30.71 21.96
N THR B 303 -24.91 -31.09 23.23
CA THR B 303 -26.14 -31.68 23.73
C THR B 303 -27.06 -30.57 24.22
N ASP B 304 -28.21 -30.96 24.76
CA ASP B 304 -29.10 -30.00 25.41
C ASP B 304 -28.59 -29.54 26.77
N GLU B 305 -27.58 -30.21 27.32
CA GLU B 305 -27.04 -29.90 28.63
C GLU B 305 -25.66 -29.25 28.54
N GLU B 306 -25.29 -28.74 27.37
CA GLU B 306 -23.93 -28.29 27.11
C GLU B 306 -23.91 -26.81 26.77
N LEU B 307 -23.09 -26.06 27.50
CA LEU B 307 -22.98 -24.63 27.33
C LEU B 307 -21.85 -24.30 26.36
N SER B 308 -22.06 -23.24 25.60
CA SER B 308 -21.07 -22.73 24.66
C SER B 308 -20.78 -21.28 25.01
N TYR B 309 -19.50 -20.94 25.04
CA TYR B 309 -19.07 -19.59 25.40
C TYR B 309 -17.95 -19.16 24.48
N THR B 310 -18.02 -17.94 23.97
CA THR B 310 -16.99 -17.39 23.11
C THR B 310 -16.21 -16.34 23.87
N ILE B 311 -14.89 -16.44 23.84
CA ILE B 311 -14.03 -15.33 24.25
C ILE B 311 -13.71 -14.50 23.01
N THR B 312 -14.10 -13.24 23.04
CA THR B 312 -13.56 -12.21 22.15
C THR B 312 -12.23 -11.79 22.75
N GLY B 313 -11.13 -12.29 22.20
CA GLY B 313 -9.85 -12.22 22.86
C GLY B 313 -8.82 -11.38 22.14
N ASP B 314 -7.95 -10.74 22.92
CA ASP B 314 -6.78 -10.03 22.44
C ASP B 314 -5.63 -10.40 23.36
N ASN B 315 -4.41 -10.15 22.91
CA ASN B 315 -3.23 -10.43 23.71
C ASN B 315 -2.46 -9.16 24.02
N THR B 316 -1.87 -9.12 25.21
CA THR B 316 -1.04 -8.00 25.63
C THR B 316 0.35 -8.15 25.06
N LYS B 317 0.82 -7.09 24.39
CA LYS B 317 2.19 -6.91 23.90
C LYS B 317 2.71 -8.12 23.16
N TRP B 318 2.04 -8.42 22.05
CA TRP B 318 2.24 -9.68 21.33
C TRP B 318 3.65 -9.79 20.78
N ASN B 319 4.13 -8.73 20.12
CA ASN B 319 5.44 -8.80 19.49
C ASN B 319 6.56 -8.75 20.52
N GLU B 320 6.31 -8.17 21.68
CA GLU B 320 7.33 -8.03 22.71
C GLU B 320 7.50 -9.28 23.55
N ASN B 321 6.54 -10.21 23.51
CA ASN B 321 6.59 -11.42 24.30
C ASN B 321 6.83 -12.66 23.46
N GLN B 322 6.73 -12.57 22.14
CA GLN B 322 7.27 -13.59 21.27
C GLN B 322 8.78 -13.62 21.41
N ASN B 323 9.38 -14.77 21.15
CA ASN B 323 10.82 -14.84 21.31
C ASN B 323 11.45 -15.50 20.09
N PRO B 324 12.58 -14.97 19.61
CA PRO B 324 13.28 -15.60 18.48
C PRO B 324 13.81 -17.00 18.78
N ARG B 325 14.09 -17.32 20.04
CA ARG B 325 14.55 -18.67 20.36
C ARG B 325 13.39 -19.67 20.31
N ILE B 326 12.18 -19.25 20.70
CA ILE B 326 11.00 -20.09 20.52
C ILE B 326 10.70 -20.29 19.03
N PHE B 327 10.88 -19.24 18.23
CA PHE B 327 10.71 -19.39 16.78
C PHE B 327 11.75 -20.31 16.18
N LEU B 328 12.97 -20.32 16.75
CA LEU B 328 14.00 -21.26 16.32
C LEU B 328 13.59 -22.70 16.62
N ALA B 329 13.09 -22.93 17.84
CA ALA B 329 12.63 -24.27 18.20
C ALA B 329 11.44 -24.71 17.35
N MET B 330 10.54 -23.77 17.01
CA MET B 330 9.39 -24.09 16.17
C MET B 330 9.81 -24.45 14.76
N VAL B 331 10.75 -23.70 14.17
CA VAL B 331 11.20 -23.96 12.81
C VAL B 331 11.99 -25.27 12.75
N LEU B 332 12.80 -25.55 13.77
CA LEU B 332 13.52 -26.81 13.77
C LEU B 332 12.59 -28.01 14.02
N ARG B 333 11.48 -27.80 14.72
CA ARG B 333 10.54 -28.90 14.90
C ARG B 333 9.70 -29.13 13.65
N ILE B 334 9.30 -28.06 12.96
CA ILE B 334 8.47 -28.18 11.77
C ILE B 334 9.24 -28.85 10.64
N THR B 335 10.54 -28.56 10.54
CA THR B 335 11.40 -29.10 9.51
C THR B 335 12.13 -30.37 9.92
N ALA B 336 11.64 -31.09 10.93
CA ALA B 336 12.31 -32.31 11.36
C ALA B 336 12.10 -33.41 10.33
N GLY B 337 13.20 -33.98 9.85
CA GLY B 337 13.16 -34.94 8.78
C GLY B 337 13.41 -34.37 7.40
N GLN B 338 13.77 -33.11 7.29
CA GLN B 338 14.03 -32.41 6.05
C GLN B 338 15.54 -32.35 5.81
N PRO B 339 15.98 -31.99 4.60
CA PRO B 339 17.42 -31.79 4.39
C PRO B 339 18.00 -30.69 5.26
N GLU B 340 19.24 -30.89 5.71
CA GLU B 340 19.83 -30.02 6.69
C GLU B 340 20.23 -28.67 6.12
N TRP B 341 20.44 -28.57 4.80
CA TRP B 341 20.60 -27.24 4.20
C TRP B 341 19.32 -26.43 4.34
N PHE B 342 18.17 -27.09 4.24
CA PHE B 342 16.89 -26.39 4.30
C PHE B 342 16.57 -25.97 5.73
N ARG B 343 16.89 -26.84 6.69
CA ARG B 343 16.70 -26.51 8.09
C ARG B 343 17.64 -25.40 8.52
N ASP B 344 18.89 -25.44 8.04
CA ASP B 344 19.85 -24.40 8.41
C ASP B 344 19.55 -23.08 7.73
N LEU B 345 18.98 -23.11 6.53
CA LEU B 345 18.60 -21.89 5.86
C LEU B 345 17.40 -21.24 6.55
N LEU B 346 16.42 -22.03 6.96
CA LEU B 346 15.27 -21.47 7.66
C LEU B 346 15.59 -21.07 9.08
N ALA B 347 16.65 -21.60 9.68
CA ALA B 347 16.97 -21.22 11.04
C ALA B 347 17.67 -19.87 11.14
N VAL B 348 18.07 -19.27 10.02
CA VAL B 348 18.90 -18.06 10.03
C VAL B 348 18.11 -16.86 10.58
N ALA B 349 16.88 -16.67 10.12
CA ALA B 349 16.09 -15.52 10.55
C ALA B 349 15.76 -15.48 12.05
N PRO B 350 15.43 -16.59 12.74
CA PRO B 350 15.36 -16.50 14.21
C PRO B 350 16.68 -16.24 14.88
N ILE B 351 17.79 -16.76 14.34
CA ILE B 351 19.10 -16.49 14.92
C ILE B 351 19.47 -15.01 14.75
N MET B 352 19.08 -14.43 13.63
CA MET B 352 19.36 -13.02 13.38
C MET B 352 18.49 -12.12 14.25
N PHE B 353 17.23 -12.50 14.46
CA PHE B 353 16.38 -11.75 15.37
C PHE B 353 16.76 -11.92 16.83
N SER B 354 17.39 -13.04 17.18
CA SER B 354 17.89 -13.20 18.54
C SER B 354 19.07 -12.28 18.81
N ASN B 355 19.81 -11.91 17.78
CA ASN B 355 20.92 -10.99 17.91
C ASN B 355 20.61 -9.61 17.31
N LYS B 356 19.34 -9.23 17.25
CA LYS B 356 18.98 -8.00 16.59
C LYS B 356 19.25 -6.80 17.49
N VAL B 357 19.54 -5.68 16.88
CA VAL B 357 19.62 -4.40 17.56
C VAL B 357 18.60 -3.47 16.94
N ALA B 358 17.96 -2.67 17.77
CA ALA B 358 16.95 -1.73 17.34
C ALA B 358 17.60 -0.37 17.22
N ARG B 359 17.56 0.20 16.03
CA ARG B 359 18.07 1.55 15.84
C ARG B 359 17.11 2.54 16.47
N LEU B 360 17.65 3.45 17.28
CA LEU B 360 16.79 4.26 18.13
C LEU B 360 16.04 5.32 17.37
N GLY B 361 16.49 5.69 16.17
CA GLY B 361 15.71 6.59 15.36
C GLY B 361 16.40 7.92 15.13
N ARG B 362 15.59 8.97 14.99
CA ARG B 362 16.09 10.27 14.59
C ARG B 362 16.78 11.04 15.70
N GLY B 363 16.65 10.60 16.95
CA GLY B 363 17.21 11.35 18.07
C GLY B 363 16.16 12.26 18.67
N TYR B 364 16.56 13.34 19.32
CA TYR B 364 15.61 14.29 19.90
C TYR B 364 15.94 15.71 19.47
N MET B 365 14.96 16.59 19.56
CA MET B 365 15.22 18.00 19.34
C MET B 365 15.57 18.67 20.66
N PHE B 366 16.57 19.54 20.62
CA PHE B 366 17.08 20.23 21.78
C PHE B 366 17.02 21.72 21.50
N GLU B 367 16.91 22.52 22.56
CA GLU B 367 16.63 23.94 22.40
C GLU B 367 17.44 24.76 23.38
N SER B 368 18.16 25.74 22.85
CA SER B 368 18.75 26.80 23.64
C SER B 368 17.79 27.99 23.64
N LYS B 369 17.34 28.38 24.84
CA LYS B 369 16.52 29.58 25.01
C LYS B 369 17.35 30.86 24.98
N SER B 370 18.62 30.79 25.40
CA SER B 370 19.45 31.98 25.44
C SER B 370 20.03 32.33 24.07
N MET B 371 20.24 31.33 23.22
CA MET B 371 20.68 31.56 21.86
C MET B 371 19.54 31.48 20.86
N HIS B 372 18.35 31.09 21.31
CA HIS B 372 17.15 30.90 20.50
C HIS B 372 17.40 29.98 19.31
N LEU B 373 17.90 28.78 19.60
CA LEU B 373 18.13 27.82 18.54
C LEU B 373 17.58 26.47 18.93
N ARG B 374 17.31 25.66 17.93
CA ARG B 374 16.98 24.26 18.10
C ARG B 374 17.91 23.45 17.23
N THR B 375 18.16 22.22 17.65
CA THR B 375 19.00 21.32 16.87
C THR B 375 18.57 19.89 17.16
N GLN B 376 18.51 19.08 16.12
CA GLN B 376 18.23 17.66 16.27
C GLN B 376 19.52 16.96 16.63
N ILE B 377 19.52 16.23 17.74
CA ILE B 377 20.62 15.38 18.15
C ILE B 377 20.24 13.95 17.82
N SER B 378 20.97 13.35 16.90
CA SER B 378 20.65 12.02 16.40
C SER B 378 20.97 10.95 17.44
N ALA B 379 20.57 9.71 17.13
CA ALA B 379 20.71 8.61 18.08
C ALA B 379 22.16 8.18 18.27
N GLU B 380 23.05 8.50 17.33
CA GLU B 380 24.48 8.28 17.53
C GLU B 380 25.02 9.17 18.64
N ASN B 381 24.52 10.40 18.75
CA ASN B 381 25.08 11.40 19.63
C ASN B 381 24.37 11.51 20.97
N LEU B 382 23.31 10.74 21.20
CA LEU B 382 22.55 10.85 22.44
C LEU B 382 23.28 10.24 23.63
N SER B 383 24.28 9.39 23.40
CA SER B 383 25.01 8.78 24.50
C SER B 383 26.01 9.74 25.12
N ASP B 384 26.53 10.67 24.35
CA ASP B 384 27.49 11.65 24.85
C ASP B 384 26.82 12.88 25.45
N ILE B 385 25.50 12.98 25.38
CA ILE B 385 24.80 14.11 25.98
C ILE B 385 24.72 13.87 27.48
N ASN B 386 25.07 14.88 28.26
CA ASN B 386 24.90 14.81 29.71
C ASN B 386 23.43 14.66 30.07
N LEU B 387 23.17 13.92 31.15
CA LEU B 387 21.83 13.47 31.49
C LEU B 387 20.91 14.60 31.89
N ARG B 388 21.46 15.72 32.36
CA ARG B 388 20.62 16.78 32.90
C ARG B 388 19.90 17.57 31.82
N TYR B 389 20.29 17.43 30.55
CA TYR B 389 19.62 18.14 29.48
C TYR B 389 18.38 17.42 28.98
N PHE B 390 18.23 16.15 29.30
CA PHE B 390 17.02 15.44 28.93
C PHE B 390 15.89 15.83 29.87
N ASN B 391 14.66 15.74 29.37
CA ASN B 391 13.52 15.94 30.25
C ASN B 391 13.34 14.70 31.13
N GLU B 392 12.34 14.74 32.02
CA GLU B 392 12.29 13.79 33.14
C GLU B 392 11.99 12.37 32.68
N ASP B 393 11.03 12.21 31.78
CA ASP B 393 10.68 10.89 31.25
C ASP B 393 11.80 10.32 30.39
N THR B 394 12.43 11.16 29.59
CA THR B 394 13.51 10.69 28.74
C THR B 394 14.76 10.39 29.55
N LYS B 395 14.99 11.12 30.65
CA LYS B 395 16.09 10.78 31.55
C LYS B 395 15.88 9.41 32.19
N LYS B 396 14.64 9.11 32.58
CA LYS B 396 14.31 7.78 33.07
C LYS B 396 14.52 6.70 32.02
N LYS B 397 14.15 6.98 30.77
CA LYS B 397 14.32 5.99 29.72
C LYS B 397 15.78 5.78 29.37
N ILE B 398 16.57 6.85 29.32
CA ILE B 398 17.98 6.77 28.97
C ILE B 398 18.74 5.99 30.04
N GLU B 399 18.37 6.17 31.31
CA GLU B 399 19.11 5.52 32.39
C GLU B 399 18.94 4.01 32.38
N LYS B 400 17.76 3.50 32.06
CA LYS B 400 17.56 2.06 32.04
C LYS B 400 17.81 1.45 30.67
N ILE B 401 18.54 2.15 29.79
CA ILE B 401 18.80 1.68 28.44
C ILE B 401 20.30 1.73 28.16
N ARG B 402 21.05 2.34 29.07
CA ARG B 402 22.46 2.68 28.82
C ARG B 402 23.34 1.43 28.73
N HIS B 403 23.01 0.35 29.44
CA HIS B 403 23.74 -0.89 29.31
C HIS B 403 23.38 -1.66 28.03
N LEU B 404 22.34 -1.24 27.33
CA LEU B 404 21.92 -1.89 26.09
C LEU B 404 22.39 -1.15 24.84
N MET B 405 22.95 0.04 24.98
CA MET B 405 23.18 0.89 23.81
C MET B 405 24.47 0.53 23.10
N VAL B 406 24.34 0.17 21.82
CA VAL B 406 25.50 -0.07 20.96
C VAL B 406 25.35 0.77 19.70
N GLU B 407 26.22 1.79 19.55
CA GLU B 407 26.44 2.54 18.30
C GLU B 407 25.17 3.21 17.77
N GLY B 408 24.44 3.88 18.64
CA GLY B 408 23.18 4.46 18.26
C GLY B 408 22.04 3.47 18.13
N THR B 409 22.23 2.22 18.55
CA THR B 409 21.18 1.21 18.59
C THR B 409 21.17 0.59 19.98
N ALA B 410 20.00 0.07 20.36
CA ALA B 410 19.86 -0.68 21.59
C ALA B 410 19.79 -2.17 21.29
N SER B 411 20.45 -2.97 22.11
CA SER B 411 20.32 -4.41 21.98
C SER B 411 18.92 -4.85 22.40
N LEU B 412 18.36 -5.80 21.65
CA LEU B 412 16.99 -6.24 21.84
C LEU B 412 16.91 -7.72 21.49
N SER B 413 17.44 -8.57 22.37
CA SER B 413 17.38 -10.01 22.12
C SER B 413 15.98 -10.60 22.27
N PRO B 414 15.21 -10.35 23.34
CA PRO B 414 13.84 -10.86 23.33
C PRO B 414 12.93 -9.99 22.47
N GLY B 415 11.73 -10.48 22.23
CA GLY B 415 10.80 -9.80 21.35
C GLY B 415 11.09 -10.08 19.88
N MET B 416 10.06 -9.90 19.07
CA MET B 416 10.23 -10.05 17.64
C MET B 416 10.06 -8.76 16.87
N MET B 417 9.63 -7.68 17.55
CA MET B 417 9.20 -6.38 17.01
C MET B 417 7.96 -6.51 16.12
N MET B 418 7.35 -5.37 15.79
CA MET B 418 5.98 -5.31 15.30
C MET B 418 5.84 -5.99 13.95
N GLY B 419 5.18 -7.13 13.92
CA GLY B 419 4.79 -7.79 12.69
C GLY B 419 5.89 -8.44 11.90
N MET B 420 7.00 -8.82 12.52
CA MET B 420 8.08 -9.39 11.73
C MET B 420 7.85 -10.86 11.44
N PHE B 421 7.19 -11.58 12.33
CA PHE B 421 6.88 -13.01 12.14
C PHE B 421 5.39 -13.21 12.42
N ASN B 422 4.53 -12.71 11.54
CA ASN B 422 3.09 -12.78 11.78
C ASN B 422 2.58 -14.21 11.71
N MET B 423 2.93 -14.93 10.65
CA MET B 423 2.37 -16.26 10.45
C MET B 423 2.94 -17.28 11.41
N LEU B 424 4.18 -17.10 11.86
CA LEU B 424 4.78 -18.06 12.77
C LEU B 424 4.22 -17.93 14.18
N SER B 425 3.99 -16.70 14.63
CA SER B 425 3.32 -16.50 15.91
C SER B 425 1.86 -16.91 15.83
N THR B 426 1.25 -16.77 14.66
CA THR B 426 -0.08 -17.31 14.42
C THR B 426 -0.10 -18.83 14.57
N VAL B 427 0.93 -19.51 14.04
CA VAL B 427 1.06 -20.95 14.16
C VAL B 427 1.18 -21.36 15.64
N LEU B 428 1.91 -20.58 16.43
CA LEU B 428 2.01 -20.85 17.86
C LEU B 428 0.64 -20.74 18.56
N GLY B 429 -0.10 -19.67 18.27
CA GLY B 429 -1.45 -19.53 18.82
C GLY B 429 -2.41 -20.61 18.36
N VAL B 430 -2.27 -21.05 17.10
CA VAL B 430 -3.12 -22.12 16.59
C VAL B 430 -2.75 -23.46 17.21
N SER B 431 -1.50 -23.64 17.61
CA SER B 431 -1.14 -24.85 18.35
C SER B 431 -1.79 -24.87 19.73
N VAL B 432 -1.89 -23.71 20.38
CA VAL B 432 -2.63 -23.68 21.64
C VAL B 432 -4.13 -23.92 21.41
N LEU B 433 -4.70 -23.38 20.32
CA LEU B 433 -6.10 -23.66 20.02
C LEU B 433 -6.33 -25.13 19.66
N ASN B 434 -5.34 -25.76 19.05
CA ASN B 434 -5.40 -27.15 18.65
C ASN B 434 -5.32 -28.09 19.84
N LEU B 435 -4.69 -27.65 20.93
CA LEU B 435 -4.61 -28.44 22.16
C LEU B 435 -5.98 -28.82 22.72
N GLY B 436 -7.00 -28.00 22.51
CA GLY B 436 -8.28 -28.22 23.15
C GLY B 436 -9.28 -29.13 22.47
N GLN B 437 -8.82 -30.06 21.64
CA GLN B 437 -9.70 -31.11 21.11
C GLN B 437 -10.11 -32.06 22.23
N ARG B 438 -11.39 -32.47 22.22
CA ARG B 438 -11.93 -33.26 23.32
C ARG B 438 -11.38 -34.68 23.34
N GLU B 439 -11.03 -35.22 22.16
CA GLU B 439 -10.44 -36.55 22.08
C GLU B 439 -9.04 -36.58 22.69
N ILE B 440 -8.32 -35.47 22.64
CA ILE B 440 -6.97 -35.37 23.14
C ILE B 440 -6.94 -34.87 24.57
N LEU B 441 -7.72 -33.84 24.89
CA LEU B 441 -7.71 -33.25 26.22
C LEU B 441 -8.32 -34.18 27.25
N LYS B 442 -9.43 -34.85 26.88
CA LYS B 442 -10.10 -35.90 27.67
C LYS B 442 -10.53 -35.42 29.05
N ARG B 443 -11.28 -34.32 29.09
CA ARG B 443 -11.85 -33.82 30.33
C ARG B 443 -13.26 -33.30 30.04
N THR B 444 -13.79 -32.54 31.00
CA THR B 444 -15.16 -32.08 30.92
C THR B 444 -15.33 -30.88 29.99
N TYR B 445 -14.24 -30.17 29.69
CA TYR B 445 -14.25 -29.04 28.79
C TYR B 445 -13.48 -29.39 27.52
N TRP B 446 -13.76 -28.64 26.46
CA TRP B 446 -12.94 -28.64 25.26
C TRP B 446 -13.10 -27.28 24.59
N TRP B 447 -12.18 -26.95 23.69
CA TRP B 447 -12.26 -25.65 23.06
C TRP B 447 -11.86 -25.73 21.60
N ASP B 448 -12.06 -24.61 20.92
CA ASP B 448 -11.86 -24.47 19.49
C ASP B 448 -11.84 -22.99 19.16
N GLY B 449 -11.46 -22.66 17.95
CA GLY B 449 -11.67 -21.29 17.51
C GLY B 449 -10.81 -20.94 16.32
N LEU B 450 -10.37 -19.69 16.32
CA LEU B 450 -9.63 -19.13 15.20
C LEU B 450 -8.67 -18.07 15.71
N GLN B 451 -7.46 -18.06 15.16
CA GLN B 451 -6.43 -17.10 15.52
C GLN B 451 -5.82 -16.49 14.28
N SER B 452 -5.66 -15.18 14.29
CA SER B 452 -4.88 -14.46 13.28
C SER B 452 -4.08 -13.41 14.03
N SER B 453 -2.76 -13.49 13.93
CA SER B 453 -1.79 -12.71 14.73
C SER B 453 -2.07 -12.89 16.21
N ASP B 454 -2.39 -11.82 16.93
CA ASP B 454 -2.74 -11.92 18.33
C ASP B 454 -4.24 -12.01 18.57
N ASP B 455 -5.05 -11.73 17.55
CA ASP B 455 -6.49 -11.72 17.69
C ASP B 455 -7.02 -13.14 17.69
N PHE B 456 -7.93 -13.44 18.61
CA PHE B 456 -8.45 -14.79 18.63
C PHE B 456 -9.90 -14.79 19.05
N ALA B 457 -10.61 -15.79 18.54
CA ALA B 457 -11.91 -16.19 19.04
C ALA B 457 -11.75 -17.59 19.63
N LEU B 458 -12.21 -17.77 20.85
CA LEU B 458 -12.05 -19.03 21.55
C LEU B 458 -13.42 -19.50 22.01
N ILE B 459 -13.91 -20.58 21.44
CA ILE B 459 -15.21 -21.13 21.80
C ILE B 459 -14.97 -22.29 22.76
N ILE B 460 -15.43 -22.15 24.00
CA ILE B 460 -15.23 -23.16 25.04
C ILE B 460 -16.57 -23.83 25.30
N ASN B 461 -16.59 -25.16 25.21
CA ASN B 461 -17.79 -25.93 25.46
C ASN B 461 -17.60 -26.78 26.71
N GLY B 462 -18.71 -27.08 27.36
CA GLY B 462 -18.69 -27.83 28.60
C GLY B 462 -20.10 -28.00 29.11
N HIS B 463 -20.24 -28.83 30.13
CA HIS B 463 -21.56 -29.13 30.66
C HIS B 463 -22.02 -28.12 31.69
N PHE B 464 -21.10 -27.57 32.47
CA PHE B 464 -21.43 -26.60 33.51
C PHE B 464 -20.57 -25.37 33.32
N LYS B 465 -20.91 -24.31 34.04
CA LYS B 465 -20.16 -23.08 33.92
C LYS B 465 -18.81 -23.18 34.62
N GLU B 466 -18.68 -24.07 35.60
CA GLU B 466 -17.38 -24.33 36.21
C GLU B 466 -16.45 -25.03 35.23
N ASP B 467 -16.99 -25.87 34.33
CA ASP B 467 -16.17 -26.46 33.28
C ASP B 467 -15.67 -25.40 32.31
N ILE B 468 -16.50 -24.40 32.03
CA ILE B 468 -16.09 -23.27 31.21
C ILE B 468 -14.97 -22.49 31.89
N GLN B 469 -15.09 -22.28 33.20
CA GLN B 469 -14.04 -21.59 33.94
C GLN B 469 -12.73 -22.37 33.95
N GLN B 470 -12.80 -23.69 34.12
CA GLN B 470 -11.59 -24.52 34.11
C GLN B 470 -10.97 -24.58 32.72
N GLY B 471 -11.78 -24.60 31.68
CA GLY B 471 -11.25 -24.57 30.33
C GLY B 471 -10.58 -23.25 29.98
N VAL B 472 -11.20 -22.14 30.38
CA VAL B 472 -10.62 -20.81 30.19
C VAL B 472 -9.30 -20.71 30.94
N ASN B 473 -9.25 -21.26 32.16
CA ASN B 473 -8.01 -21.27 32.94
C ASN B 473 -6.94 -22.13 32.29
N HIS B 474 -7.31 -23.28 31.75
CA HIS B 474 -6.35 -24.16 31.10
C HIS B 474 -5.76 -23.53 29.85
N PHE B 475 -6.60 -22.92 29.03
CA PHE B 475 -6.13 -22.20 27.84
C PHE B 475 -5.19 -21.06 28.22
N TYR B 476 -5.60 -20.26 29.22
CA TYR B 476 -4.85 -19.07 29.61
C TYR B 476 -3.51 -19.42 30.21
N ARG B 477 -3.46 -20.47 31.04
CA ARG B 477 -2.20 -20.88 31.63
C ARG B 477 -1.28 -21.58 30.63
N THR B 478 -1.83 -22.30 29.64
CA THR B 478 -1.00 -22.86 28.58
C THR B 478 -0.37 -21.76 27.72
N CYS B 479 -1.18 -20.76 27.37
CA CYS B 479 -0.65 -19.59 26.65
C CYS B 479 0.44 -18.90 27.47
N LYS B 480 0.25 -18.81 28.79
CA LYS B 480 1.29 -18.27 29.66
C LYS B 480 2.57 -19.09 29.60
N LEU B 481 2.44 -20.41 29.49
CA LEU B 481 3.61 -21.27 29.38
C LEU B 481 4.36 -21.04 28.09
N VAL B 482 3.70 -20.63 27.02
CA VAL B 482 4.39 -20.40 25.76
C VAL B 482 4.53 -18.90 25.44
N GLY B 483 4.53 -18.05 26.46
CA GLY B 483 4.79 -16.64 26.26
C GLY B 483 3.68 -15.84 25.61
N ILE B 484 2.44 -16.29 25.72
CA ILE B 484 1.29 -15.60 25.15
C ILE B 484 0.43 -15.12 26.31
N ASN B 485 0.21 -13.82 26.37
CA ASN B 485 -0.43 -13.21 27.52
C ASN B 485 -1.74 -12.62 27.08
N MET B 486 -2.83 -13.29 27.40
CA MET B 486 -4.15 -12.78 27.07
C MET B 486 -4.43 -11.51 27.84
N SER B 487 -4.86 -10.47 27.12
CA SER B 487 -5.24 -9.21 27.73
C SER B 487 -6.52 -9.39 28.51
N GLN B 488 -6.45 -9.24 29.83
CA GLN B 488 -7.64 -9.39 30.63
C GLN B 488 -8.54 -8.16 30.55
N LYS B 489 -7.97 -6.97 30.38
CA LYS B 489 -8.81 -5.78 30.30
C LYS B 489 -9.37 -5.55 28.91
N LYS B 490 -8.94 -6.31 27.89
CA LYS B 490 -9.52 -6.18 26.56
C LYS B 490 -10.31 -7.40 26.11
N SER B 491 -10.23 -8.51 26.82
CA SER B 491 -11.01 -9.69 26.46
C SER B 491 -12.25 -9.79 27.32
N TYR B 492 -13.30 -10.35 26.74
CA TYR B 492 -14.51 -10.63 27.47
C TYR B 492 -15.09 -11.93 26.94
N ILE B 493 -16.04 -12.46 27.68
CA ILE B 493 -16.63 -13.75 27.37
C ILE B 493 -18.14 -13.62 27.53
N ASN B 494 -18.89 -14.30 26.66
CA ASN B 494 -20.33 -14.41 26.76
C ASN B 494 -20.72 -15.70 26.09
N LYS B 495 -22.00 -16.05 26.14
CA LYS B 495 -22.48 -17.23 25.44
C LYS B 495 -22.31 -17.06 23.92
N THR B 496 -22.03 -18.18 23.26
CA THR B 496 -21.79 -18.19 21.83
C THR B 496 -23.04 -17.76 21.06
N GLY B 497 -22.84 -16.86 20.12
CA GLY B 497 -23.92 -16.25 19.36
C GLY B 497 -23.54 -14.87 18.89
N THR B 498 -22.80 -14.14 19.71
CA THR B 498 -22.23 -12.85 19.33
C THR B 498 -20.76 -12.82 19.73
N PHE B 499 -19.93 -12.23 18.87
CA PHE B 499 -18.54 -11.94 19.22
C PHE B 499 -18.02 -10.84 18.32
N GLU B 500 -16.76 -10.50 18.52
CA GLU B 500 -16.03 -9.56 17.68
C GLU B 500 -14.70 -10.20 17.29
N PHE B 501 -14.27 -9.95 16.05
CA PHE B 501 -12.97 -10.43 15.57
C PHE B 501 -12.46 -9.41 14.56
N THR B 502 -11.46 -8.62 14.97
CA THR B 502 -10.75 -7.63 14.13
C THR B 502 -11.70 -6.67 13.43
N SER B 503 -12.62 -6.09 14.23
CA SER B 503 -13.68 -5.18 13.79
C SER B 503 -14.63 -5.84 12.79
N PHE B 504 -14.77 -7.15 12.87
CA PHE B 504 -15.90 -7.87 12.30
C PHE B 504 -16.82 -8.23 13.45
N PHE B 505 -18.06 -7.79 13.40
CA PHE B 505 -18.99 -7.96 14.50
C PHE B 505 -20.01 -9.02 14.12
N TYR B 506 -20.04 -10.12 14.87
CA TYR B 506 -20.95 -11.21 14.62
C TYR B 506 -22.07 -11.14 15.64
N ARG B 507 -23.30 -11.04 15.15
CA ARG B 507 -24.50 -11.08 15.96
C ARG B 507 -25.47 -12.02 15.24
N TYR B 508 -25.27 -13.31 15.45
CA TYR B 508 -25.94 -14.39 14.72
C TYR B 508 -25.76 -14.22 13.21
N GLY B 509 -24.54 -13.91 12.81
CA GLY B 509 -24.24 -13.47 11.46
C GLY B 509 -23.45 -12.19 11.53
N PHE B 510 -22.58 -12.00 10.54
CA PHE B 510 -21.76 -10.80 10.51
C PHE B 510 -22.58 -9.61 10.06
N VAL B 511 -22.49 -8.53 10.83
CA VAL B 511 -23.18 -7.29 10.51
C VAL B 511 -22.24 -6.45 9.66
N ALA B 512 -22.79 -5.43 8.99
CA ALA B 512 -21.97 -4.52 8.21
C ALA B 512 -21.38 -3.44 9.09
N ASN B 513 -20.19 -3.00 8.74
CA ASN B 513 -19.52 -1.87 9.37
C ASN B 513 -19.08 -0.94 8.23
N PHE B 514 -20.00 -0.09 7.80
CA PHE B 514 -19.76 0.79 6.66
C PHE B 514 -18.74 1.89 6.97
N SER B 515 -18.64 2.31 8.23
CA SER B 515 -17.84 3.48 8.59
C SER B 515 -16.35 3.24 8.34
N MET B 516 -15.92 1.99 8.45
CA MET B 516 -14.55 1.60 8.14
C MET B 516 -14.18 1.88 6.68
N GLU B 517 -15.16 1.91 5.80
CA GLU B 517 -14.94 2.19 4.39
C GLU B 517 -15.07 3.67 4.05
N LEU B 518 -15.43 4.52 5.01
CA LEU B 518 -15.54 5.96 4.73
C LEU B 518 -14.27 6.65 4.23
N PRO B 519 -13.03 6.34 4.65
CA PRO B 519 -11.87 7.05 4.06
C PRO B 519 -11.58 6.72 2.61
N SER B 520 -12.28 5.77 1.99
CA SER B 520 -12.02 5.42 0.60
C SER B 520 -12.95 6.13 -0.38
N PHE B 521 -13.89 6.92 0.10
CA PHE B 521 -14.81 7.65 -0.77
C PHE B 521 -14.24 9.03 -1.06
N GLY B 522 -14.28 9.42 -2.33
CA GLY B 522 -13.71 10.70 -2.72
C GLY B 522 -12.78 10.58 -3.90
N VAL B 523 -12.18 11.69 -4.29
CA VAL B 523 -11.40 11.76 -5.51
C VAL B 523 -9.97 11.32 -5.22
N ALA B 524 -9.46 10.38 -6.01
CA ALA B 524 -8.23 9.68 -5.65
C ALA B 524 -6.98 10.44 -6.06
N GLY B 525 -7.07 11.33 -7.04
CA GLY B 525 -5.95 12.16 -7.40
C GLY B 525 -4.94 11.57 -8.34
N ASN B 526 -5.37 10.76 -9.31
CA ASN B 526 -4.45 10.20 -10.30
C ASN B 526 -4.51 11.00 -11.59
N ASN B 527 -5.68 10.99 -12.22
CA ASN B 527 -6.07 11.86 -13.32
C ASN B 527 -7.58 11.80 -13.38
N GLU B 528 -8.18 12.47 -14.37
CA GLU B 528 -9.64 12.56 -14.46
C GLU B 528 -10.29 11.20 -14.73
N SER B 529 -9.72 10.42 -15.65
CA SER B 529 -10.35 9.19 -16.11
C SER B 529 -10.24 8.08 -15.06
N ALA B 530 -9.03 7.90 -14.52
CA ALA B 530 -8.79 6.89 -13.50
C ALA B 530 -9.59 7.16 -12.24
N ASP B 531 -9.70 8.43 -11.84
CA ASP B 531 -10.48 8.78 -10.66
C ASP B 531 -11.97 8.55 -10.87
N MET B 532 -12.47 8.78 -12.08
CA MET B 532 -13.88 8.46 -12.36
C MET B 532 -14.15 6.97 -12.19
N SER B 533 -13.25 6.12 -12.71
CA SER B 533 -13.41 4.68 -12.56
C SER B 533 -13.29 4.24 -11.10
N ILE B 534 -12.36 4.85 -10.35
CA ILE B 534 -12.16 4.54 -8.93
C ILE B 534 -13.39 4.89 -8.11
N GLY B 535 -13.98 6.07 -8.34
CA GLY B 535 -15.15 6.49 -7.57
C GLY B 535 -16.36 5.59 -7.77
N THR B 536 -16.68 5.28 -9.04
CA THR B 536 -17.85 4.42 -9.26
C THR B 536 -17.58 2.99 -8.80
N THR B 537 -16.34 2.51 -8.89
CA THR B 537 -16.05 1.17 -8.42
C THR B 537 -16.10 1.06 -6.90
N VAL B 538 -15.66 2.09 -6.17
CA VAL B 538 -15.78 2.10 -4.71
C VAL B 538 -17.23 2.05 -4.28
N ILE B 539 -18.10 2.82 -4.97
CA ILE B 539 -19.51 2.77 -4.62
C ILE B 539 -20.13 1.40 -4.93
N LYS B 540 -19.73 0.79 -6.06
CA LYS B 540 -20.23 -0.54 -6.41
C LYS B 540 -19.76 -1.62 -5.43
N THR B 541 -18.48 -1.59 -5.06
CA THR B 541 -17.91 -2.57 -4.14
C THR B 541 -18.53 -2.45 -2.77
N ASN B 542 -18.83 -1.23 -2.33
CA ASN B 542 -19.46 -1.09 -1.03
C ASN B 542 -20.94 -1.44 -1.05
N MET B 543 -21.61 -1.34 -2.21
CA MET B 543 -22.95 -1.89 -2.30
C MET B 543 -22.93 -3.40 -2.18
N ILE B 544 -21.92 -4.04 -2.76
CA ILE B 544 -21.87 -5.49 -2.73
C ILE B 544 -21.45 -6.00 -1.34
N ASN B 545 -20.43 -5.41 -0.75
CA ASN B 545 -19.77 -6.02 0.41
C ASN B 545 -20.17 -5.42 1.75
N ASN B 546 -20.31 -4.11 1.84
CA ASN B 546 -20.48 -3.44 3.13
C ASN B 546 -21.89 -2.93 3.35
N ASP B 547 -22.86 -3.44 2.57
CA ASP B 547 -24.30 -3.22 2.74
C ASP B 547 -24.66 -1.74 2.63
N LEU B 548 -23.98 -1.04 1.75
CA LEU B 548 -24.37 0.32 1.40
C LEU B 548 -25.67 0.29 0.62
N GLY B 549 -26.72 0.84 1.22
CA GLY B 549 -28.04 0.82 0.66
C GLY B 549 -28.16 1.61 -0.63
N PRO B 550 -29.23 1.38 -1.38
CA PRO B 550 -29.33 2.00 -2.72
C PRO B 550 -29.53 3.51 -2.70
N ALA B 551 -30.32 4.05 -1.75
CA ALA B 551 -30.47 5.50 -1.66
C ALA B 551 -29.17 6.18 -1.24
N THR B 552 -28.46 5.60 -0.28
CA THR B 552 -27.16 6.14 0.12
C THR B 552 -26.12 5.95 -0.97
N ALA B 553 -26.27 4.92 -1.81
CA ALA B 553 -25.37 4.76 -2.94
C ALA B 553 -25.60 5.81 -4.02
N GLN B 554 -26.85 6.17 -4.27
CA GLN B 554 -27.14 7.27 -5.19
C GLN B 554 -26.60 8.59 -4.65
N MET B 555 -26.71 8.81 -3.34
CA MET B 555 -26.14 10.01 -2.74
C MET B 555 -24.61 9.99 -2.77
N ALA B 556 -24.01 8.80 -2.69
CA ALA B 556 -22.56 8.69 -2.84
C ALA B 556 -22.12 9.03 -4.25
N ILE B 557 -22.91 8.64 -5.25
CA ILE B 557 -22.64 9.02 -6.63
C ILE B 557 -22.69 10.53 -6.80
N GLN B 558 -23.71 11.16 -6.21
CA GLN B 558 -23.84 12.62 -6.31
C GLN B 558 -22.70 13.35 -5.61
N LEU B 559 -22.30 12.87 -4.43
CA LEU B 559 -21.22 13.53 -3.70
C LEU B 559 -19.88 13.33 -4.39
N PHE B 560 -19.66 12.15 -4.98
CA PHE B 560 -18.43 11.95 -5.73
C PHE B 560 -18.38 12.84 -6.96
N ILE B 561 -19.50 12.98 -7.68
CA ILE B 561 -19.51 13.80 -8.89
C ILE B 561 -19.31 15.27 -8.55
N LYS B 562 -19.87 15.72 -7.43
CA LYS B 562 -19.65 17.08 -6.96
C LYS B 562 -18.18 17.33 -6.64
N ASP B 563 -17.57 16.42 -5.87
CA ASP B 563 -16.15 16.56 -5.51
C ASP B 563 -15.24 16.47 -6.73
N TYR B 564 -15.59 15.61 -7.68
CA TYR B 564 -14.85 15.44 -8.92
C TYR B 564 -14.91 16.69 -9.79
N ARG B 565 -16.10 17.26 -9.95
CA ARG B 565 -16.26 18.46 -10.75
C ARG B 565 -15.58 19.65 -10.11
N TYR B 566 -15.50 19.69 -8.78
CA TYR B 566 -14.68 20.73 -8.17
C TYR B 566 -13.20 20.52 -8.47
N THR B 567 -12.70 19.30 -8.26
CA THR B 567 -11.27 19.04 -8.22
C THR B 567 -10.61 19.30 -9.56
N TYR B 568 -11.17 18.75 -10.63
CA TYR B 568 -10.60 18.98 -11.95
C TYR B 568 -11.21 20.18 -12.64
N ARG B 569 -11.98 20.99 -11.90
CA ARG B 569 -12.58 22.25 -12.34
C ARG B 569 -13.44 22.06 -13.58
N CYS B 570 -14.11 20.91 -13.66
CA CYS B 570 -14.87 20.53 -14.83
C CYS B 570 -16.36 20.52 -14.53
N HIS B 571 -16.89 21.63 -14.05
CA HIS B 571 -18.34 21.78 -13.90
C HIS B 571 -19.00 21.76 -15.26
N ARG B 572 -20.32 21.56 -15.26
CA ARG B 572 -21.07 21.36 -16.48
C ARG B 572 -21.02 22.60 -17.37
N GLY B 573 -21.19 22.37 -18.67
CA GLY B 573 -21.02 23.44 -19.63
C GLY B 573 -22.09 24.50 -19.56
N ASP B 574 -23.23 24.22 -18.95
CA ASP B 574 -24.26 25.21 -18.73
C ASP B 574 -24.23 25.80 -17.32
N THR B 575 -23.08 25.79 -16.66
CA THR B 575 -22.98 26.37 -15.33
C THR B 575 -22.88 27.88 -15.36
N ASN B 576 -23.31 28.50 -14.28
CA ASN B 576 -23.06 29.92 -14.03
C ASN B 576 -21.74 30.15 -13.30
N LEU B 577 -21.07 29.08 -12.89
CA LEU B 577 -19.77 29.19 -12.25
C LEU B 577 -18.72 29.60 -13.28
N GLU B 578 -17.57 30.02 -12.77
CA GLU B 578 -16.44 30.38 -13.61
C GLU B 578 -15.18 29.89 -12.93
N THR B 579 -14.40 29.08 -13.63
CA THR B 579 -13.13 28.62 -13.10
C THR B 579 -12.04 29.01 -14.07
N ARG B 580 -10.87 28.40 -13.96
CA ARG B 580 -9.82 28.66 -14.92
C ARG B 580 -10.11 28.02 -16.28
N ARG B 581 -11.03 27.05 -16.35
CA ARG B 581 -11.34 26.39 -17.61
C ARG B 581 -12.82 26.39 -17.94
N THR B 582 -13.59 27.34 -17.43
CA THR B 582 -15.01 27.41 -17.74
C THR B 582 -15.25 27.87 -19.18
N LYS B 583 -14.39 28.74 -19.73
CA LYS B 583 -14.63 29.29 -21.06
C LYS B 583 -14.40 28.25 -22.15
N SER B 584 -13.33 27.45 -22.00
CA SER B 584 -13.05 26.39 -22.97
C SER B 584 -14.11 25.29 -22.92
N ILE B 585 -14.55 24.93 -21.70
CA ILE B 585 -15.60 23.95 -21.53
C ILE B 585 -16.93 24.47 -22.07
N LYS B 586 -17.17 25.78 -21.96
CA LYS B 586 -18.37 26.39 -22.50
C LYS B 586 -18.35 26.40 -24.03
N ARG B 587 -17.18 26.65 -24.62
CA ARG B 587 -17.02 26.52 -26.07
C ARG B 587 -17.28 25.11 -26.55
N LEU B 588 -16.76 24.10 -25.83
CA LEU B 588 -17.03 22.71 -26.19
C LEU B 588 -18.51 22.37 -26.02
N TRP B 589 -19.15 22.93 -24.99
CA TRP B 589 -20.56 22.67 -24.74
C TRP B 589 -21.45 23.25 -25.82
N THR B 590 -21.09 24.43 -26.34
CA THR B 590 -21.97 25.11 -27.30
C THR B 590 -21.99 24.40 -28.64
N GLU B 591 -20.83 24.03 -29.17
CA GLU B 591 -20.78 23.43 -30.49
C GLU B 591 -21.08 21.95 -30.52
N THR B 592 -21.18 21.29 -29.36
CA THR B 592 -21.51 19.88 -29.32
C THR B 592 -23.01 19.70 -29.54
N ILE B 593 -23.35 18.82 -30.47
CA ILE B 593 -24.76 18.56 -30.78
C ILE B 593 -25.39 17.72 -29.68
N SER B 594 -24.79 16.58 -29.38
CA SER B 594 -25.29 15.65 -28.37
C SER B 594 -24.44 15.83 -27.12
N LYS B 595 -24.91 16.67 -26.19
CA LYS B 595 -24.14 16.96 -24.99
C LYS B 595 -24.17 15.81 -24.00
N ALA B 596 -25.10 14.87 -24.15
CA ALA B 596 -25.15 13.70 -23.28
C ALA B 596 -23.98 12.74 -23.50
N GLY B 597 -23.28 12.87 -24.63
CA GLY B 597 -22.08 12.09 -24.87
C GLY B 597 -20.80 12.68 -24.36
N LEU B 598 -20.83 13.95 -23.95
CA LEU B 598 -19.65 14.57 -23.37
C LEU B 598 -19.35 13.97 -22.01
N LEU B 599 -18.08 13.66 -21.77
CA LEU B 599 -17.66 13.16 -20.47
C LEU B 599 -17.78 14.25 -19.41
N VAL B 600 -17.78 13.82 -18.15
CA VAL B 600 -17.93 14.73 -17.02
C VAL B 600 -16.75 15.67 -16.94
N ALA B 601 -15.54 15.19 -17.23
CA ALA B 601 -14.36 16.03 -17.33
C ALA B 601 -14.42 17.02 -18.49
N ASP B 602 -15.31 16.81 -19.46
CA ASP B 602 -15.54 17.76 -20.53
C ASP B 602 -16.79 18.60 -20.33
N GLY B 603 -17.28 18.69 -19.10
CA GLY B 603 -18.49 19.44 -18.84
C GLY B 603 -19.77 18.72 -19.15
N GLY B 604 -19.73 17.42 -19.40
CA GLY B 604 -20.93 16.67 -19.68
C GLY B 604 -21.64 16.20 -18.42
N PRO B 605 -22.84 15.67 -18.58
CA PRO B 605 -23.64 15.27 -17.43
C PRO B 605 -23.14 13.98 -16.79
N ASN B 606 -23.60 13.75 -15.58
CA ASN B 606 -23.33 12.50 -14.89
C ASN B 606 -24.24 11.41 -15.46
N PRO B 607 -23.69 10.32 -16.02
CA PRO B 607 -24.54 9.27 -16.57
C PRO B 607 -24.91 8.18 -15.58
N TYR B 608 -24.31 8.17 -14.40
CA TYR B 608 -24.33 7.02 -13.52
C TYR B 608 -25.57 6.98 -12.65
N ASN B 609 -26.20 5.81 -12.60
CA ASN B 609 -27.15 5.50 -11.55
C ASN B 609 -26.69 4.16 -10.98
N LEU B 610 -27.58 3.44 -10.31
CA LEU B 610 -27.18 2.19 -9.68
C LEU B 610 -26.96 1.08 -10.70
N ARG B 611 -27.69 1.09 -11.81
CA ARG B 611 -27.64 -0.04 -12.73
C ARG B 611 -26.36 -0.09 -13.56
N ASN B 612 -25.65 1.03 -13.74
CA ASN B 612 -24.52 1.08 -14.65
C ASN B 612 -23.21 1.45 -13.97
N LEU B 613 -23.09 1.20 -12.65
CA LEU B 613 -21.86 1.51 -11.93
C LEU B 613 -20.67 0.68 -12.37
N HIS B 614 -20.92 -0.48 -12.96
CA HIS B 614 -19.87 -1.39 -13.41
C HIS B 614 -19.39 -1.11 -14.83
N ILE B 615 -19.98 -0.14 -15.52
CA ILE B 615 -19.60 0.20 -16.88
C ILE B 615 -18.74 1.46 -16.86
N PRO B 616 -17.56 1.44 -17.46
CA PRO B 616 -16.70 2.65 -17.51
C PRO B 616 -17.36 3.79 -18.27
N GLU B 617 -16.84 4.99 -18.04
CA GLU B 617 -17.55 6.19 -18.46
C GLU B 617 -17.49 6.40 -19.97
N VAL B 618 -16.36 6.06 -20.59
CA VAL B 618 -16.23 6.23 -22.03
C VAL B 618 -17.12 5.23 -22.77
N CYS B 619 -17.25 4.02 -22.25
CA CYS B 619 -18.11 3.02 -22.88
C CYS B 619 -19.58 3.37 -22.69
N LEU B 620 -19.94 3.94 -21.53
CA LEU B 620 -21.33 4.25 -21.22
C LEU B 620 -21.86 5.40 -22.06
N LYS B 621 -20.97 6.32 -22.46
CA LYS B 621 -21.34 7.52 -23.19
C LYS B 621 -21.07 7.42 -24.68
N TRP B 622 -20.56 6.27 -25.14
CA TRP B 622 -19.96 6.16 -26.47
C TRP B 622 -20.98 6.31 -27.58
N SER B 623 -22.18 5.75 -27.41
CA SER B 623 -23.19 5.83 -28.46
C SER B 623 -23.85 7.20 -28.54
N LEU B 624 -23.68 8.03 -27.51
CA LEU B 624 -24.22 9.37 -27.50
C LEU B 624 -23.19 10.42 -27.86
N MET B 625 -21.98 10.01 -28.21
CA MET B 625 -20.95 10.97 -28.59
C MET B 625 -21.17 11.44 -30.03
N ASP B 626 -20.82 12.71 -30.25
CA ASP B 626 -20.64 13.19 -31.61
C ASP B 626 -19.44 12.48 -32.23
N PRO B 627 -19.45 12.29 -33.55
CA PRO B 627 -18.27 11.68 -34.20
C PRO B 627 -17.01 12.53 -34.12
N ASP B 628 -17.12 13.86 -34.18
CA ASP B 628 -15.95 14.71 -34.08
C ASP B 628 -15.35 14.69 -32.67
N TYR B 629 -16.22 14.73 -31.65
CA TYR B 629 -15.75 14.65 -30.28
C TYR B 629 -15.11 13.30 -29.98
N ARG B 630 -15.71 12.24 -30.52
CA ARG B 630 -15.17 10.90 -30.32
C ARG B 630 -13.83 10.73 -31.03
N GLY B 631 -13.70 11.29 -32.23
CA GLY B 631 -12.44 11.24 -32.95
C GLY B 631 -11.34 12.08 -32.31
N ARG B 632 -11.72 13.16 -31.63
CA ARG B 632 -10.72 13.94 -30.89
C ARG B 632 -10.34 13.31 -29.57
N LEU B 633 -11.32 12.84 -28.81
CA LEU B 633 -11.12 12.35 -27.46
C LEU B 633 -10.31 11.06 -27.45
N CYS B 634 -10.63 10.15 -28.34
CA CYS B 634 -9.90 8.89 -28.49
C CYS B 634 -9.03 8.91 -29.73
N ASN B 635 -8.41 10.06 -30.01
CA ASN B 635 -7.46 10.18 -31.09
C ASN B 635 -6.23 9.33 -30.79
N PRO B 636 -5.79 8.47 -31.71
CA PRO B 636 -4.58 7.68 -31.47
C PRO B 636 -3.30 8.49 -31.46
N ASN B 637 -3.31 9.73 -31.95
CA ASN B 637 -2.17 10.64 -31.84
C ASN B 637 -2.22 11.50 -30.60
N ASN B 638 -2.90 11.03 -29.54
CA ASN B 638 -3.06 11.56 -28.20
C ASN B 638 -1.73 12.07 -27.64
N PRO B 639 -1.54 13.39 -27.55
CA PRO B 639 -0.25 13.92 -27.09
C PRO B 639 -0.05 13.89 -25.59
N PHE B 640 -1.07 13.52 -24.82
CA PHE B 640 -0.99 13.57 -23.37
C PHE B 640 -0.56 12.25 -22.75
N VAL B 641 -0.72 11.15 -23.46
CA VAL B 641 -0.37 9.86 -22.96
C VAL B 641 0.98 9.46 -23.57
N HIS B 642 1.57 8.40 -23.04
CA HIS B 642 2.85 7.93 -23.54
C HIS B 642 2.66 7.06 -24.79
N HIS B 643 3.63 7.11 -25.69
CA HIS B 643 3.60 6.36 -26.93
C HIS B 643 4.82 5.44 -27.00
N MET B 644 4.58 4.14 -27.09
CA MET B 644 5.64 3.18 -27.33
C MET B 644 6.11 3.24 -28.76
N GLU B 645 7.43 3.15 -28.95
CA GLU B 645 7.98 3.03 -30.29
C GLU B 645 7.65 1.66 -30.87
N VAL B 646 7.42 1.60 -32.18
CA VAL B 646 7.21 0.32 -32.83
C VAL B 646 8.54 -0.41 -32.92
N GLU B 647 8.53 -1.70 -32.59
CA GLU B 647 9.74 -2.49 -32.48
C GLU B 647 10.25 -2.94 -33.85
N SER B 648 11.11 -3.95 -33.86
CA SER B 648 11.74 -4.44 -35.08
C SER B 648 11.24 -5.82 -35.47
N THR B 649 10.05 -6.21 -34.99
CA THR B 649 9.40 -7.44 -35.38
C THR B 649 7.91 -7.14 -35.56
N ASN B 650 7.57 -6.47 -36.65
CA ASN B 650 6.19 -6.12 -36.96
C ASN B 650 5.96 -6.06 -38.47
N LYS B 662 8.89 11.64 -35.58
CA LYS B 662 9.79 11.12 -36.61
C LYS B 662 9.69 9.62 -36.75
N SER B 663 9.87 8.89 -35.65
CA SER B 663 9.86 7.44 -35.69
C SER B 663 8.44 6.90 -35.59
N LEU B 664 8.30 5.61 -35.86
CA LEU B 664 7.01 4.97 -35.75
C LEU B 664 6.64 4.76 -34.29
N GLU B 665 5.47 5.22 -33.91
CA GLU B 665 4.92 4.97 -32.60
C GLU B 665 3.60 4.23 -32.74
N TYR B 666 3.29 3.42 -31.74
CA TYR B 666 2.01 2.73 -31.73
C TYR B 666 0.86 3.71 -31.50
N ASP B 667 -0.31 3.33 -31.99
CA ASP B 667 -1.51 4.12 -31.75
C ASP B 667 -1.90 4.08 -30.29
N ALA B 668 -2.42 5.19 -29.79
CA ALA B 668 -2.89 5.26 -28.43
C ALA B 668 -4.33 4.77 -28.33
N VAL B 669 -4.68 4.24 -27.16
CA VAL B 669 -6.02 3.76 -26.90
C VAL B 669 -6.74 4.65 -25.89
N ALA B 670 -6.02 5.14 -24.88
CA ALA B 670 -6.62 5.93 -23.81
C ALA B 670 -7.05 7.30 -24.31
N THR B 671 -8.06 7.84 -23.65
CA THR B 671 -8.55 9.18 -23.96
C THR B 671 -7.56 10.23 -23.47
N THR B 672 -7.81 11.48 -23.85
CA THR B 672 -6.93 12.59 -23.48
C THR B 672 -7.06 13.02 -22.04
N HIS B 673 -7.95 12.41 -21.27
CA HIS B 673 -8.06 12.62 -19.83
C HIS B 673 -7.18 11.68 -19.03
N SER B 674 -6.37 10.87 -19.69
CA SER B 674 -5.40 10.00 -19.03
C SER B 674 -4.04 10.66 -18.93
N TRP B 675 -4.00 11.97 -18.72
CA TRP B 675 -2.74 12.68 -18.61
C TRP B 675 -2.07 12.34 -17.28
N THR B 676 -0.81 12.70 -17.17
CA THR B 676 -0.10 12.49 -15.94
C THR B 676 0.16 13.83 -15.29
N PRO B 677 -0.09 13.97 -13.98
CA PRO B 677 0.28 15.21 -13.30
C PRO B 677 1.78 15.34 -13.16
N LYS B 678 2.24 16.58 -13.01
CA LYS B 678 3.66 16.82 -12.87
C LYS B 678 4.14 16.41 -11.48
N ARG B 679 5.44 16.16 -11.38
CA ARG B 679 6.05 15.58 -10.20
C ARG B 679 7.05 16.55 -9.59
N ASN B 680 7.21 16.46 -8.27
CA ASN B 680 8.12 17.32 -7.52
C ASN B 680 8.85 16.45 -6.51
N ARG B 681 10.08 16.06 -6.84
CA ARG B 681 10.92 15.28 -5.94
C ARG B 681 11.91 16.16 -5.18
N SER B 682 11.70 17.46 -5.15
CA SER B 682 12.74 18.37 -4.70
C SER B 682 12.74 18.50 -3.17
N ILE B 683 13.93 18.72 -2.62
CA ILE B 683 14.15 18.85 -1.20
C ILE B 683 14.65 20.27 -0.94
N LEU B 684 14.16 20.88 0.14
CA LEU B 684 14.46 22.27 0.48
C LEU B 684 15.94 22.49 0.72
N ASN B 685 16.52 23.46 0.00
CA ASN B 685 17.92 23.89 0.10
C ASN B 685 18.90 22.75 -0.16
N THR B 686 18.54 21.80 -1.01
CA THR B 686 19.33 20.60 -1.19
C THR B 686 19.57 20.37 -2.66
N ASN B 687 20.82 20.13 -3.02
CA ASN B 687 21.22 19.80 -4.38
C ASN B 687 21.59 18.33 -4.39
N GLN B 688 20.80 17.53 -5.09
CA GLN B 688 20.95 16.08 -5.09
C GLN B 688 21.22 15.53 -6.49
N ARG B 689 21.81 16.33 -7.38
CA ARG B 689 22.10 15.89 -8.75
C ARG B 689 23.10 14.73 -8.77
N GLY B 690 24.12 14.81 -7.90
CA GLY B 690 25.16 13.81 -7.83
C GLY B 690 24.69 12.44 -7.36
N ILE B 691 23.54 12.36 -6.72
CA ILE B 691 22.94 11.07 -6.39
C ILE B 691 21.73 10.76 -7.24
N LEU B 692 21.11 11.74 -7.90
CA LEU B 692 20.02 11.47 -8.82
C LEU B 692 20.48 11.11 -10.22
N GLU B 693 21.79 11.19 -10.49
CA GLU B 693 22.29 10.81 -11.81
C GLU B 693 22.23 9.30 -12.04
N ASP B 694 22.42 8.50 -10.99
CA ASP B 694 22.47 7.05 -11.15
C ASP B 694 21.13 6.48 -11.57
N GLU B 695 20.05 7.03 -11.04
CA GLU B 695 18.70 6.60 -11.41
C GLU B 695 18.42 6.89 -12.88
N ARG B 696 18.89 8.04 -13.37
CA ARG B 696 18.67 8.42 -14.77
C ARG B 696 19.47 7.53 -15.71
N ILE B 697 20.71 7.20 -15.34
CA ILE B 697 21.53 6.31 -16.18
C ILE B 697 20.97 4.89 -16.17
N TYR B 698 20.44 4.44 -15.02
CA TYR B 698 19.75 3.15 -14.96
C TYR B 698 18.53 3.12 -15.86
N GLN B 699 17.73 4.19 -15.85
CA GLN B 699 16.54 4.22 -16.68
C GLN B 699 16.87 4.28 -18.17
N LYS B 700 17.99 4.92 -18.53
CA LYS B 700 18.42 4.89 -19.93
C LYS B 700 18.87 3.50 -20.35
N CYS B 701 19.57 2.78 -19.48
CA CYS B 701 20.01 1.43 -19.81
C CYS B 701 18.82 0.47 -19.91
N CYS B 702 17.87 0.58 -18.99
CA CYS B 702 16.69 -0.26 -19.06
C CYS B 702 15.77 0.13 -20.21
N GLN B 703 15.85 1.37 -20.69
CA GLN B 703 15.08 1.75 -21.87
C GLN B 703 15.71 1.24 -23.16
N VAL B 704 17.04 1.18 -23.22
CA VAL B 704 17.65 0.59 -24.40
C VAL B 704 17.54 -0.93 -24.42
N PHE B 705 17.37 -1.57 -23.26
CA PHE B 705 17.18 -3.02 -23.24
C PHE B 705 15.84 -3.40 -23.85
N GLU B 706 14.80 -2.62 -23.59
CA GLU B 706 13.47 -2.94 -24.07
C GLU B 706 13.29 -2.71 -25.56
N LYS B 707 14.25 -2.07 -26.22
CA LYS B 707 14.25 -2.03 -27.67
C LYS B 707 14.65 -3.36 -28.29
N PHE B 708 15.24 -4.26 -27.51
CA PHE B 708 15.63 -5.58 -27.97
C PHE B 708 14.76 -6.68 -27.43
N PHE B 709 14.04 -6.45 -26.33
CA PHE B 709 13.23 -7.47 -25.67
C PHE B 709 11.89 -6.83 -25.33
N PRO B 710 10.92 -6.91 -26.24
CA PRO B 710 9.70 -6.10 -26.09
C PRO B 710 8.75 -6.57 -25.01
N SER B 711 8.90 -7.78 -24.49
CA SER B 711 8.03 -8.26 -23.41
C SER B 711 8.54 -7.91 -22.03
N SER B 712 9.55 -7.04 -21.92
CA SER B 712 10.22 -6.82 -20.64
C SER B 712 9.35 -6.08 -19.65
N THR B 713 8.40 -5.27 -20.11
CA THR B 713 7.49 -4.63 -19.18
C THR B 713 6.31 -5.51 -18.82
N TYR B 714 5.90 -6.38 -19.73
CA TYR B 714 4.81 -7.30 -19.45
C TYR B 714 5.23 -8.35 -18.43
N ARG B 715 6.29 -9.08 -18.74
CA ARG B 715 6.81 -10.07 -17.82
C ARG B 715 8.31 -9.85 -17.63
N ARG B 716 8.75 -9.99 -16.40
CA ARG B 716 10.14 -9.76 -16.03
C ARG B 716 11.05 -10.76 -16.72
N PRO B 717 12.02 -10.32 -17.52
CA PRO B 717 12.89 -11.27 -18.21
C PRO B 717 13.93 -11.84 -17.26
N ILE B 718 14.21 -13.11 -17.43
CA ILE B 718 15.17 -13.79 -16.59
C ILE B 718 16.45 -13.98 -17.38
N GLY B 719 17.55 -14.15 -16.66
CA GLY B 719 18.80 -14.44 -17.33
C GLY B 719 20.04 -14.18 -16.51
N MET B 720 21.05 -15.02 -16.71
CA MET B 720 22.32 -14.84 -16.04
C MET B 720 23.33 -14.07 -16.88
N ALA B 721 23.10 -13.97 -18.19
CA ALA B 721 23.97 -13.18 -19.03
C ALA B 721 23.75 -11.69 -18.77
N SER B 722 24.76 -10.89 -19.10
CA SER B 722 24.68 -9.46 -18.90
C SER B 722 23.70 -8.85 -19.90
N MET B 723 23.34 -7.58 -19.65
CA MET B 723 22.41 -6.89 -20.52
C MET B 723 22.98 -6.70 -21.92
N LEU B 724 24.30 -6.45 -21.99
CA LEU B 724 24.93 -6.22 -23.28
C LEU B 724 25.05 -7.49 -24.10
N ASP B 725 25.43 -8.61 -23.47
CA ASP B 725 25.52 -9.89 -24.16
C ASP B 725 24.16 -10.31 -24.70
N ALA B 726 23.11 -10.10 -23.91
CA ALA B 726 21.76 -10.41 -24.34
C ALA B 726 21.33 -9.53 -25.51
N MET B 727 21.65 -8.23 -25.46
CA MET B 727 21.26 -7.33 -26.53
C MET B 727 22.01 -7.64 -27.82
N LEU B 728 23.29 -8.01 -27.73
CA LEU B 728 24.06 -8.33 -28.93
C LEU B 728 23.61 -9.64 -29.56
N SER B 729 23.28 -10.63 -28.72
CA SER B 729 22.79 -11.91 -29.24
C SER B 729 21.43 -11.74 -29.91
N ARG B 730 20.54 -10.95 -29.30
CA ARG B 730 19.24 -10.68 -29.90
C ARG B 730 19.39 -9.90 -31.20
N ALA B 731 20.32 -8.95 -31.25
CA ALA B 731 20.56 -8.15 -32.45
C ALA B 731 21.03 -9.01 -33.60
N ARG B 732 21.99 -9.91 -33.34
CA ARG B 732 22.50 -10.82 -34.37
C ARG B 732 21.44 -11.78 -34.87
N ILE B 733 20.68 -12.41 -33.96
CA ILE B 733 19.68 -13.36 -34.43
C ILE B 733 18.51 -12.65 -35.11
N ASP B 734 18.18 -11.42 -34.69
CA ASP B 734 17.15 -10.65 -35.36
C ASP B 734 17.55 -10.26 -36.76
N ALA B 735 18.81 -9.85 -36.94
CA ALA B 735 19.32 -9.53 -38.26
C ALA B 735 19.34 -10.74 -39.17
N ARG B 736 19.70 -11.91 -38.63
CA ARG B 736 19.74 -13.12 -39.46
C ARG B 736 18.35 -13.56 -39.88
N ILE B 737 17.37 -13.50 -38.96
CA ILE B 737 16.01 -13.90 -39.31
C ILE B 737 15.41 -12.90 -40.31
N ASP B 738 15.66 -11.60 -40.12
CA ASP B 738 15.14 -10.61 -41.06
C ASP B 738 15.81 -10.69 -42.43
N LEU B 739 17.06 -11.18 -42.48
CA LEU B 739 17.69 -11.42 -43.78
C LEU B 739 17.13 -12.66 -44.44
N GLU B 740 16.88 -13.72 -43.66
CA GLU B 740 16.32 -14.94 -44.20
C GLU B 740 14.89 -14.78 -44.70
N SER B 741 14.16 -13.79 -44.20
CA SER B 741 12.78 -13.56 -44.59
C SER B 741 12.63 -12.41 -45.58
N GLY B 742 13.73 -11.78 -45.98
CA GLY B 742 13.66 -10.70 -46.95
C GLY B 742 13.11 -9.39 -46.41
N ARG B 743 13.39 -9.06 -45.15
CA ARG B 743 13.05 -7.74 -44.66
C ARG B 743 14.21 -6.76 -44.74
N ILE B 744 15.44 -7.28 -44.81
CA ILE B 744 16.64 -6.45 -44.92
C ILE B 744 17.52 -7.05 -46.00
N SER B 745 18.36 -6.21 -46.60
CA SER B 745 19.33 -6.68 -47.57
C SER B 745 20.55 -7.25 -46.85
N SER B 746 21.50 -7.77 -47.64
CA SER B 746 22.73 -8.29 -47.06
C SER B 746 23.62 -7.17 -46.53
N GLN B 747 23.47 -5.96 -47.08
CA GLN B 747 24.25 -4.83 -46.61
C GLN B 747 23.85 -4.40 -45.22
N ASP B 748 22.53 -4.35 -44.95
CA ASP B 748 22.03 -4.06 -43.60
C ASP B 748 22.45 -5.14 -42.61
N PHE B 749 22.44 -6.40 -43.04
CA PHE B 749 22.83 -7.51 -42.18
C PHE B 749 24.30 -7.43 -41.79
N SER B 750 25.17 -7.18 -42.78
CA SER B 750 26.59 -7.02 -42.50
C SER B 750 26.86 -5.76 -41.69
N GLU B 751 26.04 -4.72 -41.88
CA GLU B 751 26.15 -3.51 -41.07
C GLU B 751 25.85 -3.78 -39.60
N ILE B 752 24.78 -4.52 -39.32
CA ILE B 752 24.41 -4.85 -37.95
C ILE B 752 25.45 -5.76 -37.31
N THR B 753 25.95 -6.75 -38.07
CA THR B 753 26.95 -7.64 -37.48
C THR B 753 28.29 -6.96 -37.25
N ASN B 754 28.68 -6.02 -38.12
CA ASN B 754 29.88 -5.24 -37.87
C ASN B 754 29.69 -4.28 -36.70
N THR B 755 28.46 -3.78 -36.50
CA THR B 755 28.19 -2.95 -35.33
C THR B 755 28.29 -3.76 -34.04
N CYS B 756 27.82 -5.01 -34.06
CA CYS B 756 27.95 -5.88 -32.90
C CYS B 756 29.40 -6.23 -32.63
N LYS B 757 30.20 -6.40 -33.70
CA LYS B 757 31.63 -6.62 -33.53
C LYS B 757 32.32 -5.40 -32.91
N ALA B 758 31.91 -4.20 -33.31
CA ALA B 758 32.52 -2.99 -32.74
C ALA B 758 32.12 -2.81 -31.27
N ILE B 759 30.88 -3.18 -30.93
CA ILE B 759 30.46 -3.11 -29.53
C ILE B 759 31.22 -4.12 -28.68
N GLU B 760 31.47 -5.31 -29.22
CA GLU B 760 32.30 -6.29 -28.52
C GLU B 760 33.75 -5.83 -28.35
N ALA B 761 34.29 -5.13 -29.35
CA ALA B 761 35.65 -4.59 -29.22
C ALA B 761 35.73 -3.49 -28.17
N LEU B 762 34.73 -2.61 -28.13
CA LEU B 762 34.68 -1.59 -27.07
C LEU B 762 34.47 -2.21 -25.70
N LYS B 763 33.76 -3.33 -25.63
CA LYS B 763 33.59 -4.03 -24.37
C LYS B 763 34.90 -4.64 -23.88
N ARG B 764 35.69 -5.19 -24.81
CA ARG B 764 36.98 -5.77 -24.41
C ARG B 764 37.98 -4.69 -23.99
N GLN B 765 37.98 -3.57 -24.68
CA GLN B 765 38.83 -2.44 -24.31
C GLN B 765 38.28 -1.72 -23.10
N SER C 8 15.57 -1.01 -39.81
CA SER C 8 14.99 -2.27 -39.34
C SER C 8 16.00 -3.05 -38.52
N GLY C 9 16.48 -2.45 -37.44
CA GLY C 9 17.47 -3.05 -36.57
C GLY C 9 18.76 -2.28 -36.47
N MET C 10 19.03 -1.34 -37.38
CA MET C 10 20.28 -0.59 -37.35
C MET C 10 20.22 0.59 -36.39
N GLU C 11 19.01 1.14 -36.18
CA GLU C 11 18.84 2.29 -35.29
C GLU C 11 19.20 1.93 -33.85
N ARG C 12 18.65 0.83 -33.34
CA ARG C 12 18.89 0.47 -31.95
C ARG C 12 20.31 -0.04 -31.73
N ILE C 13 20.94 -0.64 -32.74
CA ILE C 13 22.31 -1.07 -32.52
C ILE C 13 23.28 0.11 -32.60
N LYS C 14 22.95 1.15 -33.38
CA LYS C 14 23.76 2.36 -33.34
C LYS C 14 23.59 3.12 -32.03
N GLU C 15 22.36 3.12 -31.50
CA GLU C 15 22.12 3.69 -30.18
C GLU C 15 22.87 2.94 -29.09
N LEU C 16 22.92 1.61 -29.20
CA LEU C 16 23.64 0.80 -28.23
C LEU C 16 25.15 1.02 -28.33
N MET C 17 25.66 1.25 -29.55
CA MET C 17 27.06 1.61 -29.71
C MET C 17 27.37 2.96 -29.07
N GLU C 18 26.46 3.93 -29.25
CA GLU C 18 26.63 5.24 -28.61
C GLU C 18 26.57 5.16 -27.09
N MET C 19 25.80 4.23 -26.55
CA MET C 19 25.76 4.09 -25.10
C MET C 19 26.98 3.35 -24.56
N VAL C 20 27.47 2.34 -25.29
CA VAL C 20 28.66 1.63 -24.84
C VAL C 20 29.93 2.46 -25.02
N LYS C 21 29.87 3.53 -25.81
CA LYS C 21 30.97 4.49 -25.82
C LYS C 21 31.14 5.21 -24.48
N ASN C 22 30.06 5.38 -23.73
CA ASN C 22 30.15 5.93 -22.38
C ASN C 22 30.61 4.85 -21.41
N SER C 23 31.53 5.22 -20.51
CA SER C 23 32.18 4.20 -19.68
C SER C 23 31.30 3.78 -18.50
N ARG C 24 30.53 4.70 -17.94
CA ARG C 24 29.64 4.34 -16.84
C ARG C 24 28.48 3.49 -17.34
N MET C 25 27.94 3.83 -18.51
CA MET C 25 26.92 3.00 -19.14
C MET C 25 27.47 1.63 -19.53
N ARG C 26 28.72 1.59 -19.98
CA ARG C 26 29.33 0.31 -20.34
C ARG C 26 29.55 -0.56 -19.11
N GLU C 27 29.96 0.05 -18.00
CA GLU C 27 30.15 -0.68 -16.75
C GLU C 27 28.83 -1.24 -16.22
N ILE C 28 27.76 -0.44 -16.33
CA ILE C 28 26.43 -0.93 -15.97
C ILE C 28 26.01 -2.08 -16.88
N LEU C 29 26.07 -1.88 -18.20
CA LEU C 29 25.55 -2.86 -19.14
C LEU C 29 26.36 -4.15 -19.18
N THR C 30 27.63 -4.10 -18.79
CA THR C 30 28.42 -5.33 -18.75
C THR C 30 28.41 -5.99 -17.38
N THR C 31 28.18 -5.25 -16.30
CA THR C 31 28.18 -5.89 -14.99
C THR C 31 26.79 -6.20 -14.45
N THR C 32 25.73 -5.70 -15.07
CA THR C 32 24.37 -6.02 -14.66
C THR C 32 23.83 -7.14 -15.54
N SER C 33 23.35 -8.21 -14.92
CA SER C 33 22.71 -9.27 -15.66
C SER C 33 21.24 -8.92 -15.90
N VAL C 34 20.55 -9.80 -16.63
CA VAL C 34 19.14 -9.62 -16.93
C VAL C 34 18.31 -9.75 -15.65
N ASP C 35 18.72 -10.62 -14.73
CA ASP C 35 18.05 -10.76 -13.45
C ASP C 35 18.18 -9.51 -12.59
N HIS C 36 19.38 -8.92 -12.57
N HIS C 36 19.38 -8.91 -12.57
CA HIS C 36 19.66 -7.71 -11.80
CA HIS C 36 19.58 -7.70 -11.77
C HIS C 36 19.07 -6.45 -12.45
C HIS C 36 19.06 -6.44 -12.45
N MET C 37 18.64 -6.54 -13.70
CA MET C 37 17.97 -5.41 -14.33
C MET C 37 16.58 -5.18 -13.75
N ALA C 38 15.93 -6.25 -13.26
CA ALA C 38 14.68 -6.07 -12.54
C ALA C 38 14.88 -5.32 -11.23
N VAL C 39 16.04 -5.48 -10.59
CA VAL C 39 16.36 -4.69 -9.41
C VAL C 39 16.63 -3.25 -9.80
N ILE C 40 17.59 -3.02 -10.71
CA ILE C 40 18.04 -1.65 -10.99
C ILE C 40 17.06 -0.86 -11.84
N LYS C 41 15.99 -1.48 -12.33
CA LYS C 41 14.94 -0.74 -13.00
C LYS C 41 14.11 0.08 -12.01
N LYS C 42 13.92 -0.44 -10.79
CA LYS C 42 13.13 0.25 -9.79
C LYS C 42 13.98 1.10 -8.86
N TYR C 43 15.23 1.33 -9.21
CA TYR C 43 16.11 2.17 -8.42
C TYR C 43 15.62 3.60 -8.43
N THR C 44 15.65 4.25 -7.28
CA THR C 44 15.26 5.64 -7.14
C THR C 44 15.93 6.21 -5.90
N SER C 45 16.20 7.50 -5.93
CA SER C 45 16.99 8.14 -4.88
C SER C 45 16.39 9.40 -4.32
N GLY C 46 15.43 10.03 -5.00
CA GLY C 46 14.83 11.23 -4.46
C GLY C 46 13.82 10.89 -3.38
N ARG C 47 13.38 11.94 -2.69
CA ARG C 47 12.25 11.75 -1.78
C ARG C 47 11.00 11.49 -2.59
N GLN C 48 10.10 10.67 -2.03
CA GLN C 48 8.90 10.23 -2.73
C GLN C 48 7.67 10.92 -2.16
N GLU C 49 6.78 11.34 -3.05
CA GLU C 49 5.61 12.11 -2.66
C GLU C 49 4.47 11.16 -2.30
N LYS C 50 3.97 11.29 -1.08
CA LYS C 50 2.80 10.57 -0.63
C LYS C 50 1.57 11.47 -0.79
N ASN C 51 0.40 10.94 -0.39
CA ASN C 51 -0.91 11.58 -0.41
C ASN C 51 -1.26 12.18 -1.76
N PRO C 52 -1.52 11.38 -2.80
CA PRO C 52 -1.77 11.97 -4.13
C PRO C 52 -3.11 12.69 -4.25
N ALA C 53 -4.10 12.37 -3.42
CA ALA C 53 -5.39 13.04 -3.51
C ALA C 53 -5.33 14.49 -3.01
N LEU C 54 -4.65 14.71 -1.88
CA LEU C 54 -4.42 16.06 -1.39
C LEU C 54 -3.57 16.87 -2.37
N ARG C 55 -2.56 16.23 -2.95
CA ARG C 55 -1.69 16.89 -3.91
C ARG C 55 -2.44 17.28 -5.17
N MET C 56 -3.39 16.46 -5.62
CA MET C 56 -4.20 16.83 -6.77
C MET C 56 -5.19 17.93 -6.41
N LYS C 57 -5.62 17.99 -5.14
CA LYS C 57 -6.49 19.07 -4.71
C LYS C 57 -5.79 20.42 -4.81
N TRP C 58 -4.55 20.51 -4.36
CA TRP C 58 -3.91 21.82 -4.47
C TRP C 58 -3.20 22.03 -5.80
N MET C 59 -2.93 20.98 -6.57
CA MET C 59 -2.22 21.14 -7.84
C MET C 59 -3.13 21.63 -8.96
N MET C 60 -4.43 21.38 -8.86
CA MET C 60 -5.34 21.85 -9.90
C MET C 60 -5.76 23.29 -9.68
N ALA C 61 -5.38 23.89 -8.56
CA ALA C 61 -5.46 25.33 -8.41
C ALA C 61 -4.32 26.05 -9.13
N MET C 62 -3.26 25.34 -9.49
CA MET C 62 -2.17 25.90 -10.25
C MET C 62 -2.53 26.00 -11.71
N LYS C 63 -1.69 26.70 -12.48
CA LYS C 63 -1.99 26.91 -13.88
C LYS C 63 -1.57 25.73 -14.75
N TYR C 64 -0.45 25.08 -14.44
CA TYR C 64 0.09 24.01 -15.28
C TYR C 64 0.38 22.76 -14.46
N PRO C 65 -0.65 22.02 -14.03
CA PRO C 65 -0.39 20.81 -13.26
C PRO C 65 0.04 19.61 -14.07
N ILE C 66 -0.19 19.60 -15.37
CA ILE C 66 0.04 18.43 -16.21
C ILE C 66 1.44 18.53 -16.82
N SER C 67 2.17 17.43 -16.81
CA SER C 67 3.40 17.34 -17.60
C SER C 67 3.14 16.46 -18.82
N ALA C 68 3.74 16.84 -19.95
CA ALA C 68 3.58 16.09 -21.18
C ALA C 68 4.82 16.27 -22.03
N SER C 69 4.90 15.49 -23.10
CA SER C 69 6.04 15.48 -24.01
C SER C 69 6.13 16.80 -24.76
N SER C 70 7.33 17.06 -25.30
CA SER C 70 7.57 18.28 -26.05
C SER C 70 6.84 18.32 -27.39
N ARG C 71 6.34 17.17 -27.86
CA ARG C 71 5.61 17.10 -29.11
C ARG C 71 4.30 17.88 -29.08
N ILE C 72 3.74 18.10 -27.88
CA ILE C 72 2.59 18.98 -27.66
C ILE C 72 2.87 20.39 -28.19
N ARG C 73 4.15 20.84 -28.16
CA ARG C 73 4.52 22.15 -28.66
C ARG C 73 4.27 22.28 -30.16
N GLU C 74 4.31 21.18 -30.89
CA GLU C 74 3.91 21.23 -32.29
C GLU C 74 2.43 20.96 -32.51
N MET C 75 1.74 20.35 -31.54
CA MET C 75 0.38 19.91 -31.77
C MET C 75 -0.67 20.86 -31.21
N ILE C 76 -0.40 21.51 -30.09
CA ILE C 76 -1.35 22.39 -29.42
C ILE C 76 -0.78 23.80 -29.44
N PRO C 77 -1.56 24.81 -29.80
CA PRO C 77 -1.05 26.19 -29.76
C PRO C 77 -0.76 26.65 -28.35
N GLU C 78 0.14 27.62 -28.26
CA GLU C 78 0.58 28.13 -26.97
C GLU C 78 -0.54 28.84 -26.24
N LYS C 79 -1.41 29.53 -26.97
CA LYS C 79 -2.48 30.30 -26.35
C LYS C 79 -3.81 29.95 -26.99
N ASP C 80 -4.86 30.11 -26.20
CA ASP C 80 -6.23 29.85 -26.60
C ASP C 80 -6.82 31.09 -27.26
N GLU C 81 -8.05 30.96 -27.76
CA GLU C 81 -8.77 32.13 -28.26
C GLU C 81 -9.17 33.06 -27.11
N ASP C 82 -9.51 32.49 -25.96
CA ASP C 82 -9.89 33.27 -24.79
C ASP C 82 -8.70 33.97 -24.15
N GLY C 83 -7.47 33.58 -24.51
CA GLY C 83 -6.29 34.14 -23.91
C GLY C 83 -5.59 33.21 -22.95
N ASN C 84 -6.15 32.03 -22.69
CA ASN C 84 -5.51 31.09 -21.79
C ASN C 84 -4.24 30.53 -22.43
N THR C 85 -3.16 30.50 -21.66
CA THR C 85 -1.92 29.87 -22.11
C THR C 85 -2.03 28.37 -21.90
N LEU C 86 -1.87 27.60 -22.97
CA LEU C 86 -2.15 26.18 -22.93
C LEU C 86 -0.96 25.34 -22.48
N TRP C 87 0.27 25.81 -22.67
CA TRP C 87 1.44 25.10 -22.19
C TRP C 87 2.58 26.09 -21.97
N THR C 88 3.53 25.68 -21.11
CA THR C 88 4.75 26.44 -20.85
C THR C 88 5.93 25.49 -20.80
N ASN C 89 7.12 26.02 -21.08
CA ASN C 89 8.33 25.23 -20.97
C ASN C 89 8.67 24.97 -19.50
N THR C 90 9.40 23.89 -19.28
CA THR C 90 9.70 23.48 -17.91
C THR C 90 10.81 24.34 -17.32
N LYS C 91 11.02 24.14 -16.02
CA LYS C 91 12.03 24.88 -15.25
C LYS C 91 13.44 24.51 -15.70
N ASP C 92 13.62 23.31 -16.23
CA ASP C 92 14.93 22.79 -16.58
C ASP C 92 15.53 23.53 -17.78
N ALA C 93 16.84 23.39 -17.93
CA ALA C 93 17.58 24.14 -18.92
C ALA C 93 17.34 23.60 -20.33
N GLY C 94 17.45 22.30 -20.52
CA GLY C 94 17.25 21.73 -21.84
C GLY C 94 16.51 20.41 -21.90
N SER C 95 15.40 20.31 -21.18
CA SER C 95 14.59 19.10 -21.22
C SER C 95 13.61 19.13 -22.40
N ASN C 96 13.19 17.95 -22.82
CA ASN C 96 12.12 17.83 -23.81
C ASN C 96 10.82 17.46 -23.10
N ARG C 97 10.23 18.49 -22.49
CA ARG C 97 9.08 18.36 -21.61
C ARG C 97 8.37 19.70 -21.57
N VAL C 98 7.06 19.67 -21.31
CA VAL C 98 6.31 20.90 -21.09
C VAL C 98 5.42 20.73 -19.87
N LEU C 99 4.93 21.86 -19.39
CA LEU C 99 3.93 21.91 -18.35
C LEU C 99 2.64 22.41 -18.97
N VAL C 100 1.56 21.67 -18.76
CA VAL C 100 0.35 21.82 -19.55
C VAL C 100 -0.78 22.26 -18.65
N SER C 101 -1.56 23.21 -19.13
CA SER C 101 -2.82 23.61 -18.54
C SER C 101 -3.92 22.62 -18.92
N PRO C 102 -4.92 22.42 -18.07
CA PRO C 102 -6.06 21.55 -18.45
C PRO C 102 -6.92 22.13 -19.54
N ASN C 103 -6.81 23.44 -19.80
CA ASN C 103 -7.38 24.06 -20.97
C ASN C 103 -6.83 23.48 -22.27
N ALA C 104 -5.64 22.91 -22.27
CA ALA C 104 -5.13 22.28 -23.49
C ALA C 104 -5.81 20.95 -23.76
N VAL C 105 -6.13 20.19 -22.71
CA VAL C 105 -6.96 19.01 -22.84
C VAL C 105 -8.33 19.37 -23.38
N THR C 106 -8.92 20.45 -22.84
CA THR C 106 -10.21 20.90 -23.35
C THR C 106 -10.10 21.41 -24.79
N TRP C 107 -8.98 22.05 -25.13
CA TRP C 107 -8.76 22.52 -26.49
C TRP C 107 -8.67 21.36 -27.47
N TRP C 108 -7.95 20.30 -27.11
CA TRP C 108 -7.88 19.12 -27.96
C TRP C 108 -9.25 18.48 -28.12
N ASN C 109 -10.03 18.42 -27.05
CA ASN C 109 -11.31 17.74 -27.15
C ASN C 109 -12.38 18.55 -27.89
N ARG C 110 -12.24 19.87 -27.96
CA ARG C 110 -13.20 20.63 -28.77
C ARG C 110 -12.71 20.98 -30.16
N ALA C 111 -11.39 21.06 -30.38
CA ALA C 111 -10.91 21.56 -31.66
C ALA C 111 -9.64 20.86 -32.13
N GLY C 112 -9.31 19.69 -31.61
CA GLY C 112 -8.18 18.95 -32.11
C GLY C 112 -8.48 18.25 -33.42
N PRO C 113 -7.51 17.50 -33.92
CA PRO C 113 -7.72 16.76 -35.17
C PRO C 113 -8.60 15.54 -34.96
N VAL C 114 -9.59 15.38 -35.83
CA VAL C 114 -10.61 14.35 -35.69
C VAL C 114 -10.10 13.11 -36.42
N SER C 115 -9.76 12.08 -35.66
CA SER C 115 -9.31 10.83 -36.25
C SER C 115 -10.48 10.00 -36.74
N ASP C 116 -10.30 9.35 -37.88
CA ASP C 116 -11.36 8.50 -38.41
C ASP C 116 -11.42 7.16 -37.69
N VAL C 117 -10.28 6.62 -37.27
CA VAL C 117 -10.23 5.35 -36.59
C VAL C 117 -9.88 5.57 -35.13
N VAL C 118 -10.59 4.86 -34.25
CA VAL C 118 -10.33 4.86 -32.82
C VAL C 118 -10.23 3.40 -32.39
N HIS C 119 -9.50 3.17 -31.30
CA HIS C 119 -9.22 1.82 -30.87
C HIS C 119 -9.95 1.43 -29.59
N TYR C 120 -10.75 2.32 -29.03
CA TYR C 120 -11.48 2.04 -27.80
C TYR C 120 -12.51 0.89 -27.86
N PRO C 121 -13.36 0.75 -28.90
CA PRO C 121 -14.33 -0.37 -28.86
C PRO C 121 -13.72 -1.74 -29.04
N ARG C 122 -12.58 -1.84 -29.72
CA ARG C 122 -11.94 -3.15 -29.88
C ARG C 122 -11.22 -3.57 -28.61
N VAL C 123 -10.47 -2.66 -28.00
CA VAL C 123 -9.65 -2.98 -26.85
C VAL C 123 -10.51 -3.23 -25.62
N TYR C 124 -11.55 -2.42 -25.44
CA TYR C 124 -12.40 -2.53 -24.26
C TYR C 124 -13.74 -3.16 -24.59
N LYS C 125 -13.70 -4.21 -25.43
CA LYS C 125 -14.89 -4.88 -25.91
C LYS C 125 -15.67 -5.57 -24.81
N MET C 126 -14.97 -6.00 -23.74
CA MET C 126 -15.61 -6.63 -22.60
C MET C 126 -16.59 -5.69 -21.90
N TYR C 127 -16.25 -4.41 -21.82
CA TYR C 127 -17.13 -3.45 -21.19
C TYR C 127 -18.31 -3.10 -22.08
N PHE C 128 -18.12 -3.09 -23.39
CA PHE C 128 -19.25 -2.96 -24.30
C PHE C 128 -20.15 -4.18 -24.25
N ASP C 129 -19.60 -5.36 -23.93
CA ASP C 129 -20.43 -6.54 -23.79
C ASP C 129 -21.26 -6.50 -22.51
N ARG C 130 -20.65 -5.99 -21.43
CA ARG C 130 -21.39 -5.69 -20.21
C ARG C 130 -22.52 -4.70 -20.46
N LEU C 131 -22.23 -3.64 -21.22
CA LEU C 131 -23.22 -2.64 -21.52
C LEU C 131 -24.34 -3.17 -22.42
N GLU C 132 -24.01 -4.05 -23.37
CA GLU C 132 -25.05 -4.67 -24.18
C GLU C 132 -25.92 -5.61 -23.37
N ARG C 133 -25.34 -6.30 -22.39
CA ARG C 133 -26.16 -7.13 -21.52
C ARG C 133 -27.05 -6.30 -20.60
N LEU C 134 -26.57 -5.12 -20.18
CA LEU C 134 -27.41 -4.28 -19.33
C LEU C 134 -28.52 -3.59 -20.12
N THR C 135 -28.19 -3.03 -21.28
CA THR C 135 -29.12 -2.27 -22.10
C THR C 135 -30.28 -3.12 -22.58
N HIS C 136 -30.04 -4.40 -22.84
CA HIS C 136 -31.09 -5.31 -23.25
C HIS C 136 -31.58 -6.18 -22.09
N GLY C 137 -31.27 -5.80 -20.86
CA GLY C 137 -31.76 -6.52 -19.71
C GLY C 137 -33.24 -6.26 -19.44
N THR C 138 -33.86 -7.18 -18.72
CA THR C 138 -35.28 -7.11 -18.39
C THR C 138 -35.42 -7.11 -16.87
N PHE C 139 -36.07 -6.07 -16.35
CA PHE C 139 -36.24 -5.89 -14.91
C PHE C 139 -37.62 -6.40 -14.48
N GLY C 140 -37.64 -7.19 -13.42
CA GLY C 140 -38.88 -7.61 -12.82
C GLY C 140 -39.23 -6.75 -11.63
N PRO C 141 -40.14 -7.21 -10.78
CA PRO C 141 -40.47 -6.45 -9.57
C PRO C 141 -39.45 -6.68 -8.47
N VAL C 142 -39.42 -5.74 -7.53
CA VAL C 142 -38.57 -5.85 -6.36
C VAL C 142 -39.37 -6.52 -5.26
N LYS C 143 -38.85 -7.62 -4.73
CA LYS C 143 -39.46 -8.29 -3.60
C LYS C 143 -38.65 -8.01 -2.35
N PHE C 144 -39.34 -7.72 -1.25
CA PHE C 144 -38.69 -7.45 0.02
C PHE C 144 -38.83 -8.67 0.93
N TYR C 145 -37.70 -9.21 1.36
CA TYR C 145 -37.63 -10.29 2.35
C TYR C 145 -36.20 -10.33 2.85
N ASN C 146 -35.94 -11.16 3.85
CA ASN C 146 -34.58 -11.23 4.36
C ASN C 146 -33.72 -12.06 3.41
N GLN C 147 -32.66 -11.42 2.91
CA GLN C 147 -31.74 -12.05 1.98
C GLN C 147 -30.71 -12.86 2.75
N VAL C 148 -30.60 -14.14 2.42
CA VAL C 148 -29.63 -15.03 3.05
C VAL C 148 -28.46 -15.15 2.09
N LYS C 149 -27.38 -14.46 2.40
CA LYS C 149 -26.20 -14.40 1.54
C LYS C 149 -25.13 -15.34 2.07
N VAL C 150 -24.72 -16.27 1.23
CA VAL C 150 -23.61 -17.16 1.53
C VAL C 150 -22.39 -16.63 0.82
N ARG C 151 -21.31 -16.45 1.58
CA ARG C 151 -20.04 -16.05 0.99
C ARG C 151 -19.42 -17.25 0.29
N LYS C 152 -19.17 -17.11 -1.01
CA LYS C 152 -18.65 -18.20 -1.81
C LYS C 152 -17.78 -17.64 -2.92
N ARG C 153 -17.02 -18.53 -3.55
CA ARG C 153 -16.14 -18.17 -4.64
C ARG C 153 -16.91 -18.24 -5.96
N VAL C 154 -17.04 -17.11 -6.63
CA VAL C 154 -17.74 -17.01 -7.90
C VAL C 154 -16.78 -16.44 -8.94
N ASP C 155 -17.22 -16.44 -10.19
CA ASP C 155 -16.44 -15.87 -11.29
C ASP C 155 -16.83 -14.42 -11.50
N ILE C 156 -15.86 -13.52 -11.48
CA ILE C 156 -16.13 -12.16 -11.93
C ILE C 156 -15.77 -11.99 -13.41
N ASN C 157 -14.81 -12.77 -13.90
CA ASN C 157 -14.48 -12.83 -15.31
C ASN C 157 -14.54 -14.32 -15.65
N PRO C 158 -15.36 -14.73 -16.60
CA PRO C 158 -15.45 -16.17 -16.91
C PRO C 158 -14.24 -16.71 -17.62
N GLY C 159 -13.50 -15.87 -18.34
CA GLY C 159 -12.39 -16.32 -19.13
C GLY C 159 -12.87 -17.10 -20.34
N HIS C 160 -11.97 -17.89 -20.89
CA HIS C 160 -12.32 -18.86 -21.91
C HIS C 160 -12.65 -20.18 -21.24
N LYS C 161 -13.63 -20.90 -21.80
CA LYS C 161 -14.08 -22.17 -21.21
C LYS C 161 -13.00 -23.24 -21.29
N ASP C 162 -12.20 -23.24 -22.36
CA ASP C 162 -11.24 -24.31 -22.61
C ASP C 162 -9.93 -24.12 -21.87
N LEU C 163 -9.68 -22.94 -21.30
CA LEU C 163 -8.41 -22.66 -20.68
C LEU C 163 -8.59 -22.39 -19.19
N THR C 164 -7.53 -22.67 -18.42
CA THR C 164 -7.41 -22.12 -17.08
C THR C 164 -6.85 -20.71 -17.20
N SER C 165 -6.53 -20.09 -16.06
CA SER C 165 -5.90 -18.77 -16.11
C SER C 165 -4.45 -18.88 -16.57
N ARG C 166 -3.74 -19.92 -16.14
CA ARG C 166 -2.33 -20.08 -16.49
C ARG C 166 -2.16 -20.53 -17.93
N GLU C 167 -3.05 -21.41 -18.40
CA GLU C 167 -3.08 -21.77 -19.81
C GLU C 167 -3.36 -20.56 -20.70
N ALA C 168 -4.26 -19.68 -20.25
CA ALA C 168 -4.58 -18.48 -21.02
C ALA C 168 -3.41 -17.50 -21.02
N GLN C 169 -2.67 -17.43 -19.91
CA GLN C 169 -1.49 -16.57 -19.86
C GLN C 169 -0.38 -17.06 -20.79
N GLU C 170 -0.24 -18.39 -20.90
CA GLU C 170 0.71 -18.93 -21.88
C GLU C 170 0.24 -18.68 -23.31
N VAL C 171 -1.07 -18.74 -23.56
CA VAL C 171 -1.63 -18.38 -24.86
C VAL C 171 -1.34 -16.92 -25.21
N ILE C 172 -1.45 -16.03 -24.21
CA ILE C 172 -1.20 -14.61 -24.42
C ILE C 172 0.26 -14.37 -24.77
N MET C 173 1.18 -15.00 -24.02
CA MET C 173 2.60 -14.86 -24.34
C MET C 173 2.95 -15.46 -25.69
N GLU C 174 2.23 -16.49 -26.13
CA GLU C 174 2.50 -17.03 -27.45
C GLU C 174 1.97 -16.13 -28.56
N VAL C 175 0.79 -15.53 -28.36
CA VAL C 175 0.18 -14.70 -29.39
C VAL C 175 0.94 -13.38 -29.54
N VAL C 176 1.21 -12.71 -28.43
CA VAL C 176 1.76 -11.36 -28.50
C VAL C 176 3.28 -11.37 -28.57
N PHE C 177 3.97 -12.17 -27.77
CA PHE C 177 5.42 -12.16 -27.68
C PHE C 177 6.02 -13.54 -27.99
N PRO C 178 5.92 -14.01 -29.23
CA PRO C 178 6.25 -15.43 -29.49
C PRO C 178 7.74 -15.78 -29.40
N ASN C 179 8.65 -14.82 -29.54
CA ASN C 179 10.07 -15.11 -29.37
C ASN C 179 10.52 -15.02 -27.93
N GLU C 180 9.63 -14.69 -27.01
CA GLU C 180 9.98 -14.44 -25.62
C GLU C 180 9.52 -15.54 -24.68
N VAL C 181 8.90 -16.60 -25.19
CA VAL C 181 8.25 -17.57 -24.32
C VAL C 181 9.23 -18.51 -23.63
N GLY C 182 10.45 -18.61 -24.11
CA GLY C 182 11.43 -19.48 -23.47
C GLY C 182 11.21 -20.93 -23.83
N ALA C 183 11.29 -21.80 -22.82
CA ALA C 183 11.32 -23.23 -23.02
C ALA C 183 9.95 -23.89 -23.05
N ARG C 184 8.90 -23.19 -22.63
CA ARG C 184 7.60 -23.81 -22.49
C ARG C 184 6.90 -23.93 -23.84
N THR C 185 6.05 -24.95 -23.96
CA THR C 185 5.24 -25.19 -25.14
C THR C 185 3.76 -25.20 -24.78
N LEU C 186 2.93 -24.83 -25.74
CA LEU C 186 1.48 -24.93 -25.61
C LEU C 186 1.11 -26.41 -25.62
N SER C 187 0.76 -26.94 -24.44
CA SER C 187 0.57 -28.38 -24.25
C SER C 187 -0.88 -28.80 -24.35
N SER C 188 -1.69 -28.10 -25.12
CA SER C 188 -3.11 -28.43 -25.24
C SER C 188 -3.61 -27.94 -26.58
N ASP C 189 -4.51 -28.70 -27.19
CA ASP C 189 -5.00 -28.35 -28.52
C ASP C 189 -5.92 -27.14 -28.47
N ALA C 190 -6.53 -26.90 -27.32
CA ALA C 190 -7.27 -25.66 -27.09
C ALA C 190 -6.35 -24.45 -27.17
N GLN C 191 -5.18 -24.54 -26.53
CA GLN C 191 -4.18 -23.48 -26.60
C GLN C 191 -3.73 -23.23 -28.02
N LEU C 192 -3.54 -24.30 -28.79
CA LEU C 192 -3.10 -24.16 -30.18
C LEU C 192 -4.18 -23.51 -31.04
N THR C 193 -5.44 -23.89 -30.85
CA THR C 193 -6.51 -23.31 -31.66
C THR C 193 -6.74 -21.84 -31.32
N ILE C 194 -6.76 -21.51 -30.03
CA ILE C 194 -6.99 -20.13 -29.62
C ILE C 194 -5.79 -19.25 -29.98
N THR C 195 -4.57 -19.79 -29.92
CA THR C 195 -3.41 -19.06 -30.40
C THR C 195 -3.47 -18.79 -31.89
N LYS C 196 -3.90 -19.78 -32.68
CA LYS C 196 -4.05 -19.61 -34.12
C LYS C 196 -5.10 -18.55 -34.45
N GLU C 197 -6.23 -18.59 -33.75
CA GLU C 197 -7.32 -17.64 -34.00
C GLU C 197 -6.92 -16.22 -33.62
N LYS C 198 -6.26 -16.04 -32.47
CA LYS C 198 -5.88 -14.69 -32.05
C LYS C 198 -4.71 -14.15 -32.87
N LYS C 199 -3.79 -15.02 -33.32
CA LYS C 199 -2.75 -14.57 -34.21
C LYS C 199 -3.31 -14.16 -35.57
N GLU C 200 -4.41 -14.79 -36.00
CA GLU C 200 -5.08 -14.33 -37.20
C GLU C 200 -5.77 -12.99 -36.99
N GLU C 201 -6.43 -12.82 -35.84
CA GLU C 201 -7.22 -11.61 -35.59
C GLU C 201 -6.35 -10.37 -35.49
N LEU C 202 -5.12 -10.51 -35.01
CA LEU C 202 -4.26 -9.38 -34.65
C LEU C 202 -3.15 -9.15 -35.67
N LYS C 203 -3.38 -9.44 -36.93
CA LYS C 203 -2.39 -9.15 -37.96
C LYS C 203 -2.39 -7.66 -38.28
N ASN C 204 -1.18 -7.08 -38.35
CA ASN C 204 -0.93 -5.66 -38.64
C ASN C 204 -1.61 -4.74 -37.64
N CYS C 205 -1.55 -5.11 -36.36
CA CYS C 205 -2.21 -4.34 -35.32
C CYS C 205 -1.41 -3.09 -35.00
N LYS C 206 -2.09 -1.94 -34.99
CA LYS C 206 -1.45 -0.68 -34.66
C LYS C 206 -1.37 -0.45 -33.16
N ILE C 207 -2.13 -1.21 -32.39
CA ILE C 207 -2.14 -1.10 -30.93
C ILE C 207 -0.85 -1.68 -30.38
N SER C 208 -0.32 -1.05 -29.33
CA SER C 208 0.92 -1.50 -28.69
C SER C 208 0.76 -2.89 -28.08
N PRO C 209 1.84 -3.68 -28.01
CA PRO C 209 1.70 -5.08 -27.57
C PRO C 209 1.30 -5.26 -26.12
N ILE C 210 1.61 -4.31 -25.24
CA ILE C 210 1.16 -4.42 -23.86
C ILE C 210 -0.35 -4.20 -23.75
N MET C 211 -0.90 -3.34 -24.63
CA MET C 211 -2.34 -3.15 -24.63
C MET C 211 -3.07 -4.34 -25.25
N VAL C 212 -2.46 -4.96 -26.26
CA VAL C 212 -3.00 -6.18 -26.82
C VAL C 212 -2.98 -7.31 -25.80
N ALA C 213 -1.91 -7.37 -24.99
CA ALA C 213 -1.83 -8.38 -23.94
C ALA C 213 -2.88 -8.16 -22.86
N TYR C 214 -3.14 -6.92 -22.48
CA TYR C 214 -4.18 -6.67 -21.47
C TYR C 214 -5.58 -6.91 -22.03
N MET C 215 -5.79 -6.61 -23.31
CA MET C 215 -7.04 -6.94 -23.98
C MET C 215 -7.27 -8.45 -24.01
N LEU C 216 -6.23 -9.21 -24.30
CA LEU C 216 -6.34 -10.66 -24.29
C LEU C 216 -6.52 -11.21 -22.89
N GLU C 217 -5.97 -10.54 -21.87
CA GLU C 217 -6.23 -10.94 -20.49
C GLU C 217 -7.70 -10.72 -20.13
N ARG C 218 -8.28 -9.61 -20.56
CA ARG C 218 -9.70 -9.38 -20.28
C ARG C 218 -10.59 -10.35 -21.05
N GLU C 219 -10.12 -10.88 -22.17
CA GLU C 219 -10.95 -11.83 -22.89
C GLU C 219 -10.81 -13.26 -22.35
N LEU C 220 -9.58 -13.75 -22.19
CA LEU C 220 -9.34 -15.18 -22.02
C LEU C 220 -9.12 -15.63 -20.57
N VAL C 221 -8.76 -14.74 -19.66
CA VAL C 221 -8.33 -15.14 -18.33
C VAL C 221 -9.49 -15.05 -17.35
N ARG C 222 -9.68 -16.11 -16.57
CA ARG C 222 -10.75 -16.18 -15.57
C ARG C 222 -10.27 -15.62 -14.24
N ARG C 223 -11.04 -14.72 -13.66
CA ARG C 223 -10.79 -14.22 -12.32
C ARG C 223 -11.92 -14.65 -11.41
N THR C 224 -11.59 -15.01 -10.18
CA THR C 224 -12.58 -15.44 -9.21
C THR C 224 -12.45 -14.62 -7.93
N ARG C 225 -13.54 -14.55 -7.19
CA ARG C 225 -13.63 -13.67 -6.03
C ARG C 225 -14.60 -14.26 -5.03
N PHE C 226 -14.35 -13.98 -3.75
CA PHE C 226 -15.22 -14.43 -2.66
C PHE C 226 -16.27 -13.36 -2.38
N LEU C 227 -17.52 -13.65 -2.69
CA LEU C 227 -18.59 -12.66 -2.59
C LEU C 227 -19.79 -13.24 -1.87
N PRO C 228 -20.56 -12.39 -1.16
CA PRO C 228 -21.85 -12.83 -0.62
C PRO C 228 -22.90 -12.94 -1.73
N ILE C 229 -23.43 -14.13 -1.90
CA ILE C 229 -24.30 -14.48 -3.03
C ILE C 229 -25.62 -14.98 -2.48
N ALA C 230 -26.72 -14.39 -2.93
CA ALA C 230 -28.04 -14.86 -2.55
C ALA C 230 -28.69 -15.75 -3.60
N GLY C 231 -28.49 -15.47 -4.88
CA GLY C 231 -29.15 -16.24 -5.92
C GLY C 231 -28.22 -16.86 -6.95
N ALA C 232 -28.37 -16.43 -8.20
CA ALA C 232 -27.64 -17.02 -9.31
C ALA C 232 -26.16 -16.66 -9.24
N THR C 233 -25.31 -17.66 -9.45
CA THR C 233 -23.87 -17.53 -9.29
C THR C 233 -23.13 -17.45 -10.62
N SER C 234 -23.87 -17.32 -11.73
CA SER C 234 -23.26 -17.22 -13.04
C SER C 234 -22.62 -15.85 -13.24
N SER C 235 -21.66 -15.80 -14.16
CA SER C 235 -20.80 -14.62 -14.30
C SER C 235 -21.55 -13.42 -14.85
N THR C 236 -22.61 -13.63 -15.62
CA THR C 236 -23.43 -12.52 -16.08
C THR C 236 -24.28 -11.94 -14.95
N TYR C 237 -24.50 -12.69 -13.88
CA TYR C 237 -25.20 -12.20 -12.71
C TYR C 237 -24.26 -11.67 -11.64
N VAL C 238 -22.99 -12.06 -11.64
CA VAL C 238 -22.04 -11.55 -10.67
C VAL C 238 -21.67 -10.10 -11.00
N GLU C 239 -21.68 -9.73 -12.28
CA GLU C 239 -21.33 -8.37 -12.66
C GLU C 239 -22.42 -7.35 -12.32
N VAL C 240 -23.65 -7.80 -12.10
CA VAL C 240 -24.74 -6.89 -11.75
C VAL C 240 -25.23 -7.22 -10.35
N LEU C 241 -24.32 -7.71 -9.51
CA LEU C 241 -24.66 -8.11 -8.15
C LEU C 241 -25.09 -6.92 -7.28
N HIS C 242 -24.50 -5.75 -7.53
CA HIS C 242 -24.88 -4.53 -6.84
C HIS C 242 -26.28 -4.09 -7.20
N LEU C 243 -26.76 -4.48 -8.36
CA LEU C 243 -28.07 -4.10 -8.89
C LEU C 243 -29.17 -5.06 -8.47
N THR C 244 -28.88 -6.35 -8.38
CA THR C 244 -29.94 -7.33 -8.21
C THR C 244 -30.18 -7.75 -6.76
N GLN C 245 -29.27 -7.48 -5.85
CA GLN C 245 -29.45 -7.93 -4.48
C GLN C 245 -28.98 -6.86 -3.49
N GLY C 246 -29.70 -6.79 -2.38
CA GLY C 246 -29.29 -6.00 -1.24
C GLY C 246 -29.56 -6.79 0.02
N THR C 247 -29.65 -6.10 1.15
CA THR C 247 -29.83 -6.80 2.42
C THR C 247 -31.26 -7.30 2.59
N CYS C 248 -32.22 -6.55 2.11
CA CYS C 248 -33.62 -6.83 2.37
C CYS C 248 -34.44 -6.91 1.10
N TRP C 249 -33.83 -6.82 -0.06
CA TRP C 249 -34.56 -6.74 -1.30
C TRP C 249 -33.85 -7.56 -2.36
N GLU C 250 -34.62 -7.95 -3.38
CA GLU C 250 -34.10 -8.66 -4.53
C GLU C 250 -34.70 -8.03 -5.77
N GLN C 251 -33.86 -7.56 -6.67
CA GLN C 251 -34.31 -7.04 -7.95
C GLN C 251 -34.25 -8.16 -8.97
N GLN C 252 -35.41 -8.54 -9.52
CA GLN C 252 -35.45 -9.54 -10.57
C GLN C 252 -34.85 -8.97 -11.84
N TYR C 253 -33.86 -9.67 -12.40
CA TYR C 253 -33.16 -9.19 -13.58
C TYR C 253 -32.75 -10.36 -14.43
N THR C 254 -32.96 -10.25 -15.73
CA THR C 254 -32.42 -11.17 -16.72
C THR C 254 -31.49 -10.38 -17.62
N PRO C 255 -30.22 -10.76 -17.75
CA PRO C 255 -29.34 -10.05 -18.68
C PRO C 255 -29.75 -10.25 -20.13
N GLY C 256 -29.28 -9.34 -20.97
CA GLY C 256 -29.51 -9.45 -22.39
C GLY C 256 -28.69 -10.55 -23.03
#